data_6LI9
#
_entry.id   6LI9
#
loop_
_entity.id
_entity.type
_entity.pdbx_description
1 polymer 'Neutral and basic amino acid transport protein rBAT'
2 polymer 'b(0,+)-type amino acid transporter 1'
3 branched 2-acetamido-2-deoxy-beta-D-glucopyranose-(1-4)-2-acetamido-2-deoxy-beta-D-glucopyranose
4 non-polymer 'CALCIUM ION'
5 non-polymer ARGININE
6 non-polymer 1,2-DIACYL-GLYCEROL-3-SN-PHOSPHATE
7 water water
#
loop_
_entity_poly.entity_id
_entity_poly.type
_entity_poly.pdbx_seq_one_letter_code
_entity_poly.pdbx_strand_id
1 'polypeptide(L)'
;MAHHHHHHHHHHSGRAEDKSKRDSIEMSMKGCQTNNGFVHNEDILEQTPDPGSSTDNLKHSTRGILGSQEPDFKGVQPYA
GMPKEVLFQFSGQARYRIPREILFWLTVASVLVLIAATIAIIALSPKCLDWWQEGPMYQIYPRSFKDSNKDGNGDLKGIQ
DKLDYITALNIKTVWITSFYKSSLKDFRYGVEDFREVDPIFGTMEDFENLVAAIHDKGLKLIIDFIPNHTSDKHIWFQLS
RTRTGKYTDYYIWHDCTHENGKTIPPNNWLSVYGNSSWHFDEVRNQCYFHQFMKEQPDLNFRNPDVQEEIKEILRFWLTK
GVDGFSLDAVKFLLEAKHLRDEIQVNKTQIPDTVTQYSELYHDFTTTQVGMHDIVRSFRQTMDQYSTEPGRYRFMGTEAY
AESIDRTVMYYGLPFIQEADFPFNNYLSMLDTVSGNSVYEVITSWMENMPEGKWPNWMIGGPDSSRLTSRLGNQYVNVMN
MLLFTLPGTPITYYGEEIGMGNIVAANLNESYDINTLRSKSPMQWDNSSNAGFSEASNTWLPTNSDYHTVNVDVQKTQPR
SALKLYQDLSLLHANELLLNRGWFCHLRNDSHYVVYTRELDGIDRIFIVVLNFGESTLLNLHNMISGLPAKMRIRLSTNS
ADKGSKVDTSGIFLDKGEGLIFEHNTKNLLHRQTAFRDRCFVSNRACYSSVLNILYTSC
;
A,C
2 'polypeptide(L)'
;MADYKDDDDKSGPDEVDASGRGDTGLRKRREDEKSIQSQEPKTTSLQKELGLISGISIIVGTIIGSGIFVSPKSVLSNTE
AVGPCLIIWAACGVLATLGALCFAELGTMITKSGGEYPYLMEAYGPIPAYLFSWASLIVIKPTSFAIICLSFSEYVCAPF
YVGCKPPQIVVKCLAAAAILFISTVNSLSVRLGSYVQNIFTAAKLVIVAIIIISGLVLLAQGNTKNFDNSFEGAQLSVGA
ISLAFYNGLWAYDGWNQLNYITEELRNPYRNLPLAIIIGIPLVTACYILMNVSYFTVMTATELLQSQAVAVTFGDRVLYP
ASWIVPLFVAFSTIGAANGTCFTAGRLIYVAGREGHMLKVLSYISVRRLTPAPAIIFYGIIATIYIIPGDINSLVNYFSF
AAWLFYGLTILGLIVMRFTRKELERPIKVPVVIPVLMTLISVFLVLAPIISKPTWEYLYCVLFILSGLLFYFLFVHYKFG
WAQKISKPITMHLQMLMEVVPPEEDPE
;
B,D
#
loop_
_chem_comp.id
_chem_comp.type
_chem_comp.name
_chem_comp.formula
3PH non-polymer 1,2-DIACYL-GLYCEROL-3-SN-PHOSPHATE 'C39 H77 O8 P'
CA non-polymer 'CALCIUM ION' 'Ca 2'
NAG D-saccharide, beta linking 2-acetamido-2-deoxy-beta-D-glucopyranose 'C8 H15 N O6'
#
# COMPACT_ATOMS: atom_id res chain seq x y z
N GLN A 77 55.20 36.38 6.22
CA GLN A 77 55.53 35.34 5.25
C GLN A 77 55.11 33.95 5.72
N PRO A 78 54.49 33.18 4.83
CA PRO A 78 54.11 31.79 5.16
C PRO A 78 55.32 30.88 5.13
N TYR A 79 55.61 30.21 6.25
CA TYR A 79 56.76 29.32 6.20
C TYR A 79 56.40 27.85 6.02
N ALA A 80 55.95 27.14 7.07
CA ALA A 80 55.42 25.80 6.91
C ALA A 80 54.36 25.44 7.94
N GLY A 81 54.44 26.06 9.12
CA GLY A 81 53.66 25.63 10.26
C GLY A 81 52.98 26.79 10.96
N MET A 82 52.45 27.71 10.17
CA MET A 82 51.85 29.00 10.52
C MET A 82 50.86 28.93 11.66
N PRO A 83 50.76 29.96 12.49
CA PRO A 83 49.68 30.01 13.47
C PRO A 83 48.40 30.56 12.86
N LYS A 84 47.39 30.80 13.70
CA LYS A 84 46.09 31.32 13.31
C LYS A 84 46.17 32.72 12.67
N GLU A 85 47.12 33.56 13.08
CA GLU A 85 47.13 34.95 12.67
C GLU A 85 47.99 35.23 11.44
N VAL A 86 49.04 34.44 11.21
CA VAL A 86 49.78 34.57 9.97
C VAL A 86 48.98 33.99 8.80
N LEU A 87 48.14 32.99 9.08
CA LEU A 87 47.42 32.28 8.02
C LEU A 87 46.31 33.13 7.42
N PHE A 88 45.65 33.96 8.23
CA PHE A 88 44.49 34.70 7.76
C PHE A 88 44.84 35.82 6.78
N GLN A 89 46.11 36.21 6.70
CA GLN A 89 46.52 37.21 5.71
C GLN A 89 46.76 36.61 4.33
N PHE A 90 46.67 35.28 4.20
CA PHE A 90 46.91 34.62 2.93
C PHE A 90 45.81 33.65 2.53
N SER A 91 45.03 33.12 3.47
CA SER A 91 44.01 32.14 3.14
C SER A 91 42.78 32.77 2.51
N GLY A 92 42.60 34.08 2.65
CA GLY A 92 41.47 34.76 2.06
C GLY A 92 41.69 35.27 0.66
N GLN A 93 42.83 34.98 0.05
CA GLN A 93 43.11 35.44 -1.30
C GLN A 93 42.30 34.62 -2.31
N ALA A 94 42.25 35.12 -3.54
CA ALA A 94 41.37 34.53 -4.54
C ALA A 94 41.91 33.22 -5.07
N ARG A 95 43.23 33.01 -5.04
CA ARG A 95 43.76 31.74 -5.51
C ARG A 95 43.62 30.62 -4.49
N TYR A 96 43.14 30.92 -3.29
CA TYR A 96 42.85 29.91 -2.27
C TYR A 96 41.41 29.91 -1.80
N ARG A 97 40.58 30.87 -2.21
CA ARG A 97 39.21 30.90 -1.74
C ARG A 97 38.27 30.19 -2.70
N ILE A 98 38.41 30.43 -4.00
CA ILE A 98 37.60 29.68 -4.96
C ILE A 98 38.04 28.22 -5.19
N PRO A 99 39.31 27.78 -5.11
CA PRO A 99 39.53 26.33 -5.20
C PRO A 99 39.14 25.59 -3.94
N ARG A 100 38.98 26.28 -2.81
CA ARG A 100 38.41 25.66 -1.63
C ARG A 100 36.89 25.58 -1.74
N GLU A 101 36.27 26.61 -2.30
CA GLU A 101 34.82 26.66 -2.33
C GLU A 101 34.20 25.76 -3.40
N ILE A 102 34.87 25.56 -4.54
CA ILE A 102 34.29 24.68 -5.55
C ILE A 102 34.58 23.23 -5.21
N LEU A 103 35.60 22.97 -4.40
CA LEU A 103 35.86 21.61 -3.98
C LEU A 103 34.97 21.19 -2.83
N PHE A 104 34.34 22.14 -2.15
CA PHE A 104 33.33 21.77 -1.15
C PHE A 104 31.98 21.51 -1.81
N TRP A 105 31.60 22.35 -2.77
CA TRP A 105 30.28 22.23 -3.36
C TRP A 105 30.23 21.21 -4.50
N LEU A 106 31.36 20.73 -4.99
CA LEU A 106 31.37 19.56 -5.86
C LEU A 106 31.30 18.24 -5.10
N THR A 107 31.60 18.24 -3.80
CA THR A 107 31.42 17.05 -2.99
C THR A 107 29.99 16.93 -2.48
N VAL A 108 29.39 18.03 -2.04
CA VAL A 108 27.98 18.04 -1.67
C VAL A 108 27.06 17.75 -2.84
N ALA A 109 27.41 18.20 -4.04
CA ALA A 109 26.66 17.82 -5.23
C ALA A 109 26.91 16.38 -5.64
N SER A 110 28.09 15.82 -5.37
CA SER A 110 28.31 14.43 -5.69
C SER A 110 27.60 13.48 -4.72
N VAL A 111 27.26 13.94 -3.52
CA VAL A 111 26.42 13.14 -2.65
C VAL A 111 25.00 13.09 -3.20
N LEU A 112 24.54 14.20 -3.79
CA LEU A 112 23.18 14.22 -4.31
C LEU A 112 23.10 13.64 -5.72
N VAL A 113 24.21 13.52 -6.43
CA VAL A 113 24.17 12.82 -7.70
C VAL A 113 24.25 11.31 -7.48
N LEU A 114 25.10 10.86 -6.57
CA LEU A 114 25.20 9.43 -6.27
C LEU A 114 23.96 8.92 -5.54
N ILE A 115 23.18 9.79 -4.93
CA ILE A 115 21.92 9.36 -4.33
C ILE A 115 20.82 9.35 -5.38
N ALA A 116 20.78 10.36 -6.25
CA ALA A 116 19.76 10.38 -7.30
C ALA A 116 20.02 9.35 -8.38
N ALA A 117 21.28 8.98 -8.62
CA ALA A 117 21.54 7.90 -9.55
C ALA A 117 21.22 6.54 -8.94
N THR A 118 21.12 6.45 -7.62
CA THR A 118 20.71 5.20 -7.01
C THR A 118 19.20 5.03 -7.07
N ILE A 119 18.45 6.10 -6.80
CA ILE A 119 17.00 6.07 -6.96
C ILE A 119 16.61 6.00 -8.43
N ALA A 120 17.47 6.43 -9.34
CA ALA A 120 17.14 6.27 -10.75
C ALA A 120 17.26 4.83 -11.20
N ILE A 121 18.29 4.12 -10.73
CA ILE A 121 18.47 2.72 -11.15
C ILE A 121 17.51 1.80 -10.43
N ILE A 122 17.16 2.08 -9.17
CA ILE A 122 16.23 1.22 -8.45
C ILE A 122 14.82 1.36 -9.02
N ALA A 123 14.42 2.57 -9.36
CA ALA A 123 13.07 2.78 -9.87
C ALA A 123 12.93 2.40 -11.33
N LEU A 124 14.02 2.25 -12.06
CA LEU A 124 13.95 1.87 -13.46
C LEU A 124 14.32 0.42 -13.70
N SER A 125 14.74 -0.29 -12.71
CA SER A 125 15.10 -1.67 -12.96
C SER A 125 13.85 -2.54 -12.96
N PRO A 126 13.77 -3.53 -13.84
CA PRO A 126 12.55 -4.33 -13.92
C PRO A 126 12.45 -5.31 -12.78
N LYS A 127 11.22 -5.67 -12.46
CA LYS A 127 10.96 -6.75 -11.52
C LYS A 127 11.46 -8.05 -12.12
N CYS A 128 12.40 -8.70 -11.45
CA CYS A 128 13.05 -9.80 -12.12
C CYS A 128 12.24 -11.07 -11.96
N LEU A 129 12.69 -12.11 -12.65
CA LEU A 129 11.87 -13.26 -12.96
C LEU A 129 11.65 -14.14 -11.75
N ASP A 130 10.41 -14.60 -11.57
CA ASP A 130 10.09 -15.63 -10.59
C ASP A 130 10.75 -16.95 -10.98
N TRP A 131 10.80 -17.87 -10.01
CA TRP A 131 11.44 -19.16 -10.22
C TRP A 131 10.72 -20.00 -11.27
N TRP A 132 9.40 -19.87 -11.38
CA TRP A 132 8.66 -20.64 -12.36
C TRP A 132 8.80 -20.09 -13.78
N GLN A 133 9.29 -18.86 -13.92
CA GLN A 133 9.62 -18.31 -15.23
C GLN A 133 11.07 -18.58 -15.64
N GLU A 134 11.93 -18.95 -14.70
CA GLU A 134 13.37 -18.95 -14.99
C GLU A 134 13.82 -20.22 -15.71
N GLY A 135 13.56 -21.39 -15.14
CA GLY A 135 14.11 -22.61 -15.67
C GLY A 135 13.08 -23.64 -16.06
N PRO A 136 13.54 -24.74 -16.65
CA PRO A 136 12.61 -25.77 -17.14
C PRO A 136 11.99 -26.60 -16.02
N MET A 137 10.80 -27.10 -16.30
CA MET A 137 10.09 -28.03 -15.43
C MET A 137 10.28 -29.46 -15.93
N TYR A 138 10.28 -30.39 -14.99
CA TYR A 138 10.52 -31.81 -15.27
C TYR A 138 9.38 -32.61 -14.65
N GLN A 139 8.57 -33.26 -15.47
CA GLN A 139 7.39 -33.96 -15.00
C GLN A 139 7.70 -35.44 -14.78
N ILE A 140 7.49 -35.92 -13.56
CA ILE A 140 7.82 -37.28 -13.15
C ILE A 140 6.53 -38.03 -12.85
N TYR A 141 6.37 -39.20 -13.47
CA TYR A 141 5.39 -40.18 -13.05
C TYR A 141 6.03 -41.05 -11.98
N PRO A 142 5.63 -40.94 -10.70
CA PRO A 142 6.47 -41.47 -9.61
C PRO A 142 6.52 -42.99 -9.52
N ARG A 143 5.52 -43.70 -10.03
CA ARG A 143 5.56 -45.16 -10.03
C ARG A 143 6.58 -45.71 -11.02
N SER A 144 7.04 -44.91 -11.98
CA SER A 144 7.91 -45.41 -13.05
C SER A 144 9.28 -44.75 -13.06
N PHE A 145 9.71 -44.10 -11.98
CA PHE A 145 10.97 -43.38 -12.02
C PHE A 145 12.12 -44.18 -11.41
N LYS A 146 12.03 -44.56 -10.14
CA LYS A 146 13.11 -45.30 -9.50
C LYS A 146 12.56 -46.08 -8.32
N ASP A 147 12.73 -47.41 -8.36
CA ASP A 147 12.34 -48.28 -7.25
C ASP A 147 13.51 -48.46 -6.31
N SER A 148 13.29 -48.13 -5.03
CA SER A 148 14.37 -48.17 -4.04
C SER A 148 14.28 -49.33 -3.05
N ASN A 149 13.09 -49.90 -2.82
CA ASN A 149 12.94 -50.96 -1.83
C ASN A 149 12.52 -52.30 -2.42
N LYS A 150 12.75 -52.50 -3.72
CA LYS A 150 12.67 -53.81 -4.41
C LYS A 150 11.26 -54.41 -4.36
N ASP A 151 10.27 -53.65 -4.79
CA ASP A 151 8.91 -54.16 -4.92
C ASP A 151 8.33 -53.99 -6.31
N GLY A 152 9.09 -53.44 -7.25
CA GLY A 152 8.61 -53.21 -8.59
C GLY A 152 7.93 -51.88 -8.80
N ASN A 153 7.73 -51.10 -7.75
CA ASN A 153 7.08 -49.81 -7.82
C ASN A 153 8.09 -48.71 -7.53
N GLY A 154 8.05 -47.64 -8.33
CA GLY A 154 8.84 -46.46 -8.00
C GLY A 154 8.27 -45.74 -6.80
N ASP A 155 9.15 -45.18 -5.99
CA ASP A 155 8.75 -44.54 -4.75
C ASP A 155 9.38 -43.16 -4.63
N LEU A 156 8.99 -42.44 -3.58
CA LEU A 156 9.49 -41.09 -3.36
C LEU A 156 10.94 -41.09 -2.88
N LYS A 157 11.36 -42.16 -2.22
CA LYS A 157 12.76 -42.30 -1.83
C LYS A 157 13.65 -42.53 -3.04
N GLY A 158 13.13 -43.21 -4.07
CA GLY A 158 13.89 -43.38 -5.29
C GLY A 158 14.06 -42.09 -6.08
N ILE A 159 13.13 -41.15 -5.93
CA ILE A 159 13.29 -39.85 -6.57
C ILE A 159 14.40 -39.05 -5.87
N GLN A 160 14.49 -39.18 -4.55
CA GLN A 160 15.51 -38.48 -3.77
C GLN A 160 16.92 -38.96 -4.10
N ASP A 161 17.08 -40.22 -4.47
CA ASP A 161 18.39 -40.74 -4.83
C ASP A 161 18.82 -40.36 -6.25
N LYS A 162 17.93 -39.77 -7.05
CA LYS A 162 18.27 -39.39 -8.42
C LYS A 162 18.28 -37.88 -8.61
N LEU A 163 18.38 -37.12 -7.53
CA LEU A 163 18.34 -35.66 -7.63
C LEU A 163 19.63 -35.08 -8.21
N ASP A 164 20.73 -35.82 -8.19
CA ASP A 164 21.93 -35.36 -8.88
C ASP A 164 21.79 -35.47 -10.39
N TYR A 165 21.05 -36.46 -10.88
CA TYR A 165 20.75 -36.56 -12.30
C TYR A 165 19.89 -35.38 -12.76
N ILE A 166 18.95 -34.96 -11.92
CA ILE A 166 18.01 -33.92 -12.29
C ILE A 166 18.70 -32.56 -12.29
N THR A 167 19.62 -32.33 -11.34
CA THR A 167 20.39 -31.10 -11.35
C THR A 167 21.39 -31.05 -12.51
N ALA A 168 21.84 -32.20 -13.00
CA ALA A 168 22.71 -32.22 -14.16
C ALA A 168 21.96 -31.98 -15.47
N LEU A 169 20.63 -32.05 -15.46
CA LEU A 169 19.83 -31.65 -16.61
C LEU A 169 19.49 -30.17 -16.61
N ASN A 170 20.04 -29.40 -15.65
CA ASN A 170 19.80 -27.96 -15.48
C ASN A 170 18.32 -27.63 -15.26
N ILE A 171 17.65 -28.50 -14.52
CA ILE A 171 16.22 -28.42 -14.23
C ILE A 171 16.01 -27.50 -13.04
N LYS A 172 14.99 -26.64 -13.10
CA LYS A 172 14.62 -25.81 -11.97
C LYS A 172 13.53 -26.45 -11.09
N THR A 173 12.48 -27.00 -11.71
CA THR A 173 11.28 -27.43 -11.00
C THR A 173 11.02 -28.91 -11.29
N VAL A 174 10.70 -29.66 -10.25
CA VAL A 174 10.23 -31.04 -10.37
C VAL A 174 8.72 -31.05 -10.19
N TRP A 175 8.02 -31.61 -11.18
CA TRP A 175 6.57 -31.77 -11.15
C TRP A 175 6.28 -33.26 -10.95
N ILE A 176 5.73 -33.62 -9.80
CA ILE A 176 5.36 -34.99 -9.50
C ILE A 176 3.86 -35.13 -9.64
N THR A 177 3.43 -36.14 -10.38
CA THR A 177 2.00 -36.39 -10.53
C THR A 177 1.49 -37.13 -9.29
N SER A 178 0.20 -37.51 -9.32
CA SER A 178 -0.57 -37.81 -8.12
C SER A 178 -0.03 -39.02 -7.35
N PHE A 179 0.23 -38.81 -6.06
CA PHE A 179 0.73 -39.85 -5.18
C PHE A 179 -0.13 -39.99 -3.92
N TYR A 180 -1.34 -39.43 -3.93
CA TYR A 180 -2.25 -39.55 -2.80
C TYR A 180 -2.74 -40.98 -2.64
N LYS A 181 -3.23 -41.27 -1.44
CA LYS A 181 -3.82 -42.59 -1.18
C LYS A 181 -5.10 -42.74 -1.99
N SER A 182 -5.12 -43.72 -2.88
CA SER A 182 -6.17 -43.82 -3.89
C SER A 182 -6.67 -45.24 -4.04
N SER A 183 -7.93 -45.36 -4.43
CA SER A 183 -8.49 -46.62 -4.92
C SER A 183 -8.31 -46.79 -6.40
N LEU A 184 -8.29 -45.69 -7.14
CA LEU A 184 -8.15 -45.70 -8.59
C LEU A 184 -6.95 -44.83 -8.95
N LYS A 185 -5.97 -45.43 -9.63
CA LYS A 185 -4.74 -44.73 -9.97
C LYS A 185 -4.68 -44.31 -11.42
N ASP A 186 -5.81 -44.33 -12.12
CA ASP A 186 -5.93 -43.79 -13.47
C ASP A 186 -7.29 -43.14 -13.56
N PHE A 187 -7.66 -42.73 -14.79
CA PHE A 187 -8.97 -42.15 -15.11
C PHE A 187 -9.26 -40.91 -14.27
N ARG A 188 -8.27 -40.03 -14.19
CA ARG A 188 -8.27 -38.79 -13.38
C ARG A 188 -8.42 -39.05 -11.88
N TYR A 189 -7.93 -40.20 -11.38
CA TYR A 189 -7.53 -40.40 -9.99
C TYR A 189 -8.59 -40.30 -8.88
N GLY A 190 -9.38 -41.34 -8.66
CA GLY A 190 -10.19 -41.41 -7.45
C GLY A 190 -9.45 -41.50 -6.13
N VAL A 191 -9.47 -40.42 -5.33
CA VAL A 191 -8.62 -40.25 -4.15
C VAL A 191 -9.40 -40.59 -2.89
N GLU A 192 -8.81 -41.41 -2.02
CA GLU A 192 -9.41 -41.82 -0.75
C GLU A 192 -9.09 -40.87 0.40
N ASP A 193 -7.89 -40.31 0.43
CA ASP A 193 -7.44 -39.45 1.52
C ASP A 193 -6.49 -38.41 0.94
N PHE A 194 -6.91 -37.14 0.94
CA PHE A 194 -6.13 -36.07 0.35
C PHE A 194 -4.93 -35.65 1.21
N ARG A 195 -4.81 -36.16 2.43
CA ARG A 195 -3.73 -35.78 3.32
C ARG A 195 -2.80 -36.93 3.64
N GLU A 196 -2.81 -38.00 2.84
CA GLU A 196 -1.90 -39.10 3.03
C GLU A 196 -1.24 -39.47 1.70
N VAL A 197 -0.08 -40.10 1.81
CA VAL A 197 0.63 -40.67 0.68
C VAL A 197 0.18 -42.12 0.52
N ASP A 198 0.05 -42.57 -0.73
CA ASP A 198 -0.27 -43.96 -1.00
C ASP A 198 0.90 -44.86 -0.56
N PRO A 199 0.61 -46.02 0.05
CA PRO A 199 1.69 -46.85 0.61
C PRO A 199 2.66 -47.43 -0.43
N ILE A 200 2.27 -47.55 -1.70
CA ILE A 200 3.22 -48.02 -2.71
C ILE A 200 4.28 -46.99 -3.07
N PHE A 201 4.12 -45.74 -2.64
CA PHE A 201 5.14 -44.72 -2.83
C PHE A 201 5.91 -44.43 -1.56
N GLY A 202 5.45 -44.91 -0.41
CA GLY A 202 6.13 -44.65 0.85
C GLY A 202 5.22 -44.07 1.91
N THR A 203 5.83 -43.39 2.88
CA THR A 203 5.11 -42.80 4.00
C THR A 203 5.18 -41.28 3.91
N MET A 204 4.61 -40.63 4.93
CA MET A 204 4.68 -39.16 5.00
C MET A 204 6.08 -38.70 5.34
N GLU A 205 6.85 -39.49 6.09
CA GLU A 205 8.23 -39.14 6.38
C GLU A 205 9.09 -39.22 5.13
N ASP A 206 8.76 -40.13 4.21
CA ASP A 206 9.46 -40.19 2.93
C ASP A 206 9.20 -38.94 2.10
N PHE A 207 7.98 -38.40 2.17
CA PHE A 207 7.67 -37.17 1.47
C PHE A 207 8.41 -35.98 2.08
N GLU A 208 8.48 -35.92 3.41
CA GLU A 208 9.14 -34.81 4.08
C GLU A 208 10.65 -34.85 3.88
N ASN A 209 11.23 -36.05 3.76
CA ASN A 209 12.65 -36.13 3.44
C ASN A 209 12.93 -35.73 2.00
N LEU A 210 11.94 -35.91 1.12
CA LEU A 210 12.12 -35.53 -0.28
C LEU A 210 12.03 -34.02 -0.46
N VAL A 211 11.10 -33.37 0.25
CA VAL A 211 10.92 -31.93 0.13
C VAL A 211 12.14 -31.19 0.67
N ALA A 212 12.72 -31.70 1.76
CA ALA A 212 13.93 -31.08 2.32
C ALA A 212 15.13 -31.28 1.39
N ALA A 213 15.22 -32.44 0.74
CA ALA A 213 16.34 -32.72 -0.14
C ALA A 213 16.25 -31.92 -1.43
N ILE A 214 15.03 -31.64 -1.90
CA ILE A 214 14.84 -30.83 -3.10
C ILE A 214 15.25 -29.39 -2.81
N HIS A 215 15.04 -28.92 -1.59
CA HIS A 215 15.34 -27.54 -1.24
C HIS A 215 16.84 -27.33 -1.02
N ASP A 216 17.55 -28.34 -0.52
CA ASP A 216 19.00 -28.18 -0.35
C ASP A 216 19.75 -28.14 -1.67
N LYS A 217 19.14 -28.58 -2.76
CA LYS A 217 19.77 -28.50 -4.07
C LYS A 217 19.30 -27.30 -4.87
N GLY A 218 18.48 -26.44 -4.28
CA GLY A 218 17.99 -25.29 -4.99
C GLY A 218 16.86 -25.55 -5.95
N LEU A 219 16.19 -26.69 -5.84
CA LEU A 219 15.08 -27.02 -6.72
C LEU A 219 13.75 -26.65 -6.08
N LYS A 220 12.69 -26.69 -6.89
CA LYS A 220 11.33 -26.44 -6.44
C LYS A 220 10.48 -27.67 -6.77
N LEU A 221 9.38 -27.83 -6.03
CA LEU A 221 8.50 -28.98 -6.18
C LEU A 221 7.06 -28.51 -6.34
N ILE A 222 6.40 -28.94 -7.42
CA ILE A 222 4.97 -28.77 -7.56
C ILE A 222 4.33 -30.15 -7.68
N ILE A 223 3.10 -30.26 -7.21
CA ILE A 223 2.37 -31.53 -7.19
C ILE A 223 1.02 -31.33 -7.85
N ASP A 224 0.43 -32.43 -8.30
CA ASP A 224 -0.93 -32.39 -8.80
C ASP A 224 -1.93 -32.23 -7.67
N PHE A 225 -3.07 -31.66 -8.01
CA PHE A 225 -4.18 -31.53 -7.08
C PHE A 225 -5.47 -31.82 -7.82
N ILE A 226 -6.33 -32.61 -7.20
CA ILE A 226 -7.56 -33.11 -7.81
C ILE A 226 -8.74 -32.53 -7.02
N PRO A 227 -9.33 -31.43 -7.46
CA PRO A 227 -10.43 -30.84 -6.67
C PRO A 227 -11.81 -31.34 -7.04
N ASN A 228 -11.97 -31.96 -8.22
CA ASN A 228 -13.31 -32.17 -8.78
C ASN A 228 -14.08 -33.29 -8.08
N HIS A 229 -13.40 -34.35 -7.67
CA HIS A 229 -14.08 -35.57 -7.23
C HIS A 229 -13.19 -36.30 -6.24
N THR A 230 -13.81 -37.23 -5.51
CA THR A 230 -13.11 -38.14 -4.63
C THR A 230 -13.41 -39.58 -5.04
N SER A 231 -12.80 -40.53 -4.35
CA SER A 231 -13.20 -41.92 -4.45
C SER A 231 -14.52 -42.14 -3.70
N ASP A 232 -15.22 -43.22 -4.06
CA ASP A 232 -16.41 -43.59 -3.30
C ASP A 232 -16.08 -44.32 -2.01
N LYS A 233 -14.81 -44.54 -1.72
CA LYS A 233 -14.36 -45.03 -0.42
C LYS A 233 -13.83 -43.92 0.47
N HIS A 234 -13.90 -42.67 0.02
CA HIS A 234 -13.61 -41.53 0.88
C HIS A 234 -14.62 -41.48 2.03
N ILE A 235 -14.16 -40.96 3.17
CA ILE A 235 -15.01 -40.92 4.36
C ILE A 235 -16.15 -39.92 4.21
N TRP A 236 -16.00 -38.90 3.36
CA TRP A 236 -17.09 -37.96 3.12
C TRP A 236 -18.24 -38.62 2.38
N PHE A 237 -17.92 -39.52 1.45
CA PHE A 237 -18.97 -40.17 0.67
C PHE A 237 -19.70 -41.24 1.45
N GLN A 238 -19.00 -41.95 2.35
CA GLN A 238 -19.67 -42.92 3.21
C GLN A 238 -20.58 -42.24 4.22
N LEU A 239 -20.27 -41.00 4.60
CA LEU A 239 -21.17 -40.22 5.43
C LEU A 239 -22.26 -39.55 4.61
N SER A 240 -22.00 -39.26 3.33
CA SER A 240 -22.98 -38.59 2.49
C SER A 240 -24.15 -39.49 2.15
N ARG A 241 -23.88 -40.76 1.88
CA ARG A 241 -24.93 -41.67 1.44
C ARG A 241 -25.73 -42.26 2.60
N THR A 242 -25.35 -41.98 3.85
CA THR A 242 -26.18 -42.29 5.00
C THR A 242 -26.82 -41.05 5.59
N ARG A 243 -26.65 -39.89 4.93
CA ARG A 243 -27.25 -38.60 5.30
C ARG A 243 -26.83 -38.17 6.72
N THR A 244 -25.53 -38.20 6.96
CA THR A 244 -24.96 -37.96 8.29
C THR A 244 -24.47 -36.52 8.35
N GLY A 245 -25.20 -35.67 9.07
CA GLY A 245 -24.71 -34.34 9.40
C GLY A 245 -24.68 -33.39 8.22
N LYS A 246 -23.58 -32.65 8.12
CA LYS A 246 -23.37 -31.70 7.04
C LYS A 246 -22.96 -32.36 5.73
N TYR A 247 -22.57 -33.63 5.77
CA TYR A 247 -22.05 -34.32 4.61
C TYR A 247 -23.12 -34.73 3.60
N THR A 248 -24.40 -34.52 3.92
CA THR A 248 -25.50 -34.91 3.04
C THR A 248 -25.43 -34.19 1.70
N ASP A 249 -25.01 -32.92 1.70
CA ASP A 249 -24.90 -32.13 0.48
C ASP A 249 -23.46 -31.98 0.01
N TYR A 250 -22.57 -32.88 0.41
CA TYR A 250 -21.21 -32.83 -0.11
C TYR A 250 -21.12 -33.31 -1.55
N TYR A 251 -22.10 -34.08 -2.00
CA TYR A 251 -22.14 -34.65 -3.34
C TYR A 251 -23.50 -34.31 -3.94
N ILE A 252 -23.64 -34.54 -5.23
CA ILE A 252 -24.82 -34.12 -5.97
C ILE A 252 -25.75 -35.32 -6.12
N TRP A 253 -26.83 -35.33 -5.33
CA TRP A 253 -27.79 -36.42 -5.28
C TRP A 253 -29.11 -35.99 -5.90
N HIS A 254 -29.77 -36.91 -6.60
CA HIS A 254 -31.08 -36.64 -7.17
C HIS A 254 -31.90 -37.91 -7.18
N ASP A 255 -33.22 -37.75 -7.19
CA ASP A 255 -34.13 -38.89 -7.20
C ASP A 255 -34.17 -39.55 -8.57
N CYS A 256 -34.30 -40.87 -8.56
CA CYS A 256 -34.41 -41.67 -9.77
C CYS A 256 -35.34 -42.84 -9.50
N THR A 257 -35.54 -43.67 -10.54
CA THR A 257 -36.57 -44.72 -10.52
C THR A 257 -35.96 -46.07 -10.88
N HIS A 258 -34.91 -46.46 -10.16
CA HIS A 258 -34.23 -47.73 -10.35
C HIS A 258 -35.18 -48.91 -10.09
N GLU A 259 -35.53 -49.63 -11.14
CA GLU A 259 -36.29 -50.87 -11.03
C GLU A 259 -35.82 -51.84 -12.11
N ASN A 260 -36.02 -53.14 -11.85
CA ASN A 260 -35.57 -54.25 -12.70
C ASN A 260 -34.06 -54.22 -12.95
N GLY A 261 -33.30 -53.74 -11.98
CA GLY A 261 -31.86 -53.65 -12.13
C GLY A 261 -31.35 -52.54 -13.03
N LYS A 262 -32.23 -51.67 -13.52
CA LYS A 262 -31.82 -50.60 -14.43
C LYS A 262 -32.38 -49.26 -13.97
N THR A 263 -31.59 -48.21 -14.20
CA THR A 263 -31.86 -46.88 -13.70
C THR A 263 -32.37 -46.00 -14.84
N ILE A 264 -33.45 -45.27 -14.58
CA ILE A 264 -33.88 -44.17 -15.44
C ILE A 264 -33.25 -42.89 -14.89
N PRO A 265 -32.27 -42.31 -15.57
CA PRO A 265 -31.53 -41.17 -15.00
C PRO A 265 -32.33 -39.89 -15.08
N PRO A 266 -31.95 -38.86 -14.31
CA PRO A 266 -32.70 -37.59 -14.37
C PRO A 266 -32.54 -36.83 -15.68
N ASN A 267 -31.45 -36.99 -16.41
CA ASN A 267 -31.34 -36.38 -17.74
C ASN A 267 -30.49 -37.31 -18.61
N ASN A 268 -30.01 -36.79 -19.74
CA ASN A 268 -29.27 -37.56 -20.72
C ASN A 268 -27.76 -37.37 -20.62
N TRP A 269 -27.27 -36.75 -19.55
CA TRP A 269 -25.86 -36.40 -19.42
C TRP A 269 -24.98 -37.65 -19.35
N LEU A 270 -23.85 -37.60 -20.04
CA LEU A 270 -23.01 -38.76 -20.22
C LEU A 270 -21.67 -38.59 -19.51
N SER A 271 -21.13 -39.71 -19.05
CA SER A 271 -19.77 -39.75 -18.52
C SER A 271 -18.75 -39.56 -19.64
N VAL A 272 -17.58 -39.03 -19.27
CA VAL A 272 -16.48 -38.82 -20.20
C VAL A 272 -16.01 -40.14 -20.79
N TYR A 273 -15.98 -41.20 -19.99
CA TYR A 273 -15.59 -42.51 -20.47
C TYR A 273 -16.75 -43.30 -21.05
N GLY A 274 -17.97 -42.80 -20.91
CA GLY A 274 -19.06 -43.04 -21.82
C GLY A 274 -20.07 -44.08 -21.38
N ASN A 275 -21.10 -43.60 -20.68
CA ASN A 275 -22.42 -44.16 -20.43
C ASN A 275 -23.04 -43.05 -19.59
N SER A 276 -24.19 -43.30 -18.96
CA SER A 276 -24.82 -42.31 -18.10
C SER A 276 -23.90 -41.84 -16.96
N SER A 277 -23.94 -40.54 -16.70
CA SER A 277 -23.18 -39.89 -15.64
C SER A 277 -23.92 -39.89 -14.29
N TRP A 278 -24.99 -40.67 -14.17
CA TRP A 278 -25.73 -40.82 -12.93
C TRP A 278 -25.70 -42.29 -12.53
N HIS A 279 -25.44 -42.54 -11.25
CA HIS A 279 -25.34 -43.91 -10.75
C HIS A 279 -26.20 -44.06 -9.50
N PHE A 280 -27.00 -45.12 -9.46
CA PHE A 280 -27.90 -45.37 -8.35
C PHE A 280 -27.15 -45.99 -7.17
N ASP A 281 -27.33 -45.41 -5.99
CA ASP A 281 -26.75 -45.91 -4.76
C ASP A 281 -27.84 -46.60 -3.94
N GLU A 282 -27.58 -47.82 -3.50
CA GLU A 282 -28.60 -48.63 -2.84
C GLU A 282 -28.90 -48.18 -1.40
N VAL A 283 -27.92 -47.61 -0.70
CA VAL A 283 -28.14 -47.20 0.68
C VAL A 283 -28.93 -45.90 0.73
N ARG A 284 -28.50 -44.92 -0.07
CA ARG A 284 -29.17 -43.63 -0.12
C ARG A 284 -30.51 -43.72 -0.85
N ASN A 285 -30.64 -44.69 -1.77
CA ASN A 285 -31.78 -44.83 -2.69
C ASN A 285 -32.01 -43.56 -3.50
N GLN A 286 -30.91 -42.97 -3.95
CA GLN A 286 -30.90 -41.85 -4.89
C GLN A 286 -29.78 -42.10 -5.89
N CYS A 287 -29.70 -41.24 -6.89
CA CYS A 287 -28.63 -41.28 -7.87
C CYS A 287 -27.65 -40.15 -7.61
N TYR A 288 -26.36 -40.44 -7.75
CA TYR A 288 -25.34 -39.42 -7.63
C TYR A 288 -24.65 -39.20 -8.98
N PHE A 289 -24.05 -38.02 -9.10
CA PHE A 289 -23.43 -37.56 -10.34
C PHE A 289 -21.94 -37.87 -10.35
N HIS A 290 -21.43 -38.25 -11.51
CA HIS A 290 -19.99 -38.43 -11.70
C HIS A 290 -19.61 -38.06 -13.13
N GLN A 291 -18.57 -37.24 -13.27
CA GLN A 291 -18.09 -36.91 -14.61
C GLN A 291 -17.26 -38.02 -15.24
N PHE A 292 -16.53 -38.82 -14.45
CA PHE A 292 -15.56 -39.72 -15.07
C PHE A 292 -15.91 -41.19 -14.93
N MET A 293 -15.92 -41.76 -13.72
CA MET A 293 -16.33 -43.14 -13.54
C MET A 293 -17.25 -43.18 -12.34
N LYS A 294 -18.01 -44.27 -12.23
CA LYS A 294 -18.97 -44.41 -11.14
C LYS A 294 -18.28 -44.56 -9.78
N GLU A 295 -17.00 -44.91 -9.75
CA GLU A 295 -16.22 -44.93 -8.53
C GLU A 295 -15.67 -43.56 -8.16
N GLN A 296 -15.96 -42.51 -8.93
CA GLN A 296 -15.45 -41.16 -8.70
C GLN A 296 -16.60 -40.16 -8.60
N PRO A 297 -17.33 -40.12 -7.47
CA PRO A 297 -18.43 -39.15 -7.34
C PRO A 297 -17.93 -37.72 -7.23
N ASP A 298 -18.64 -36.82 -7.92
CA ASP A 298 -18.27 -35.41 -7.97
C ASP A 298 -18.68 -34.67 -6.70
N LEU A 299 -17.83 -33.76 -6.27
CA LEU A 299 -18.14 -32.90 -5.14
C LEU A 299 -19.10 -31.79 -5.55
N ASN A 300 -19.91 -31.35 -4.60
CA ASN A 300 -20.88 -30.29 -4.82
C ASN A 300 -20.23 -28.96 -4.45
N PHE A 301 -19.70 -28.26 -5.45
CA PHE A 301 -19.02 -27.00 -5.21
C PHE A 301 -19.96 -25.81 -5.07
N ARG A 302 -21.27 -26.02 -5.19
CA ARG A 302 -22.22 -25.00 -4.78
C ARG A 302 -22.48 -25.01 -3.28
N ASN A 303 -21.95 -26.00 -2.57
CA ASN A 303 -21.99 -26.03 -1.12
C ASN A 303 -20.76 -25.34 -0.57
N PRO A 304 -20.91 -24.28 0.24
CA PRO A 304 -19.72 -23.59 0.77
C PRO A 304 -18.94 -24.39 1.80
N ASP A 305 -19.51 -25.44 2.39
CA ASP A 305 -18.73 -26.34 3.23
C ASP A 305 -17.72 -27.14 2.42
N VAL A 306 -18.06 -27.47 1.17
CA VAL A 306 -17.13 -28.20 0.32
C VAL A 306 -15.96 -27.30 -0.08
N GLN A 307 -16.24 -26.03 -0.36
CA GLN A 307 -15.19 -25.09 -0.74
C GLN A 307 -14.25 -24.78 0.41
N GLU A 308 -14.72 -24.89 1.64
CA GLU A 308 -13.87 -24.72 2.80
C GLU A 308 -12.96 -25.92 3.01
N GLU A 309 -13.45 -27.13 2.69
CA GLU A 309 -12.64 -28.33 2.85
C GLU A 309 -11.50 -28.40 1.85
N ILE A 310 -11.73 -27.91 0.63
CA ILE A 310 -10.68 -27.89 -0.39
C ILE A 310 -9.58 -26.91 -0.01
N LYS A 311 -9.96 -25.80 0.63
CA LYS A 311 -8.98 -24.81 1.06
C LYS A 311 -8.11 -25.33 2.19
N GLU A 312 -8.65 -26.18 3.06
CA GLU A 312 -7.84 -26.74 4.14
C GLU A 312 -6.85 -27.78 3.62
N ILE A 313 -7.19 -28.47 2.53
CA ILE A 313 -6.24 -29.39 1.90
C ILE A 313 -5.09 -28.62 1.26
N LEU A 314 -5.39 -27.49 0.63
CA LEU A 314 -4.35 -26.65 0.04
C LEU A 314 -3.39 -26.10 1.10
N ARG A 315 -3.93 -25.66 2.24
CA ARG A 315 -3.11 -25.17 3.34
C ARG A 315 -2.28 -26.27 3.97
N PHE A 316 -2.76 -27.52 3.91
CA PHE A 316 -2.03 -28.65 4.45
C PHE A 316 -0.72 -28.88 3.69
N TRP A 317 -0.80 -28.91 2.36
CA TRP A 317 0.40 -29.19 1.58
C TRP A 317 1.32 -27.97 1.46
N LEU A 318 0.76 -26.76 1.52
CA LEU A 318 1.61 -25.57 1.52
C LEU A 318 2.39 -25.44 2.82
N THR A 319 1.84 -25.92 3.94
CA THR A 319 2.57 -25.94 5.20
C THR A 319 3.69 -26.98 5.18
N LYS A 320 3.54 -28.05 4.42
CA LYS A 320 4.62 -29.02 4.25
C LYS A 320 5.79 -28.48 3.44
N GLY A 321 5.60 -27.39 2.71
CA GLY A 321 6.66 -26.81 1.92
C GLY A 321 6.58 -27.06 0.43
N VAL A 322 5.43 -27.47 -0.08
CA VAL A 322 5.23 -27.63 -1.51
C VAL A 322 5.20 -26.26 -2.16
N ASP A 323 5.94 -26.10 -3.26
CA ASP A 323 6.08 -24.80 -3.91
C ASP A 323 4.95 -24.47 -4.88
N GLY A 324 4.03 -25.39 -5.15
CA GLY A 324 2.95 -25.05 -6.05
C GLY A 324 2.10 -26.25 -6.43
N PHE A 325 1.08 -25.96 -7.24
CA PHE A 325 0.07 -26.94 -7.56
C PHE A 325 -0.26 -26.91 -9.05
N SER A 326 -0.60 -28.08 -9.57
CA SER A 326 -1.20 -28.24 -10.89
C SER A 326 -2.64 -28.70 -10.71
N LEU A 327 -3.58 -27.86 -11.14
CA LEU A 327 -5.00 -28.14 -10.96
C LEU A 327 -5.54 -28.95 -12.13
N ASP A 328 -6.08 -30.12 -11.83
CA ASP A 328 -6.64 -31.00 -12.85
C ASP A 328 -8.15 -30.85 -12.92
N ALA A 329 -8.67 -30.87 -14.15
CA ALA A 329 -10.10 -31.00 -14.46
C ALA A 329 -10.93 -29.84 -13.90
N VAL A 330 -10.41 -28.62 -14.01
CA VAL A 330 -11.12 -27.47 -13.46
C VAL A 330 -12.34 -27.12 -14.30
N LYS A 331 -12.35 -27.46 -15.58
CA LYS A 331 -13.52 -27.17 -16.41
C LYS A 331 -14.71 -28.06 -16.10
N PHE A 332 -14.53 -29.12 -15.33
CA PHE A 332 -15.62 -30.01 -14.95
C PHE A 332 -16.22 -29.67 -13.59
N LEU A 333 -15.83 -28.56 -12.96
CA LEU A 333 -16.12 -28.32 -11.55
C LEU A 333 -17.61 -28.06 -11.31
N LEU A 334 -18.24 -27.23 -12.12
CA LEU A 334 -19.64 -26.89 -11.95
C LEU A 334 -20.47 -27.42 -13.11
N GLU A 335 -21.73 -27.73 -12.82
CA GLU A 335 -22.71 -28.10 -13.81
C GLU A 335 -23.94 -27.23 -13.61
N ALA A 336 -24.81 -27.22 -14.62
CA ALA A 336 -26.05 -26.45 -14.53
C ALA A 336 -26.99 -27.09 -13.52
N LYS A 337 -27.59 -26.28 -12.66
CA LYS A 337 -28.52 -26.82 -11.68
C LYS A 337 -29.93 -26.97 -12.22
N HIS A 338 -30.23 -26.48 -13.43
CA HIS A 338 -31.54 -26.70 -13.99
C HIS A 338 -31.73 -28.11 -14.54
N LEU A 339 -30.61 -28.83 -14.77
CA LEU A 339 -30.58 -30.25 -15.14
C LEU A 339 -31.26 -30.54 -16.47
N ARG A 340 -31.22 -29.61 -17.41
CA ARG A 340 -31.83 -29.85 -18.71
C ARG A 340 -30.92 -30.70 -19.59
N ASP A 341 -31.53 -31.35 -20.57
CA ASP A 341 -30.82 -32.28 -21.44
C ASP A 341 -29.86 -31.53 -22.37
N GLU A 342 -28.73 -32.16 -22.64
CA GLU A 342 -27.80 -31.62 -23.62
C GLU A 342 -28.34 -31.81 -25.03
N ILE A 343 -27.77 -31.05 -25.96
CA ILE A 343 -28.14 -31.11 -27.36
C ILE A 343 -27.31 -32.17 -28.05
N GLN A 344 -27.96 -33.04 -28.80
CA GLN A 344 -27.25 -34.05 -29.58
C GLN A 344 -26.58 -33.44 -30.79
N VAL A 345 -25.40 -33.98 -31.13
CA VAL A 345 -24.72 -33.58 -32.35
C VAL A 345 -25.52 -34.03 -33.57
N ASN A 346 -26.14 -35.20 -33.49
CA ASN A 346 -27.05 -35.72 -34.50
C ASN A 346 -28.44 -35.73 -33.88
N LYS A 347 -29.30 -34.83 -34.35
CA LYS A 347 -30.60 -34.63 -33.71
C LYS A 347 -31.63 -35.69 -34.09
N THR A 348 -31.40 -36.43 -35.16
CA THR A 348 -32.31 -37.52 -35.50
C THR A 348 -31.88 -38.85 -34.91
N GLN A 349 -30.80 -38.89 -34.14
CA GLN A 349 -30.40 -40.10 -33.44
C GLN A 349 -31.39 -40.41 -32.32
N ILE A 350 -31.77 -41.67 -32.21
CA ILE A 350 -32.70 -42.09 -31.16
C ILE A 350 -31.98 -42.05 -29.82
N PRO A 351 -32.56 -41.43 -28.78
CA PRO A 351 -31.82 -41.20 -27.54
C PRO A 351 -31.50 -42.45 -26.73
N ASP A 352 -32.08 -43.61 -27.05
CA ASP A 352 -31.65 -44.85 -26.44
C ASP A 352 -30.23 -45.25 -26.84
N THR A 353 -29.75 -44.77 -27.98
CA THR A 353 -28.44 -45.14 -28.49
C THR A 353 -27.36 -44.10 -28.22
N VAL A 354 -27.71 -42.95 -27.67
CA VAL A 354 -26.73 -41.92 -27.37
C VAL A 354 -26.00 -42.31 -26.09
N THR A 355 -24.84 -42.98 -26.24
CA THR A 355 -24.05 -43.44 -25.11
C THR A 355 -22.61 -42.96 -25.13
N GLN A 356 -22.09 -42.52 -26.27
CA GLN A 356 -20.74 -42.01 -26.38
C GLN A 356 -20.70 -40.53 -26.05
N TYR A 357 -19.61 -40.10 -25.41
CA TYR A 357 -19.46 -38.72 -24.95
C TYR A 357 -19.39 -37.73 -26.10
N SER A 358 -18.84 -38.14 -27.25
CA SER A 358 -18.73 -37.26 -28.41
C SER A 358 -20.04 -37.08 -29.16
N GLU A 359 -21.13 -37.69 -28.73
CA GLU A 359 -22.43 -37.54 -29.38
C GLU A 359 -23.28 -36.43 -28.79
N LEU A 360 -22.76 -35.69 -27.80
CA LEU A 360 -23.48 -34.59 -27.19
C LEU A 360 -22.62 -33.34 -27.19
N TYR A 361 -23.27 -32.18 -27.23
CA TYR A 361 -22.64 -30.91 -26.95
C TYR A 361 -22.71 -30.65 -25.45
N HIS A 362 -21.58 -30.37 -24.84
CA HIS A 362 -21.49 -30.30 -23.38
C HIS A 362 -21.59 -28.86 -22.88
N ASP A 363 -22.70 -28.22 -23.24
CA ASP A 363 -22.96 -26.84 -22.85
C ASP A 363 -23.35 -26.68 -21.39
N PHE A 364 -23.84 -27.75 -20.76
CA PHE A 364 -24.32 -27.66 -19.38
C PHE A 364 -23.42 -28.34 -18.36
N THR A 365 -22.41 -29.08 -18.78
CA THR A 365 -21.58 -29.82 -17.84
C THR A 365 -20.12 -29.38 -17.81
N THR A 366 -19.69 -28.52 -18.72
CA THR A 366 -18.34 -27.98 -18.71
C THR A 366 -18.40 -26.46 -18.81
N THR A 367 -17.54 -25.79 -18.04
CA THR A 367 -17.29 -24.35 -18.07
C THR A 367 -18.57 -23.54 -17.86
N GLN A 368 -19.13 -23.68 -16.66
CA GLN A 368 -20.33 -22.97 -16.29
C GLN A 368 -19.98 -21.62 -15.68
N VAL A 369 -20.99 -20.76 -15.56
CA VAL A 369 -20.83 -19.46 -14.91
C VAL A 369 -20.54 -19.69 -13.44
N GLY A 370 -19.41 -19.15 -12.98
CA GLY A 370 -18.97 -19.31 -11.60
C GLY A 370 -17.76 -20.21 -11.44
N MET A 371 -17.33 -20.90 -12.49
CA MET A 371 -16.20 -21.82 -12.38
C MET A 371 -14.89 -21.07 -12.24
N HIS A 372 -14.69 -20.00 -13.02
CA HIS A 372 -13.46 -19.23 -12.96
C HIS A 372 -13.31 -18.52 -11.61
N ASP A 373 -14.42 -18.20 -10.95
CA ASP A 373 -14.36 -17.58 -9.64
C ASP A 373 -13.90 -18.56 -8.56
N ILE A 374 -14.15 -19.86 -8.76
CA ILE A 374 -13.64 -20.86 -7.83
C ILE A 374 -12.12 -21.00 -7.97
N VAL A 375 -11.62 -20.95 -9.21
CA VAL A 375 -10.18 -20.99 -9.46
C VAL A 375 -9.49 -19.74 -8.91
N ARG A 376 -10.16 -18.59 -8.99
CA ARG A 376 -9.62 -17.36 -8.43
C ARG A 376 -9.59 -17.39 -6.92
N SER A 377 -10.51 -18.10 -6.27
CA SER A 377 -10.43 -18.23 -4.82
C SER A 377 -9.35 -19.19 -4.38
N PHE A 378 -8.98 -20.15 -5.24
CA PHE A 378 -7.81 -20.99 -4.96
C PHE A 378 -6.53 -20.17 -5.00
N ARG A 379 -6.45 -19.21 -5.94
CA ARG A 379 -5.30 -18.32 -6.03
C ARG A 379 -5.21 -17.40 -4.82
N GLN A 380 -6.36 -17.00 -4.27
CA GLN A 380 -6.37 -16.15 -3.08
C GLN A 380 -5.91 -16.91 -1.84
N THR A 381 -6.24 -18.20 -1.75
CA THR A 381 -5.78 -19.01 -0.63
C THR A 381 -4.27 -19.19 -0.66
N MET A 382 -3.70 -19.40 -1.84
CA MET A 382 -2.27 -19.57 -1.99
C MET A 382 -1.51 -18.26 -1.86
N ASP A 383 -2.18 -17.11 -1.97
CA ASP A 383 -1.53 -15.82 -1.80
C ASP A 383 -1.11 -15.56 -0.36
N GLN A 384 -1.77 -16.19 0.61
CA GLN A 384 -1.34 -16.07 2.00
C GLN A 384 -0.07 -16.85 2.32
N TYR A 385 0.41 -17.69 1.41
CA TYR A 385 1.68 -18.39 1.59
C TYR A 385 2.74 -17.86 0.64
N SER A 386 2.46 -16.80 -0.09
CA SER A 386 3.36 -16.27 -1.09
C SER A 386 4.00 -14.94 -0.68
N THR A 387 3.70 -14.43 0.52
CA THR A 387 4.11 -13.08 0.90
C THR A 387 5.58 -12.97 1.23
N GLU A 388 6.23 -14.02 1.57
CA GLU A 388 7.64 -13.99 1.86
C GLU A 388 8.44 -14.02 0.56
N PRO A 389 9.44 -13.17 0.40
CA PRO A 389 10.13 -13.06 -0.90
C PRO A 389 10.99 -14.27 -1.19
N GLY A 390 10.96 -14.70 -2.45
CA GLY A 390 11.61 -15.91 -2.86
C GLY A 390 10.81 -17.17 -2.66
N ARG A 391 9.62 -17.07 -2.08
CA ARG A 391 8.76 -18.22 -1.79
C ARG A 391 7.36 -18.00 -2.37
N TYR A 392 7.31 -17.56 -3.62
CA TYR A 392 6.06 -17.48 -4.35
C TYR A 392 5.53 -18.88 -4.64
N ARG A 393 4.22 -19.05 -4.57
CA ARG A 393 3.59 -20.34 -4.82
C ARG A 393 2.94 -20.35 -6.19
N PHE A 394 3.25 -21.38 -6.99
CA PHE A 394 2.79 -21.48 -8.37
C PHE A 394 1.41 -22.13 -8.46
N MET A 395 0.58 -21.63 -9.36
CA MET A 395 -0.67 -22.31 -9.69
C MET A 395 -0.76 -22.46 -11.20
N GLY A 396 -0.83 -23.70 -11.66
CA GLY A 396 -1.10 -24.00 -13.06
C GLY A 396 -2.39 -24.78 -13.18
N THR A 397 -3.05 -24.60 -14.31
CA THR A 397 -4.31 -25.29 -14.57
C THR A 397 -4.16 -26.15 -15.82
N GLU A 398 -4.82 -27.31 -15.79
CA GLU A 398 -4.86 -28.21 -16.92
C GLU A 398 -6.28 -28.24 -17.46
N ALA A 399 -6.43 -27.86 -18.72
CA ALA A 399 -7.73 -27.98 -19.40
C ALA A 399 -7.43 -28.30 -20.85
N TYR A 400 -7.62 -29.56 -21.22
CA TYR A 400 -7.29 -30.08 -22.54
C TYR A 400 -8.57 -30.38 -23.31
N ALA A 401 -8.37 -30.73 -24.59
CA ALA A 401 -9.44 -30.88 -25.58
C ALA A 401 -10.32 -29.64 -25.64
N GLU A 402 -9.68 -28.48 -25.69
CA GLU A 402 -10.36 -27.21 -25.48
C GLU A 402 -9.96 -26.25 -26.59
N SER A 403 -10.83 -25.27 -26.85
CA SER A 403 -10.51 -24.20 -27.77
C SER A 403 -9.48 -23.25 -27.16
N ILE A 404 -8.70 -22.60 -28.03
CA ILE A 404 -7.62 -21.73 -27.58
C ILE A 404 -8.18 -20.47 -26.90
N ASP A 405 -9.36 -20.01 -27.29
CA ASP A 405 -9.93 -18.84 -26.64
C ASP A 405 -10.51 -19.15 -25.26
N ARG A 406 -10.80 -20.42 -24.97
CA ARG A 406 -11.19 -20.82 -23.63
C ARG A 406 -10.00 -21.15 -22.75
N THR A 407 -8.91 -21.64 -23.33
CA THR A 407 -7.70 -21.93 -22.57
C THR A 407 -7.04 -20.66 -22.08
N VAL A 408 -7.08 -19.61 -22.88
CA VAL A 408 -6.45 -18.33 -22.57
C VAL A 408 -7.14 -17.60 -21.41
N MET A 409 -8.42 -17.92 -21.14
CA MET A 409 -9.16 -17.32 -20.03
C MET A 409 -8.59 -17.67 -18.65
N TYR A 410 -7.80 -18.74 -18.54
CA TYR A 410 -7.18 -19.08 -17.27
C TYR A 410 -6.02 -18.15 -16.90
N TYR A 411 -5.51 -17.36 -17.85
CA TYR A 411 -4.54 -16.33 -17.53
C TYR A 411 -5.14 -15.21 -16.69
N GLY A 412 -6.45 -15.03 -16.74
CA GLY A 412 -7.11 -14.00 -15.97
C GLY A 412 -7.21 -12.68 -16.71
N LEU A 413 -7.38 -11.63 -15.93
CA LEU A 413 -7.53 -10.26 -16.38
C LEU A 413 -6.38 -9.43 -15.80
N PRO A 414 -6.11 -8.24 -16.35
CA PRO A 414 -5.04 -7.40 -15.77
C PRO A 414 -5.31 -6.92 -14.34
N PHE A 415 -6.55 -6.95 -13.88
CA PHE A 415 -6.88 -6.57 -12.51
C PHE A 415 -7.34 -7.73 -11.65
N ILE A 416 -7.34 -8.96 -12.17
CA ILE A 416 -7.78 -10.15 -11.42
C ILE A 416 -6.79 -11.27 -11.67
N GLN A 417 -6.19 -11.79 -10.61
CA GLN A 417 -5.22 -12.88 -10.73
C GLN A 417 -5.91 -14.24 -10.80
N GLU A 418 -5.27 -15.15 -11.52
CA GLU A 418 -5.74 -16.51 -11.77
C GLU A 418 -4.47 -17.35 -11.90
N ALA A 419 -4.51 -18.44 -12.67
CA ALA A 419 -3.33 -19.27 -12.90
C ALA A 419 -2.15 -18.47 -13.45
N ASP A 420 -0.94 -18.90 -13.07
CA ASP A 420 0.28 -18.29 -13.61
C ASP A 420 0.42 -18.59 -15.09
N PHE A 421 0.18 -19.83 -15.50
CA PHE A 421 -0.17 -20.13 -16.89
C PHE A 421 -1.07 -21.36 -16.90
N PRO A 422 -1.94 -21.47 -17.89
CA PRO A 422 -2.52 -22.78 -18.20
C PRO A 422 -1.54 -23.61 -19.01
N PHE A 423 -1.52 -24.91 -18.75
CA PHE A 423 -0.55 -25.79 -19.40
C PHE A 423 -0.91 -25.98 -20.88
N ASN A 424 0.10 -25.80 -21.73
CA ASN A 424 -0.04 -25.83 -23.18
C ASN A 424 0.35 -27.22 -23.67
N ASN A 425 -0.63 -27.96 -24.18
CA ASN A 425 -0.37 -29.30 -24.71
C ASN A 425 -0.61 -29.40 -26.21
N TYR A 426 -0.70 -28.26 -26.91
CA TYR A 426 -1.05 -28.26 -28.33
C TYR A 426 0.06 -28.84 -29.21
N LEU A 427 1.32 -28.80 -28.77
CA LEU A 427 2.37 -29.49 -29.51
C LEU A 427 2.37 -30.99 -29.26
N SER A 428 1.80 -31.44 -28.13
CA SER A 428 1.66 -32.87 -27.86
C SER A 428 0.58 -33.52 -28.70
N MET A 429 -0.33 -32.74 -29.26
CA MET A 429 -1.44 -33.25 -30.04
C MET A 429 -1.10 -33.42 -31.51
N LEU A 430 0.13 -33.12 -31.92
CA LEU A 430 0.55 -33.25 -33.32
C LEU A 430 0.96 -34.69 -33.55
N ASP A 431 0.12 -35.44 -34.28
CA ASP A 431 0.45 -36.82 -34.61
C ASP A 431 1.39 -36.91 -35.80
N THR A 432 1.43 -35.88 -36.63
CA THR A 432 2.43 -35.74 -37.66
C THR A 432 2.89 -34.29 -37.66
N VAL A 433 4.11 -34.07 -38.13
CA VAL A 433 4.75 -32.78 -37.97
C VAL A 433 5.07 -32.22 -39.35
N SER A 434 5.06 -30.89 -39.45
CA SER A 434 5.26 -30.17 -40.70
C SER A 434 5.60 -28.73 -40.36
N GLY A 435 6.10 -28.02 -41.37
CA GLY A 435 6.45 -26.62 -41.16
C GLY A 435 5.25 -25.74 -40.96
N ASN A 436 4.15 -26.03 -41.66
CA ASN A 436 2.93 -25.25 -41.48
C ASN A 436 2.20 -25.62 -40.21
N SER A 437 2.28 -26.88 -39.77
CA SER A 437 1.56 -27.29 -38.58
C SER A 437 2.26 -26.84 -37.30
N VAL A 438 3.58 -26.73 -37.30
CA VAL A 438 4.29 -26.19 -36.14
C VAL A 438 4.08 -24.68 -36.06
N TYR A 439 4.04 -24.01 -37.22
CA TYR A 439 3.81 -22.57 -37.28
C TYR A 439 2.45 -22.19 -36.72
N GLU A 440 1.40 -22.96 -37.02
CA GLU A 440 0.08 -22.56 -36.57
C GLU A 440 -0.12 -22.83 -35.09
N VAL A 441 0.61 -23.78 -34.51
CA VAL A 441 0.53 -23.99 -33.06
C VAL A 441 1.24 -22.86 -32.31
N ILE A 442 2.41 -22.44 -32.80
CA ILE A 442 3.17 -21.39 -32.13
C ILE A 442 2.46 -20.05 -32.23
N THR A 443 1.94 -19.72 -33.42
CA THR A 443 1.26 -18.45 -33.61
C THR A 443 -0.12 -18.41 -32.97
N SER A 444 -0.77 -19.55 -32.76
CA SER A 444 -2.06 -19.54 -32.07
C SER A 444 -1.89 -19.17 -30.61
N TRP A 445 -0.84 -19.66 -29.96
CA TRP A 445 -0.64 -19.34 -28.54
C TRP A 445 -0.18 -17.90 -28.36
N MET A 446 0.75 -17.43 -29.19
CA MET A 446 1.32 -16.10 -29.00
C MET A 446 0.34 -14.99 -29.37
N GLU A 447 -0.55 -15.24 -30.33
CA GLU A 447 -1.52 -14.21 -30.71
C GLU A 447 -2.73 -14.18 -29.77
N ASN A 448 -3.07 -15.31 -29.16
CA ASN A 448 -4.30 -15.35 -28.36
C ASN A 448 -4.08 -15.03 -26.89
N MET A 449 -2.91 -15.34 -26.33
CA MET A 449 -2.70 -15.07 -24.93
C MET A 449 -2.53 -13.57 -24.70
N PRO A 450 -2.93 -13.07 -23.53
CA PRO A 450 -2.86 -11.61 -23.29
C PRO A 450 -1.43 -11.09 -23.27
N GLU A 451 -1.32 -9.81 -23.55
CA GLU A 451 -0.03 -9.14 -23.67
C GLU A 451 0.66 -9.07 -22.32
N GLY A 452 1.93 -9.46 -22.29
CA GLY A 452 2.68 -9.47 -21.06
C GLY A 452 2.49 -10.70 -20.19
N LYS A 453 1.80 -11.72 -20.67
CA LYS A 453 1.67 -12.96 -19.92
C LYS A 453 2.83 -13.89 -20.28
N TRP A 454 2.97 -14.96 -19.50
CA TRP A 454 4.10 -15.86 -19.67
C TRP A 454 3.66 -17.12 -20.38
N PRO A 455 4.27 -17.49 -21.50
CA PRO A 455 3.90 -18.74 -22.18
C PRO A 455 4.64 -19.95 -21.62
N ASN A 456 4.25 -21.13 -22.11
CA ASN A 456 4.85 -22.38 -21.72
C ASN A 456 4.60 -23.39 -22.84
N TRP A 457 5.42 -24.44 -22.87
CA TRP A 457 5.39 -25.39 -23.98
C TRP A 457 5.68 -26.80 -23.47
N MET A 458 4.89 -27.77 -23.95
CA MET A 458 5.08 -29.19 -23.67
C MET A 458 5.08 -29.95 -24.99
N ILE A 459 5.83 -31.06 -25.03
CA ILE A 459 5.83 -31.92 -26.21
C ILE A 459 5.39 -33.34 -25.88
N GLY A 460 5.00 -33.60 -24.64
CA GLY A 460 4.55 -34.92 -24.26
C GLY A 460 4.02 -34.92 -22.85
N GLY A 461 3.66 -36.11 -22.38
CA GLY A 461 3.11 -36.26 -21.06
C GLY A 461 2.63 -37.67 -20.81
N PRO A 462 2.00 -37.90 -19.66
CA PRO A 462 1.56 -39.27 -19.32
C PRO A 462 0.37 -39.76 -20.11
N ASP A 463 -0.41 -38.86 -20.72
CA ASP A 463 -1.56 -39.27 -21.52
C ASP A 463 -1.31 -39.15 -23.02
N SER A 464 -0.10 -38.79 -23.42
CA SER A 464 0.26 -38.64 -24.81
C SER A 464 1.23 -39.75 -25.20
N SER A 465 1.17 -40.15 -26.46
CA SER A 465 2.17 -41.07 -26.99
C SER A 465 3.55 -40.43 -26.98
N ARG A 466 4.57 -41.22 -26.70
CA ARG A 466 5.92 -40.72 -26.62
C ARG A 466 6.41 -40.26 -27.99
N LEU A 467 7.31 -39.28 -27.99
CA LEU A 467 7.57 -38.49 -29.18
C LEU A 467 8.32 -39.26 -30.26
N THR A 468 9.21 -40.17 -29.87
CA THR A 468 9.90 -40.96 -30.89
C THR A 468 9.01 -42.05 -31.49
N SER A 469 7.89 -42.36 -30.84
CA SER A 469 6.89 -43.24 -31.41
C SER A 469 5.77 -42.48 -32.10
N ARG A 470 5.60 -41.21 -31.75
CA ARG A 470 4.56 -40.37 -32.35
C ARG A 470 5.03 -39.77 -33.67
N LEU A 471 6.26 -39.28 -33.70
CA LEU A 471 6.80 -38.59 -34.87
C LEU A 471 7.95 -39.34 -35.53
N GLY A 472 8.65 -40.19 -34.80
CA GLY A 472 9.82 -40.86 -35.33
C GLY A 472 11.09 -40.44 -34.64
N ASN A 473 12.14 -41.24 -34.76
CA ASN A 473 13.39 -40.98 -34.08
C ASN A 473 14.15 -39.78 -34.65
N GLN A 474 13.90 -39.43 -35.91
CA GLN A 474 14.57 -38.29 -36.53
C GLN A 474 14.11 -36.95 -35.98
N TYR A 475 13.02 -36.91 -35.22
CA TYR A 475 12.49 -35.65 -34.71
C TYR A 475 12.72 -35.47 -33.22
N VAL A 476 13.48 -36.34 -32.57
CA VAL A 476 13.72 -36.21 -31.13
C VAL A 476 14.58 -34.98 -30.85
N ASN A 477 15.67 -34.83 -31.59
CA ASN A 477 16.62 -33.75 -31.32
C ASN A 477 16.05 -32.38 -31.70
N VAL A 478 15.26 -32.30 -32.76
CA VAL A 478 14.74 -31.01 -33.19
C VAL A 478 13.53 -30.57 -32.36
N MET A 479 12.78 -31.51 -31.77
CA MET A 479 11.71 -31.11 -30.87
C MET A 479 12.25 -30.62 -29.54
N ASN A 480 13.42 -31.13 -29.11
CA ASN A 480 14.05 -30.60 -27.92
C ASN A 480 14.64 -29.22 -28.17
N MET A 481 15.16 -28.97 -29.37
CA MET A 481 15.67 -27.65 -29.71
C MET A 481 14.56 -26.62 -29.82
N LEU A 482 13.39 -27.04 -30.31
CA LEU A 482 12.23 -26.16 -30.36
C LEU A 482 11.75 -25.79 -28.95
N LEU A 483 11.82 -26.75 -28.02
CA LEU A 483 11.33 -26.52 -26.67
C LEU A 483 12.19 -25.53 -25.89
N PHE A 484 13.48 -25.45 -26.20
CA PHE A 484 14.39 -24.62 -25.44
C PHE A 484 14.76 -23.32 -26.13
N THR A 485 14.21 -23.04 -27.31
CA THR A 485 14.43 -21.77 -27.97
C THR A 485 13.17 -20.94 -28.11
N LEU A 486 12.01 -21.48 -27.76
CA LEU A 486 10.77 -20.72 -27.70
C LEU A 486 10.71 -19.91 -26.42
N PRO A 487 10.00 -18.79 -26.40
CA PRO A 487 9.86 -18.02 -25.16
C PRO A 487 8.98 -18.71 -24.14
N GLY A 488 9.28 -18.45 -22.87
CA GLY A 488 8.49 -19.01 -21.80
C GLY A 488 9.15 -20.17 -21.09
N THR A 489 8.34 -21.06 -20.52
CA THR A 489 8.84 -22.13 -19.67
C THR A 489 8.78 -23.46 -20.41
N PRO A 490 9.90 -24.12 -20.66
CA PRO A 490 9.85 -25.47 -21.23
C PRO A 490 9.51 -26.50 -20.16
N ILE A 491 8.67 -27.46 -20.52
CA ILE A 491 8.25 -28.52 -19.61
C ILE A 491 8.56 -29.86 -20.28
N THR A 492 9.35 -30.67 -19.58
CA THR A 492 9.88 -31.93 -20.11
C THR A 492 9.26 -33.10 -19.35
N TYR A 493 8.62 -34.00 -20.07
CA TYR A 493 8.20 -35.28 -19.51
C TYR A 493 9.43 -36.19 -19.38
N TYR A 494 9.44 -37.01 -18.34
CA TYR A 494 10.62 -37.84 -18.03
C TYR A 494 10.88 -38.85 -19.15
N GLY A 495 12.16 -39.05 -19.46
CA GLY A 495 12.55 -39.92 -20.54
C GLY A 495 12.62 -39.27 -21.91
N GLU A 496 12.15 -38.02 -22.04
CA GLU A 496 12.22 -37.34 -23.34
C GLU A 496 13.65 -36.91 -23.65
N GLU A 497 14.44 -36.62 -22.63
CA GLU A 497 15.83 -36.22 -22.80
C GLU A 497 16.71 -37.36 -23.28
N ILE A 498 16.26 -38.60 -23.11
CA ILE A 498 16.97 -39.77 -23.58
C ILE A 498 16.44 -40.22 -24.93
N GLY A 499 15.13 -40.08 -25.15
CA GLY A 499 14.51 -40.56 -26.38
C GLY A 499 13.82 -41.88 -26.17
N MET A 500 13.20 -42.05 -25.00
CA MET A 500 12.46 -43.26 -24.69
C MET A 500 11.21 -43.38 -25.57
N GLY A 501 10.86 -44.62 -25.91
CA GLY A 501 9.70 -44.91 -26.72
C GLY A 501 8.58 -45.57 -25.93
N ASN A 502 7.46 -45.75 -26.62
CA ASN A 502 6.32 -46.47 -26.07
C ASN A 502 6.65 -47.94 -25.88
N ILE A 503 5.88 -48.59 -25.02
CA ILE A 503 5.86 -50.04 -24.94
C ILE A 503 4.53 -50.53 -25.53
N VAL A 504 4.44 -51.84 -25.72
CA VAL A 504 3.16 -52.44 -26.08
C VAL A 504 2.37 -52.71 -24.79
N ALA A 505 1.08 -52.39 -24.82
CA ALA A 505 0.23 -52.38 -23.64
C ALA A 505 0.08 -53.79 -23.09
N ALA A 506 0.61 -54.02 -21.90
CA ALA A 506 0.63 -55.34 -21.30
C ALA A 506 -0.67 -55.61 -20.54
N ASN A 507 -0.75 -56.79 -19.95
CA ASN A 507 -1.85 -57.13 -19.06
C ASN A 507 -1.57 -56.60 -17.67
N LEU A 508 -2.50 -55.80 -17.14
CA LEU A 508 -2.45 -55.35 -15.76
C LEU A 508 -3.70 -55.79 -15.03
N ASN A 509 -3.52 -56.30 -13.82
CA ASN A 509 -4.64 -56.69 -12.98
C ASN A 509 -5.04 -55.60 -12.01
N GLU A 510 -4.62 -54.36 -12.27
CA GLU A 510 -5.18 -53.17 -11.67
C GLU A 510 -5.87 -52.36 -12.77
N SER A 511 -6.76 -51.47 -12.35
CA SER A 511 -7.59 -50.72 -13.29
C SER A 511 -6.77 -49.57 -13.86
N TYR A 512 -6.30 -49.74 -15.09
CA TYR A 512 -5.55 -48.72 -15.80
C TYR A 512 -6.10 -48.58 -17.20
N ASP A 513 -5.91 -47.40 -17.78
CA ASP A 513 -6.31 -47.15 -19.16
C ASP A 513 -5.28 -47.78 -20.09
N ILE A 514 -5.72 -48.74 -20.91
CA ILE A 514 -4.79 -49.44 -21.78
C ILE A 514 -4.38 -48.60 -22.99
N ASN A 515 -5.15 -47.56 -23.32
CA ASN A 515 -4.76 -46.69 -24.43
C ASN A 515 -3.58 -45.79 -24.05
N THR A 516 -3.41 -45.49 -22.77
CA THR A 516 -2.37 -44.54 -22.34
C THR A 516 -1.32 -45.16 -21.43
N LEU A 517 -1.32 -46.48 -21.22
CA LEU A 517 -0.27 -47.12 -20.45
C LEU A 517 1.08 -47.12 -21.16
N ARG A 518 1.09 -46.91 -22.48
CA ARG A 518 2.30 -47.00 -23.29
C ARG A 518 3.33 -45.94 -22.94
N SER A 519 2.94 -44.83 -22.35
CA SER A 519 3.85 -43.74 -22.02
C SER A 519 4.38 -43.80 -20.60
N LYS A 520 4.01 -44.82 -19.83
CA LYS A 520 4.33 -44.87 -18.40
C LYS A 520 5.33 -45.96 -18.06
N SER A 521 6.14 -46.39 -19.03
CA SER A 521 7.10 -47.44 -18.78
C SER A 521 8.25 -46.93 -17.89
N PRO A 522 8.89 -47.82 -17.13
CA PRO A 522 9.92 -47.37 -16.18
C PRO A 522 11.14 -46.73 -16.83
N MET A 523 11.74 -45.81 -16.08
CA MET A 523 12.86 -45.02 -16.57
C MET A 523 14.09 -45.89 -16.81
N GLN A 524 14.76 -45.65 -17.93
CA GLN A 524 15.83 -46.52 -18.41
C GLN A 524 17.18 -45.94 -18.02
N TRP A 525 17.67 -46.33 -16.85
CA TRP A 525 19.06 -46.17 -16.44
C TRP A 525 19.83 -47.36 -17.00
N ASP A 526 21.02 -47.63 -16.47
CA ASP A 526 22.03 -48.58 -16.96
C ASP A 526 21.56 -49.97 -17.37
N ASN A 527 22.36 -50.70 -18.14
CA ASN A 527 21.87 -51.93 -18.77
C ASN A 527 21.84 -53.14 -17.83
N SER A 528 21.27 -52.97 -16.64
CA SER A 528 21.11 -54.06 -15.69
C SER A 528 19.77 -54.73 -15.92
N SER A 529 19.34 -55.57 -14.99
CA SER A 529 17.99 -56.11 -15.04
C SER A 529 16.99 -55.01 -14.74
N ASN A 530 15.92 -54.96 -15.55
CA ASN A 530 14.88 -53.93 -15.54
C ASN A 530 15.45 -52.54 -15.76
N ALA A 531 16.53 -52.45 -16.56
CA ALA A 531 17.21 -51.20 -16.94
C ALA A 531 17.66 -50.38 -15.73
N GLY A 532 18.07 -51.05 -14.66
CA GLY A 532 18.47 -50.36 -13.45
C GLY A 532 17.38 -49.65 -12.69
N PHE A 533 16.11 -49.84 -13.07
CA PHE A 533 15.00 -49.20 -12.38
C PHE A 533 14.73 -49.88 -11.04
N SER A 534 14.96 -51.19 -10.96
CA SER A 534 14.59 -51.98 -9.80
C SER A 534 15.49 -53.20 -9.73
N GLU A 535 15.75 -53.66 -8.52
CA GLU A 535 16.42 -54.94 -8.30
C GLU A 535 15.44 -56.06 -8.00
N ALA A 536 14.13 -55.78 -8.06
CA ALA A 536 13.12 -56.81 -7.91
C ALA A 536 13.09 -57.69 -9.16
N SER A 537 12.38 -58.81 -9.05
CA SER A 537 12.28 -59.73 -10.17
C SER A 537 11.36 -59.18 -11.25
N ASN A 538 10.14 -58.82 -10.88
CA ASN A 538 9.18 -58.27 -11.82
C ASN A 538 8.80 -56.86 -11.40
N THR A 539 8.76 -55.95 -12.37
CA THR A 539 8.28 -54.59 -12.16
C THR A 539 6.79 -54.50 -12.48
N TRP A 540 6.21 -53.35 -12.18
CA TRP A 540 4.77 -53.18 -12.36
C TRP A 540 4.41 -53.04 -13.84
N LEU A 541 5.30 -52.50 -14.66
CA LEU A 541 5.20 -52.48 -16.11
C LEU A 541 6.48 -53.01 -16.72
N PRO A 542 6.41 -53.61 -17.92
CA PRO A 542 7.64 -54.06 -18.57
C PRO A 542 8.48 -52.89 -19.06
N THR A 543 9.80 -53.04 -18.91
CA THR A 543 10.75 -52.14 -19.51
C THR A 543 10.78 -52.36 -21.02
N ASN A 544 10.86 -51.26 -21.77
CA ASN A 544 11.04 -51.30 -23.22
C ASN A 544 12.30 -52.08 -23.60
N SER A 545 12.19 -52.88 -24.66
CA SER A 545 13.20 -53.86 -25.03
C SER A 545 14.51 -53.22 -25.53
N ASP A 546 14.49 -51.96 -25.94
CA ASP A 546 15.65 -51.30 -26.49
C ASP A 546 16.55 -50.67 -25.41
N TYR A 547 16.44 -51.12 -24.17
CA TYR A 547 17.17 -50.47 -23.08
C TYR A 547 18.67 -50.81 -23.07
N HIS A 548 19.10 -51.81 -23.83
CA HIS A 548 20.53 -52.10 -23.90
C HIS A 548 21.27 -51.01 -24.67
N THR A 549 20.62 -50.41 -25.67
CA THR A 549 21.23 -49.34 -26.45
C THR A 549 20.73 -47.97 -26.05
N VAL A 550 19.55 -47.86 -25.45
CA VAL A 550 18.92 -46.58 -25.13
C VAL A 550 18.78 -46.51 -23.62
N ASN A 551 19.76 -45.91 -22.95
CA ASN A 551 19.68 -45.69 -21.52
C ASN A 551 20.58 -44.53 -21.14
N VAL A 552 20.44 -44.09 -19.89
CA VAL A 552 21.14 -42.89 -19.39
C VAL A 552 22.64 -43.13 -19.34
N ASP A 553 23.04 -44.32 -18.88
CA ASP A 553 24.44 -44.64 -18.65
C ASP A 553 25.25 -44.67 -19.95
N VAL A 554 24.70 -45.27 -20.99
CA VAL A 554 25.41 -45.32 -22.27
C VAL A 554 25.40 -43.98 -22.99
N GLN A 555 24.42 -43.12 -22.72
CA GLN A 555 24.37 -41.82 -23.38
C GLN A 555 25.20 -40.77 -22.69
N LYS A 556 25.68 -41.03 -21.48
CA LYS A 556 26.64 -40.13 -20.85
C LYS A 556 28.03 -40.25 -21.46
N THR A 557 28.34 -41.36 -22.11
CA THR A 557 29.66 -41.57 -22.71
C THR A 557 29.62 -41.53 -24.23
N GLN A 558 28.54 -41.00 -24.81
CA GLN A 558 28.44 -40.80 -26.24
C GLN A 558 28.34 -39.32 -26.55
N PRO A 559 29.26 -38.76 -27.34
CA PRO A 559 29.22 -37.31 -27.60
C PRO A 559 28.09 -36.86 -28.51
N ARG A 560 27.49 -37.74 -29.30
CA ARG A 560 26.40 -37.39 -30.20
C ARG A 560 25.06 -37.95 -29.74
N SER A 561 24.87 -38.09 -28.44
CA SER A 561 23.65 -38.67 -27.90
C SER A 561 22.60 -37.60 -27.67
N ALA A 562 21.35 -38.05 -27.47
CA ALA A 562 20.24 -37.14 -27.20
C ALA A 562 20.38 -36.48 -25.84
N LEU A 563 21.00 -37.16 -24.88
CA LEU A 563 21.20 -36.59 -23.56
C LEU A 563 22.20 -35.44 -23.58
N LYS A 564 23.22 -35.53 -24.43
CA LYS A 564 24.22 -34.47 -24.52
C LYS A 564 23.65 -33.22 -25.18
N LEU A 565 22.77 -33.38 -26.17
CA LEU A 565 22.16 -32.22 -26.78
C LEU A 565 21.15 -31.56 -25.84
N TYR A 566 20.45 -32.36 -25.03
CA TYR A 566 19.54 -31.79 -24.04
C TYR A 566 20.31 -31.00 -22.99
N GLN A 567 21.50 -31.48 -22.61
CA GLN A 567 22.23 -30.87 -21.51
C GLN A 567 22.80 -29.51 -21.88
N ASP A 568 23.27 -29.34 -23.12
CA ASP A 568 23.78 -28.04 -23.50
C ASP A 568 22.75 -27.14 -24.16
N LEU A 569 21.54 -27.64 -24.43
CA LEU A 569 20.44 -26.74 -24.74
C LEU A 569 19.89 -26.09 -23.47
N SER A 570 19.78 -26.85 -22.39
CA SER A 570 19.33 -26.30 -21.13
C SER A 570 20.41 -25.47 -20.44
N LEU A 571 21.68 -25.71 -20.74
CA LEU A 571 22.73 -24.85 -20.23
C LEU A 571 22.76 -23.52 -20.98
N LEU A 572 22.53 -23.57 -22.30
CA LEU A 572 22.47 -22.35 -23.10
C LEU A 572 21.25 -21.51 -22.75
N HIS A 573 20.13 -22.16 -22.42
CA HIS A 573 18.93 -21.44 -22.00
C HIS A 573 19.13 -20.76 -20.64
N ALA A 574 19.97 -21.33 -19.79
CA ALA A 574 20.19 -20.76 -18.46
C ALA A 574 21.22 -19.63 -18.47
N ASN A 575 22.12 -19.62 -19.44
CA ASN A 575 23.23 -18.68 -19.45
C ASN A 575 23.07 -17.52 -20.43
N GLU A 576 21.94 -17.45 -21.13
CA GLU A 576 21.74 -16.43 -22.16
C GLU A 576 20.45 -15.68 -21.89
N LEU A 577 20.55 -14.36 -21.72
CA LEU A 577 19.38 -13.51 -21.53
C LEU A 577 18.51 -13.45 -22.77
N LEU A 578 19.08 -13.70 -23.96
CA LEU A 578 18.29 -13.69 -25.19
C LEU A 578 17.28 -14.84 -25.22
N LEU A 579 17.60 -15.98 -24.62
CA LEU A 579 16.72 -17.14 -24.66
C LEU A 579 15.72 -17.15 -23.52
N ASN A 580 16.12 -16.77 -22.31
CA ASN A 580 15.19 -16.85 -21.19
C ASN A 580 14.35 -15.59 -21.01
N ARG A 581 14.73 -14.47 -21.63
CA ARG A 581 14.03 -13.20 -21.43
C ARG A 581 13.72 -12.44 -22.72
N GLY A 582 14.38 -12.72 -23.84
CA GLY A 582 14.35 -11.85 -24.99
C GLY A 582 13.08 -11.89 -25.81
N TRP A 583 13.03 -11.00 -26.80
CA TRP A 583 11.95 -10.94 -27.78
C TRP A 583 11.86 -12.22 -28.60
N PHE A 584 10.67 -12.49 -29.11
CA PHE A 584 10.44 -13.59 -30.03
C PHE A 584 9.83 -13.03 -31.30
N CYS A 585 10.54 -13.15 -32.41
CA CYS A 585 10.12 -12.58 -33.69
C CYS A 585 10.13 -13.68 -34.74
N HIS A 586 8.96 -14.12 -35.15
CA HIS A 586 8.85 -15.18 -36.14
C HIS A 586 8.67 -14.59 -37.53
N LEU A 587 9.13 -15.33 -38.53
CA LEU A 587 9.02 -14.95 -39.93
C LEU A 587 7.78 -15.58 -40.56
N ARG A 588 7.72 -15.56 -41.89
CA ARG A 588 6.58 -16.11 -42.63
C ARG A 588 6.54 -17.63 -42.53
N ASN A 589 5.38 -18.19 -42.81
CA ASN A 589 5.21 -19.63 -42.75
C ASN A 589 5.82 -20.30 -43.98
N ASP A 590 6.17 -21.57 -43.81
CA ASP A 590 6.75 -22.37 -44.88
C ASP A 590 6.40 -23.82 -44.62
N SER A 591 6.21 -24.58 -45.69
CA SER A 591 5.84 -25.99 -45.57
C SER A 591 6.95 -26.84 -45.00
N HIS A 592 8.21 -26.41 -45.12
CA HIS A 592 9.35 -27.21 -44.68
C HIS A 592 9.89 -26.77 -43.32
N TYR A 593 10.25 -25.50 -43.18
CA TYR A 593 11.04 -25.06 -42.05
C TYR A 593 10.35 -23.95 -41.28
N VAL A 594 10.80 -23.78 -40.04
CA VAL A 594 10.37 -22.70 -39.16
C VAL A 594 11.61 -21.87 -38.81
N VAL A 595 11.52 -20.56 -39.01
CA VAL A 595 12.61 -19.64 -38.75
C VAL A 595 12.10 -18.54 -37.81
N TYR A 596 12.81 -18.31 -36.71
CA TYR A 596 12.49 -17.21 -35.82
C TYR A 596 13.77 -16.70 -35.17
N THR A 597 13.66 -15.55 -34.50
CA THR A 597 14.80 -14.91 -33.86
C THR A 597 14.51 -14.61 -32.41
N ARG A 598 15.58 -14.52 -31.62
CA ARG A 598 15.52 -14.10 -30.22
C ARG A 598 16.42 -12.88 -30.06
N GLU A 599 15.83 -11.76 -29.62
CA GLU A 599 16.47 -10.46 -29.63
C GLU A 599 16.27 -9.77 -28.28
N LEU A 600 17.15 -8.82 -27.98
CA LEU A 600 17.03 -7.98 -26.79
C LEU A 600 17.76 -6.67 -27.04
N ASP A 601 17.11 -5.56 -26.70
CA ASP A 601 17.69 -4.24 -26.96
C ASP A 601 18.85 -3.98 -25.99
N GLY A 602 19.96 -3.50 -26.53
CA GLY A 602 21.17 -3.29 -25.78
C GLY A 602 22.17 -4.42 -25.90
N ILE A 603 21.71 -5.64 -26.11
CA ILE A 603 22.57 -6.74 -26.49
C ILE A 603 22.64 -6.76 -28.01
N ASP A 604 23.84 -6.65 -28.55
CA ASP A 604 24.00 -6.46 -29.99
C ASP A 604 24.43 -7.74 -30.69
N ARG A 605 23.87 -8.88 -30.28
CA ARG A 605 23.87 -10.10 -31.08
C ARG A 605 22.48 -10.70 -30.98
N ILE A 606 22.14 -11.55 -31.96
CA ILE A 606 20.86 -12.23 -31.98
C ILE A 606 21.08 -13.72 -32.15
N PHE A 607 20.06 -14.49 -31.85
CA PHE A 607 20.02 -15.91 -32.14
C PHE A 607 19.05 -16.13 -33.29
N ILE A 608 19.48 -16.90 -34.29
CA ILE A 608 18.63 -17.28 -35.41
C ILE A 608 18.45 -18.79 -35.37
N VAL A 609 17.20 -19.22 -35.24
CA VAL A 609 16.84 -20.63 -35.11
C VAL A 609 16.22 -21.09 -36.41
N VAL A 610 16.77 -22.15 -36.99
CA VAL A 610 16.27 -22.74 -38.23
C VAL A 610 15.98 -24.21 -37.97
N LEU A 611 14.71 -24.60 -38.09
CA LEU A 611 14.25 -25.94 -37.77
C LEU A 611 13.54 -26.53 -38.97
N ASN A 612 14.10 -27.59 -39.55
CA ASN A 612 13.48 -28.27 -40.70
C ASN A 612 12.53 -29.35 -40.19
N PHE A 613 11.24 -29.17 -40.45
CA PHE A 613 10.23 -30.14 -40.08
C PHE A 613 9.71 -30.94 -41.27
N GLY A 614 10.11 -30.60 -42.48
CA GLY A 614 9.80 -31.37 -43.66
C GLY A 614 10.94 -32.32 -43.98
N GLU A 615 11.01 -32.71 -45.25
CA GLU A 615 12.11 -33.55 -45.69
C GLU A 615 13.25 -32.68 -46.18
N SER A 616 14.24 -33.30 -46.82
CA SER A 616 15.50 -32.65 -47.12
C SER A 616 15.32 -31.54 -48.14
N THR A 617 15.74 -30.33 -47.76
CA THR A 617 15.52 -29.12 -48.54
C THR A 617 16.75 -28.24 -48.43
N LEU A 618 16.78 -27.18 -49.25
CA LEU A 618 17.86 -26.21 -49.21
C LEU A 618 17.27 -24.84 -48.93
N LEU A 619 17.98 -24.04 -48.14
CA LEU A 619 17.45 -22.77 -47.65
C LEU A 619 18.35 -21.62 -48.10
N ASN A 620 17.71 -20.56 -48.58
CA ASN A 620 18.36 -19.28 -48.84
C ASN A 620 17.92 -18.32 -47.74
N LEU A 621 18.78 -18.16 -46.73
CA LEU A 621 18.45 -17.29 -45.60
C LEU A 621 18.56 -15.81 -45.94
N HIS A 622 19.20 -15.45 -47.06
CA HIS A 622 19.26 -14.06 -47.49
C HIS A 622 17.88 -13.51 -47.85
N ASN A 623 16.99 -14.37 -48.35
CA ASN A 623 15.66 -13.95 -48.74
C ASN A 623 14.68 -13.88 -47.58
N MET A 624 15.14 -14.11 -46.35
CA MET A 624 14.31 -14.02 -45.17
C MET A 624 14.77 -12.95 -44.18
N ILE A 625 16.08 -12.77 -44.02
CA ILE A 625 16.64 -11.79 -43.10
C ILE A 625 17.63 -10.92 -43.88
N SER A 626 17.42 -9.61 -43.84
CA SER A 626 18.28 -8.67 -44.54
C SER A 626 19.54 -8.36 -43.73
N GLY A 627 20.68 -8.28 -44.42
CA GLY A 627 21.91 -7.86 -43.79
C GLY A 627 22.75 -8.96 -43.18
N LEU A 628 22.73 -10.13 -43.73
CA LEU A 628 23.51 -11.24 -43.19
C LEU A 628 24.84 -11.37 -43.94
N PRO A 629 25.88 -11.87 -43.30
CA PRO A 629 27.14 -12.10 -44.01
C PRO A 629 27.05 -13.30 -44.93
N ALA A 630 28.11 -13.50 -45.71
CA ALA A 630 28.15 -14.61 -46.66
C ALA A 630 28.32 -15.95 -45.98
N LYS A 631 28.84 -15.97 -44.74
CA LYS A 631 29.06 -17.20 -44.01
C LYS A 631 28.71 -16.98 -42.54
N MET A 632 27.98 -17.93 -41.96
CA MET A 632 27.54 -17.83 -40.58
C MET A 632 28.03 -19.04 -39.79
N ARG A 633 28.40 -18.81 -38.53
CA ARG A 633 28.89 -19.86 -37.66
C ARG A 633 27.74 -20.48 -36.88
N ILE A 634 27.77 -21.81 -36.76
CA ILE A 634 26.74 -22.55 -36.04
C ILE A 634 27.09 -22.54 -34.55
N ARG A 635 26.15 -22.10 -33.73
CA ARG A 635 26.33 -22.17 -32.29
C ARG A 635 25.97 -23.56 -31.75
N LEU A 636 24.89 -24.15 -32.26
CA LEU A 636 24.41 -25.43 -31.78
C LEU A 636 23.65 -26.11 -32.90
N SER A 637 23.80 -27.43 -33.00
CA SER A 637 23.18 -28.20 -34.06
C SER A 637 22.61 -29.50 -33.50
N THR A 638 21.55 -29.99 -34.16
CA THR A 638 20.99 -31.29 -33.78
C THR A 638 21.92 -32.43 -34.13
N ASN A 639 22.79 -32.24 -35.12
CA ASN A 639 23.96 -33.09 -35.32
C ASN A 639 25.14 -32.35 -34.72
N SER A 640 25.60 -32.78 -33.54
CA SER A 640 26.59 -32.03 -32.77
C SER A 640 27.99 -32.06 -33.38
N ALA A 641 28.21 -32.84 -34.44
CA ALA A 641 29.44 -32.72 -35.20
C ALA A 641 29.56 -31.35 -35.87
N ASP A 642 28.44 -30.71 -36.17
CA ASP A 642 28.41 -29.40 -36.79
C ASP A 642 28.34 -28.27 -35.76
N LYS A 643 29.24 -28.28 -34.78
CA LYS A 643 29.31 -27.23 -33.79
C LYS A 643 30.57 -26.42 -34.03
N GLY A 644 30.40 -25.13 -34.30
CA GLY A 644 31.49 -24.27 -34.69
C GLY A 644 31.80 -24.28 -36.18
N SER A 645 31.14 -25.13 -36.95
CA SER A 645 31.30 -25.11 -38.39
C SER A 645 30.61 -23.89 -38.98
N LYS A 646 30.99 -23.56 -40.22
CA LYS A 646 30.43 -22.41 -40.92
C LYS A 646 29.70 -22.89 -42.16
N VAL A 647 28.45 -22.45 -42.31
CA VAL A 647 27.68 -22.68 -43.53
C VAL A 647 27.63 -21.36 -44.29
N ASP A 648 27.31 -21.44 -45.57
CA ASP A 648 27.12 -20.24 -46.36
C ASP A 648 25.65 -19.88 -46.39
N THR A 649 25.38 -18.58 -46.31
CA THR A 649 24.02 -18.08 -46.07
C THR A 649 23.10 -18.32 -47.26
N SER A 650 23.65 -18.28 -48.48
CA SER A 650 22.81 -18.41 -49.67
C SER A 650 22.32 -19.85 -49.86
N GLY A 651 23.14 -20.83 -49.52
CA GLY A 651 22.68 -22.20 -49.53
C GLY A 651 22.96 -22.92 -48.23
N ILE A 652 21.91 -23.23 -47.47
CA ILE A 652 22.02 -23.98 -46.23
C ILE A 652 21.30 -25.30 -46.45
N PHE A 653 22.04 -26.40 -46.38
CA PHE A 653 21.47 -27.71 -46.61
C PHE A 653 21.02 -28.32 -45.29
N LEU A 654 19.74 -28.69 -45.22
CA LEU A 654 19.14 -29.23 -44.01
C LEU A 654 18.63 -30.63 -44.29
N ASP A 655 19.09 -31.60 -43.51
CA ASP A 655 18.53 -32.94 -43.54
C ASP A 655 17.14 -32.94 -42.93
N LYS A 656 16.48 -34.09 -43.00
CA LYS A 656 15.18 -34.25 -42.37
C LYS A 656 15.32 -34.25 -40.85
N GLY A 657 14.61 -33.34 -40.19
CA GLY A 657 14.70 -33.21 -38.75
C GLY A 657 15.91 -32.47 -38.25
N GLU A 658 16.52 -31.64 -39.08
CA GLU A 658 17.73 -30.92 -38.69
C GLU A 658 17.37 -29.56 -38.11
N GLY A 659 18.04 -29.20 -37.02
CA GLY A 659 17.87 -27.88 -36.44
C GLY A 659 19.22 -27.23 -36.23
N LEU A 660 19.26 -25.91 -36.44
CA LEU A 660 20.48 -25.13 -36.29
C LEU A 660 20.18 -23.86 -35.50
N ILE A 661 21.15 -23.44 -34.71
CA ILE A 661 21.13 -22.17 -34.00
C ILE A 661 22.34 -21.36 -34.44
N PHE A 662 22.10 -20.15 -34.94
CA PHE A 662 23.15 -19.25 -35.36
C PHE A 662 23.26 -18.10 -34.38
N GLU A 663 24.48 -17.64 -34.13
CA GLU A 663 24.74 -16.44 -33.35
C GLU A 663 25.27 -15.39 -34.33
N HIS A 664 24.57 -14.26 -34.43
CA HIS A 664 24.86 -13.24 -35.43
C HIS A 664 25.01 -11.89 -34.76
N ASN A 665 26.16 -11.25 -34.95
CA ASN A 665 26.42 -9.93 -34.40
C ASN A 665 25.82 -8.86 -35.30
N THR A 666 24.89 -8.08 -34.76
CA THR A 666 24.20 -7.05 -35.53
C THR A 666 23.59 -6.04 -34.57
N LYS A 667 23.19 -4.89 -35.11
CA LYS A 667 22.38 -3.94 -34.37
C LYS A 667 21.00 -3.76 -35.01
N ASN A 668 20.67 -4.61 -35.99
CA ASN A 668 19.38 -4.52 -36.69
C ASN A 668 18.43 -5.52 -36.03
N LEU A 669 17.64 -5.02 -35.09
CA LEU A 669 16.65 -5.84 -34.42
C LEU A 669 15.31 -5.76 -35.15
N LEU A 670 14.63 -6.89 -35.26
CA LEU A 670 13.40 -6.94 -36.06
C LEU A 670 12.23 -6.27 -35.36
N HIS A 671 12.23 -6.21 -34.04
CA HIS A 671 11.11 -5.60 -33.34
C HIS A 671 11.16 -4.08 -33.35
N ARG A 672 12.24 -3.48 -33.83
CA ARG A 672 12.28 -2.05 -34.02
C ARG A 672 11.77 -1.62 -35.39
N GLN A 673 11.85 -2.50 -36.39
CA GLN A 673 11.34 -2.20 -37.71
C GLN A 673 9.82 -2.36 -37.75
N THR A 674 9.16 -1.51 -38.54
CA THR A 674 7.70 -1.53 -38.57
C THR A 674 7.15 -2.66 -39.44
N ALA A 675 7.96 -3.25 -40.31
CA ALA A 675 7.50 -4.36 -41.12
C ALA A 675 7.48 -5.69 -40.36
N PHE A 676 8.10 -5.76 -39.19
CA PHE A 676 8.15 -6.99 -38.41
C PHE A 676 7.54 -6.83 -37.02
N ARG A 677 7.03 -5.64 -36.67
CA ARG A 677 6.56 -5.39 -35.32
C ARG A 677 5.30 -6.17 -34.98
N ASP A 678 4.48 -6.48 -35.98
CA ASP A 678 3.27 -7.26 -35.75
C ASP A 678 3.54 -8.73 -35.46
N ARG A 679 4.76 -9.22 -35.71
CA ARG A 679 5.12 -10.60 -35.44
C ARG A 679 6.19 -10.72 -34.36
N CYS A 680 6.22 -9.78 -33.41
CA CYS A 680 7.20 -9.78 -32.33
C CYS A 680 6.49 -9.71 -30.99
N PHE A 681 7.02 -10.44 -30.00
CA PHE A 681 6.35 -10.62 -28.73
C PHE A 681 7.35 -10.55 -27.57
N VAL A 682 6.91 -10.03 -26.44
CA VAL A 682 7.65 -10.07 -25.17
C VAL A 682 6.74 -10.22 -23.98
N SER A 683 7.31 -10.78 -22.92
CA SER A 683 6.88 -10.61 -21.55
C SER A 683 8.06 -10.04 -20.79
N ASN A 684 7.79 -9.15 -19.84
CA ASN A 684 8.79 -8.52 -18.97
C ASN A 684 9.84 -7.77 -19.79
N ARG A 685 9.35 -6.72 -20.45
CA ARG A 685 10.17 -5.96 -21.40
C ARG A 685 11.26 -5.17 -20.67
N ALA A 686 12.48 -5.29 -21.16
CA ALA A 686 13.61 -4.57 -20.58
C ALA A 686 14.69 -4.40 -21.64
N CYS A 687 15.50 -3.36 -21.47
CA CYS A 687 16.70 -3.16 -22.27
C CYS A 687 17.92 -3.41 -21.41
N TYR A 688 19.05 -3.64 -22.07
CA TYR A 688 20.30 -3.95 -21.39
C TYR A 688 21.27 -2.81 -21.56
N SER A 689 21.89 -2.40 -20.45
CA SER A 689 22.91 -1.36 -20.46
C SER A 689 24.25 -2.03 -20.27
N SER A 690 25.09 -1.99 -21.30
CA SER A 690 26.36 -2.70 -21.24
C SER A 690 27.44 -1.93 -20.50
N VAL A 691 27.28 -0.62 -20.31
CA VAL A 691 28.25 0.16 -19.55
C VAL A 691 28.02 0.02 -18.05
N LEU A 692 26.78 -0.23 -17.64
CA LEU A 692 26.46 -0.38 -16.22
C LEU A 692 26.18 -1.80 -15.81
N ASN A 693 26.06 -2.73 -16.76
CA ASN A 693 25.69 -4.14 -16.54
C ASN A 693 24.36 -4.28 -15.81
N ILE A 694 23.38 -3.47 -16.17
CA ILE A 694 22.05 -3.53 -15.58
C ILE A 694 21.01 -3.71 -16.67
N LEU A 695 19.82 -4.11 -16.25
CA LEU A 695 18.63 -4.04 -17.06
C LEU A 695 17.80 -2.85 -16.59
N TYR A 696 17.17 -2.14 -17.52
CA TYR A 696 16.34 -1.00 -17.18
C TYR A 696 15.09 -1.02 -18.05
N THR A 697 14.04 -0.33 -17.59
CA THR A 697 12.77 -0.37 -18.27
C THR A 697 12.46 0.86 -19.11
N SER A 698 13.16 1.97 -18.90
CA SER A 698 12.88 3.20 -19.63
C SER A 698 13.40 3.04 -21.05
N CYS A 699 12.57 2.44 -21.88
CA CYS A 699 12.94 2.02 -23.23
C CYS A 699 13.15 3.22 -24.16
N LEU B 50 33.41 6.53 35.92
CA LEU B 50 32.91 5.26 35.42
C LEU B 50 33.14 4.14 36.42
N GLY B 51 32.09 3.37 36.70
CA GLY B 51 32.19 2.22 37.57
C GLY B 51 32.54 0.96 36.80
N LEU B 52 32.18 -0.18 37.40
CA LEU B 52 32.39 -1.46 36.73
C LEU B 52 31.28 -1.75 35.75
N ILE B 53 30.03 -1.57 36.17
CA ILE B 53 28.87 -1.90 35.33
C ILE B 53 28.78 -0.98 34.13
N SER B 54 29.06 0.30 34.30
CA SER B 54 29.11 1.21 33.16
C SER B 54 30.37 1.05 32.33
N GLY B 55 31.39 0.34 32.83
CA GLY B 55 32.53 0.02 31.99
C GLY B 55 32.25 -1.09 31.01
N ILE B 56 31.34 -2.00 31.36
CA ILE B 56 30.84 -3.01 30.43
C ILE B 56 30.10 -2.39 29.26
N SER B 57 29.38 -1.29 29.48
CA SER B 57 28.57 -0.65 28.47
C SER B 57 29.38 -0.05 27.32
N ILE B 58 30.62 0.37 27.57
CA ILE B 58 31.43 0.92 26.49
C ILE B 58 32.10 -0.21 25.71
N ILE B 59 32.38 -1.33 26.38
CA ILE B 59 33.00 -2.47 25.72
C ILE B 59 32.01 -3.16 24.78
N VAL B 60 30.78 -3.37 25.26
CA VAL B 60 29.75 -4.01 24.45
C VAL B 60 29.31 -3.09 23.31
N GLY B 61 29.16 -1.80 23.58
CA GLY B 61 28.67 -0.89 22.55
C GLY B 61 29.66 -0.62 21.43
N THR B 62 30.95 -0.82 21.69
CA THR B 62 31.97 -0.67 20.66
C THR B 62 32.15 -1.91 19.81
N ILE B 63 32.08 -3.10 20.43
CA ILE B 63 32.34 -4.33 19.70
C ILE B 63 31.15 -4.72 18.85
N ILE B 64 29.93 -4.66 19.41
CA ILE B 64 28.73 -4.98 18.65
C ILE B 64 28.47 -3.87 17.65
N GLY B 65 28.53 -4.22 16.36
CA GLY B 65 28.42 -3.25 15.30
C GLY B 65 27.67 -3.80 14.11
N SER B 66 28.26 -3.68 12.93
CA SER B 66 27.66 -4.20 11.71
C SER B 66 28.14 -5.61 11.35
N GLY B 67 28.97 -6.23 12.19
CA GLY B 67 29.58 -7.48 11.81
C GLY B 67 28.65 -8.67 11.92
N ILE B 68 27.77 -8.68 12.91
CA ILE B 68 26.86 -9.81 13.10
C ILE B 68 25.76 -9.84 12.05
N PHE B 69 25.57 -8.75 11.31
CA PHE B 69 24.59 -8.71 10.24
C PHE B 69 25.16 -9.09 8.88
N VAL B 70 26.47 -9.30 8.76
CA VAL B 70 27.14 -9.51 7.49
C VAL B 70 27.91 -10.82 7.48
N SER B 71 28.69 -11.07 8.52
CA SER B 71 29.52 -12.27 8.70
C SER B 71 28.89 -13.66 8.78
N PRO B 72 27.63 -13.88 9.21
CA PRO B 72 27.13 -15.27 9.27
C PRO B 72 27.04 -16.01 7.94
N LYS B 73 26.99 -15.31 6.81
CA LYS B 73 26.96 -16.02 5.53
C LYS B 73 28.33 -16.63 5.20
N SER B 74 29.41 -15.92 5.51
CA SER B 74 30.74 -16.37 5.11
C SER B 74 31.43 -17.24 6.16
N VAL B 75 30.96 -17.26 7.40
CA VAL B 75 31.41 -18.29 8.33
C VAL B 75 30.81 -19.63 7.95
N LEU B 76 29.52 -19.65 7.59
CA LEU B 76 28.87 -20.87 7.17
C LEU B 76 29.34 -21.34 5.80
N SER B 77 29.74 -20.42 4.93
CA SER B 77 30.19 -20.81 3.60
C SER B 77 31.53 -21.52 3.61
N ASN B 78 32.32 -21.36 4.66
CA ASN B 78 33.64 -21.98 4.74
C ASN B 78 33.61 -23.28 5.53
N THR B 79 32.90 -23.30 6.64
CA THR B 79 32.61 -24.53 7.38
C THR B 79 31.14 -24.85 7.12
N GLU B 80 30.88 -25.76 6.20
CA GLU B 80 29.58 -25.84 5.55
C GLU B 80 28.50 -26.55 6.37
N ALA B 81 28.67 -26.67 7.68
CA ALA B 81 27.63 -27.24 8.53
C ALA B 81 27.26 -26.25 9.64
N VAL B 82 26.13 -26.51 10.28
CA VAL B 82 25.64 -25.64 11.35
C VAL B 82 26.47 -25.85 12.61
N GLY B 83 26.90 -27.08 12.87
CA GLY B 83 27.65 -27.44 14.05
C GLY B 83 28.99 -26.76 14.21
N PRO B 84 29.89 -26.93 13.23
CA PRO B 84 31.16 -26.19 13.29
C PRO B 84 31.01 -24.69 13.12
N CYS B 85 29.90 -24.19 12.59
CA CYS B 85 29.72 -22.75 12.46
C CYS B 85 29.52 -22.09 13.81
N LEU B 86 28.90 -22.79 14.76
CA LEU B 86 28.73 -22.27 16.11
C LEU B 86 29.96 -22.49 16.98
N ILE B 87 30.81 -23.45 16.64
CA ILE B 87 32.09 -23.60 17.34
C ILE B 87 33.00 -22.43 17.01
N ILE B 88 32.95 -21.95 15.76
CA ILE B 88 33.81 -20.84 15.35
C ILE B 88 33.40 -19.54 16.02
N TRP B 89 32.09 -19.30 16.14
CA TRP B 89 31.62 -18.06 16.77
C TRP B 89 31.88 -18.05 18.26
N ALA B 90 32.14 -19.21 18.87
CA ALA B 90 32.54 -19.24 20.27
C ALA B 90 34.05 -19.13 20.43
N ALA B 91 34.80 -19.67 19.47
CA ALA B 91 36.25 -19.63 19.58
C ALA B 91 36.82 -18.26 19.25
N CYS B 92 36.10 -17.44 18.46
CA CYS B 92 36.52 -16.07 18.27
C CYS B 92 36.21 -15.20 19.48
N GLY B 93 35.25 -15.60 20.32
CA GLY B 93 35.05 -14.88 21.56
C GLY B 93 36.13 -15.16 22.59
N VAL B 94 36.77 -16.32 22.50
CA VAL B 94 37.92 -16.62 23.34
C VAL B 94 39.18 -15.91 22.88
N LEU B 95 39.39 -15.78 21.57
CA LEU B 95 40.53 -15.04 21.05
C LEU B 95 40.40 -13.55 21.33
N ALA B 96 39.17 -13.04 21.37
CA ALA B 96 38.99 -11.61 21.60
C ALA B 96 39.19 -11.24 23.06
N THR B 97 38.90 -12.15 23.98
CA THR B 97 39.12 -11.83 25.38
C THR B 97 40.56 -12.10 25.80
N LEU B 98 41.20 -13.11 25.20
CA LEU B 98 42.60 -13.35 25.52
C LEU B 98 43.50 -12.35 24.81
N GLY B 99 43.02 -11.72 23.74
CA GLY B 99 43.78 -10.67 23.12
C GLY B 99 43.64 -9.35 23.84
N ALA B 100 42.45 -9.08 24.39
CA ALA B 100 42.24 -7.83 25.12
C ALA B 100 42.86 -7.85 26.51
N LEU B 101 43.12 -9.03 27.07
CA LEU B 101 43.85 -9.08 28.33
C LEU B 101 45.34 -8.80 28.12
N CYS B 102 45.86 -9.16 26.95
CA CYS B 102 47.25 -8.84 26.65
C CYS B 102 47.44 -7.37 26.39
N PHE B 103 46.45 -6.71 25.81
CA PHE B 103 46.54 -5.27 25.60
C PHE B 103 46.29 -4.49 26.88
N ALA B 104 45.55 -5.06 27.83
CA ALA B 104 45.34 -4.39 29.10
C ALA B 104 46.59 -4.38 29.96
N GLU B 105 47.46 -5.37 29.78
CA GLU B 105 48.73 -5.36 30.49
C GLU B 105 49.68 -4.30 29.93
N LEU B 106 49.78 -4.22 28.60
CA LEU B 106 50.64 -3.24 27.97
C LEU B 106 50.14 -1.82 28.17
N GLY B 107 48.83 -1.64 28.33
CA GLY B 107 48.28 -0.30 28.47
C GLY B 107 48.47 0.31 29.83
N THR B 108 48.71 -0.49 30.86
CA THR B 108 49.04 0.02 32.17
C THR B 108 50.53 -0.05 32.47
N MET B 109 51.29 -0.72 31.61
CA MET B 109 52.74 -0.81 31.76
C MET B 109 53.46 0.40 31.19
N ILE B 110 53.00 0.90 30.04
CA ILE B 110 53.74 1.86 29.24
C ILE B 110 53.20 3.27 29.40
N THR B 111 51.88 3.44 29.28
CA THR B 111 51.13 4.67 29.61
C THR B 111 51.56 5.82 28.68
N LYS B 112 51.55 5.53 27.39
CA LYS B 112 51.70 6.55 26.35
C LYS B 112 50.56 6.36 25.37
N SER B 113 50.01 7.46 24.88
CA SER B 113 48.83 7.36 24.03
C SER B 113 49.24 6.96 22.61
N GLY B 114 48.25 6.74 21.78
CA GLY B 114 48.42 6.11 20.50
C GLY B 114 47.61 4.83 20.41
N GLY B 115 48.13 3.88 19.66
CA GLY B 115 47.51 2.57 19.63
C GLY B 115 48.47 1.50 20.07
N GLU B 116 48.82 0.62 19.13
CA GLU B 116 49.92 -0.31 19.29
C GLU B 116 51.26 0.34 19.03
N TYR B 117 51.26 1.62 18.65
CA TYR B 117 52.48 2.30 18.27
C TYR B 117 53.47 2.49 19.43
N PRO B 118 53.10 2.95 20.63
CA PRO B 118 54.10 2.96 21.71
C PRO B 118 54.42 1.58 22.25
N TYR B 119 53.59 0.57 22.02
CA TYR B 119 53.92 -0.77 22.48
C TYR B 119 54.95 -1.42 21.57
N LEU B 120 54.93 -1.09 20.28
CA LEU B 120 55.89 -1.66 19.35
C LEU B 120 57.22 -0.92 19.40
N MET B 121 57.21 0.35 19.81
CA MET B 121 58.45 1.10 19.90
C MET B 121 59.27 0.65 21.09
N GLU B 122 58.62 0.30 22.20
CA GLU B 122 59.35 -0.14 23.39
C GLU B 122 59.94 -1.53 23.22
N ALA B 123 59.36 -2.35 22.34
CA ALA B 123 59.77 -3.74 22.26
C ALA B 123 60.79 -4.00 21.16
N TYR B 124 60.59 -3.44 19.97
CA TYR B 124 61.46 -3.72 18.84
C TYR B 124 62.26 -2.54 18.34
N GLY B 125 61.82 -1.32 18.59
CA GLY B 125 62.49 -0.16 18.06
C GLY B 125 61.61 0.62 17.12
N PRO B 126 62.22 1.37 16.22
CA PRO B 126 61.43 2.28 15.37
C PRO B 126 60.93 1.65 14.08
N ILE B 127 61.44 0.48 13.69
CA ILE B 127 61.05 -0.08 12.39
C ILE B 127 59.64 -0.69 12.43
N PRO B 128 59.27 -1.62 13.33
CA PRO B 128 57.88 -2.09 13.30
C PRO B 128 56.90 -1.10 13.90
N ALA B 129 57.37 -0.07 14.60
CA ALA B 129 56.48 1.01 15.00
C ALA B 129 56.12 1.89 13.81
N TYR B 130 57.09 2.15 12.93
CA TYR B 130 56.81 2.91 11.72
C TYR B 130 55.90 2.15 10.77
N LEU B 131 56.08 0.83 10.68
CA LEU B 131 55.28 0.03 9.77
C LEU B 131 53.85 -0.10 10.25
N PHE B 132 53.60 0.06 11.55
CA PHE B 132 52.22 0.02 12.04
C PHE B 132 51.49 1.31 11.69
N SER B 133 52.14 2.46 11.83
CA SER B 133 51.48 3.72 11.53
C SER B 133 51.30 3.91 10.04
N TRP B 134 52.14 3.26 9.24
CA TRP B 134 51.96 3.27 7.79
C TRP B 134 50.84 2.32 7.38
N ALA B 135 50.81 1.12 7.94
CA ALA B 135 49.78 0.15 7.55
C ALA B 135 48.42 0.47 8.16
N SER B 136 48.37 1.29 9.20
CA SER B 136 47.06 1.73 9.66
C SER B 136 46.58 2.96 8.92
N LEU B 137 47.49 3.68 8.26
CA LEU B 137 47.09 4.86 7.51
C LEU B 137 46.46 4.48 6.17
N ILE B 138 47.05 3.53 5.45
CA ILE B 138 46.63 3.23 4.10
C ILE B 138 45.87 1.92 3.96
N VAL B 139 45.94 1.03 4.94
CA VAL B 139 45.31 -0.29 4.83
C VAL B 139 44.21 -0.48 5.88
N ILE B 140 44.56 -0.34 7.16
CA ILE B 140 43.68 -0.85 8.21
C ILE B 140 42.48 0.08 8.42
N LYS B 141 42.73 1.37 8.63
CA LYS B 141 41.64 2.30 8.89
C LYS B 141 40.75 2.66 7.69
N PRO B 142 41.25 2.82 6.45
CA PRO B 142 40.29 3.04 5.36
C PRO B 142 39.52 1.80 4.92
N THR B 143 40.03 0.59 5.15
CA THR B 143 39.26 -0.60 4.79
C THR B 143 38.16 -0.88 5.80
N SER B 144 38.40 -0.54 7.08
CA SER B 144 37.33 -0.60 8.07
C SER B 144 36.19 0.34 7.72
N PHE B 145 36.52 1.52 7.21
CA PHE B 145 35.49 2.48 6.80
C PHE B 145 34.80 2.03 5.52
N ALA B 146 35.47 1.23 4.70
CA ALA B 146 34.88 0.77 3.46
C ALA B 146 33.97 -0.43 3.67
N ILE B 147 34.30 -1.34 4.61
CA ILE B 147 33.47 -2.50 4.86
C ILE B 147 32.15 -2.09 5.51
N ILE B 148 32.20 -1.13 6.44
CA ILE B 148 31.01 -0.69 7.15
C ILE B 148 30.05 0.05 6.20
N CYS B 149 30.59 0.92 5.35
CA CYS B 149 29.75 1.66 4.42
C CYS B 149 29.22 0.76 3.30
N LEU B 150 29.94 -0.31 2.96
CA LEU B 150 29.38 -1.31 2.05
C LEU B 150 28.34 -2.16 2.76
N SER B 151 28.48 -2.35 4.07
CA SER B 151 27.49 -3.11 4.83
C SER B 151 26.22 -2.33 5.04
N PHE B 152 26.32 -1.00 5.07
CA PHE B 152 25.13 -0.14 5.13
C PHE B 152 24.34 -0.24 3.84
N SER B 153 25.03 -0.36 2.70
CA SER B 153 24.38 -0.33 1.41
C SER B 153 23.75 -1.66 1.04
N GLU B 154 24.24 -2.77 1.60
CA GLU B 154 23.60 -4.07 1.39
C GLU B 154 22.22 -4.14 2.00
N TYR B 155 21.98 -3.36 3.05
CA TYR B 155 20.72 -3.41 3.77
C TYR B 155 19.73 -2.34 3.33
N VAL B 156 20.19 -1.26 2.72
CA VAL B 156 19.26 -0.29 2.15
C VAL B 156 18.72 -0.80 0.82
N CYS B 157 19.56 -1.47 0.04
CA CYS B 157 19.15 -1.89 -1.30
C CYS B 157 18.33 -3.16 -1.31
N ALA B 158 18.57 -4.09 -0.38
CA ALA B 158 17.95 -5.42 -0.40
C ALA B 158 16.43 -5.50 -0.25
N PRO B 159 15.73 -4.65 0.52
CA PRO B 159 14.26 -4.72 0.49
C PRO B 159 13.62 -4.27 -0.81
N PHE B 160 14.33 -3.55 -1.67
CA PHE B 160 13.80 -3.18 -2.97
C PHE B 160 14.03 -4.22 -4.05
N TYR B 161 14.78 -5.27 -3.75
CA TYR B 161 15.04 -6.37 -4.67
C TYR B 161 14.64 -7.64 -3.95
N VAL B 162 13.35 -7.98 -4.03
CA VAL B 162 12.76 -8.91 -3.06
C VAL B 162 13.24 -10.34 -3.28
N GLY B 163 13.07 -10.90 -4.47
CA GLY B 163 13.60 -12.23 -4.71
C GLY B 163 14.82 -12.25 -5.57
N CYS B 164 15.62 -11.19 -5.54
CA CYS B 164 16.49 -10.88 -6.65
C CYS B 164 17.83 -10.40 -6.09
N LYS B 165 18.80 -10.27 -6.94
CA LYS B 165 20.09 -9.77 -6.47
C LYS B 165 20.32 -8.37 -7.00
N PRO B 166 20.57 -7.39 -6.13
CA PRO B 166 20.77 -6.02 -6.60
C PRO B 166 22.09 -5.90 -7.33
N PRO B 167 22.13 -5.11 -8.41
CA PRO B 167 23.36 -5.00 -9.19
C PRO B 167 24.43 -4.25 -8.43
N GLN B 168 25.69 -4.55 -8.76
CA GLN B 168 26.83 -4.02 -8.04
C GLN B 168 27.00 -2.52 -8.20
N ILE B 169 26.42 -1.91 -9.24
CA ILE B 169 26.55 -0.48 -9.40
C ILE B 169 25.69 0.28 -8.40
N VAL B 170 24.62 -0.33 -7.90
CA VAL B 170 23.77 0.34 -6.91
C VAL B 170 24.33 0.15 -5.52
N VAL B 171 24.95 -1.00 -5.27
CA VAL B 171 25.59 -1.23 -3.98
C VAL B 171 26.79 -0.31 -3.82
N LYS B 172 27.57 -0.13 -4.87
CA LYS B 172 28.79 0.67 -4.76
C LYS B 172 28.51 2.16 -4.81
N CYS B 173 27.53 2.61 -5.59
CA CYS B 173 27.33 4.05 -5.66
C CYS B 173 26.43 4.57 -4.55
N LEU B 174 25.87 3.70 -3.73
CA LEU B 174 25.25 4.10 -2.49
C LEU B 174 26.20 4.00 -1.31
N ALA B 175 27.17 3.09 -1.36
CA ALA B 175 28.22 3.06 -0.35
C ALA B 175 29.18 4.22 -0.53
N ALA B 176 29.42 4.66 -1.77
CA ALA B 176 30.26 5.82 -2.00
C ALA B 176 29.58 7.10 -1.55
N ALA B 177 28.26 7.17 -1.62
CA ALA B 177 27.55 8.33 -1.10
C ALA B 177 27.49 8.37 0.41
N ALA B 178 27.71 7.24 1.08
CA ALA B 178 27.78 7.24 2.53
C ALA B 178 29.16 7.60 3.04
N ILE B 179 30.21 7.26 2.29
CA ILE B 179 31.56 7.66 2.66
C ILE B 179 31.71 9.17 2.54
N LEU B 180 31.19 9.76 1.46
CA LEU B 180 31.31 11.19 1.26
C LEU B 180 30.42 11.99 2.20
N PHE B 181 29.26 11.45 2.57
CA PHE B 181 28.37 12.16 3.48
C PHE B 181 28.87 12.15 4.92
N ILE B 182 29.42 11.03 5.36
CA ILE B 182 29.97 10.95 6.72
C ILE B 182 31.27 11.74 6.82
N SER B 183 32.09 11.75 5.77
CA SER B 183 33.29 12.57 5.77
C SER B 183 32.98 14.06 5.72
N THR B 184 31.82 14.44 5.17
CA THR B 184 31.47 15.85 5.12
C THR B 184 30.89 16.32 6.46
N VAL B 185 30.08 15.47 7.10
CA VAL B 185 29.48 15.84 8.38
C VAL B 185 30.54 15.91 9.47
N ASN B 186 31.47 14.97 9.51
CA ASN B 186 32.48 14.95 10.55
C ASN B 186 33.58 15.98 10.34
N SER B 187 33.66 16.58 9.17
CA SER B 187 34.64 17.62 8.90
C SER B 187 34.09 19.03 9.09
N LEU B 188 32.84 19.16 9.52
CA LEU B 188 32.19 20.46 9.66
C LEU B 188 31.61 20.70 11.04
N SER B 189 31.16 19.65 11.72
CA SER B 189 30.19 19.76 12.80
C SER B 189 30.58 18.86 13.97
N VAL B 190 31.75 19.11 14.55
CA VAL B 190 32.43 18.31 15.58
C VAL B 190 31.53 17.80 16.72
N ARG B 191 30.50 18.56 17.09
CA ARG B 191 29.58 18.11 18.12
C ARG B 191 28.36 17.38 17.57
N LEU B 192 28.07 17.51 16.26
CA LEU B 192 26.87 16.88 15.72
C LEU B 192 27.01 15.37 15.61
N GLY B 193 28.22 14.87 15.39
CA GLY B 193 28.44 13.44 15.30
C GLY B 193 28.22 12.70 16.61
N SER B 194 28.40 13.37 17.73
CA SER B 194 28.25 12.72 19.04
C SER B 194 26.83 12.81 19.59
N TYR B 195 26.01 13.75 19.12
CA TYR B 195 24.64 13.82 19.59
C TYR B 195 23.77 12.75 18.94
N VAL B 196 23.98 12.50 17.64
CA VAL B 196 23.22 11.45 16.95
C VAL B 196 23.77 10.06 17.25
N GLN B 197 24.94 9.97 17.87
CA GLN B 197 25.50 8.66 18.23
C GLN B 197 24.71 7.99 19.34
N ASN B 198 24.02 8.76 20.17
CA ASN B 198 23.25 8.16 21.26
C ASN B 198 21.97 7.51 20.75
N ILE B 199 21.40 8.00 19.65
CA ILE B 199 20.24 7.36 19.05
C ILE B 199 20.61 6.31 18.03
N PHE B 200 21.90 6.21 17.66
CA PHE B 200 22.35 5.09 16.86
C PHE B 200 22.73 3.88 17.72
N THR B 201 23.23 4.12 18.92
CA THR B 201 23.46 3.04 19.88
C THR B 201 22.13 2.50 20.40
N ALA B 202 21.14 3.38 20.59
CA ALA B 202 19.83 2.94 21.04
C ALA B 202 19.11 2.13 19.98
N ALA B 203 19.28 2.46 18.70
CA ALA B 203 18.66 1.67 17.65
C ALA B 203 19.42 0.39 17.37
N LYS B 204 20.66 0.28 17.84
CA LYS B 204 21.47 -0.90 17.57
C LYS B 204 21.05 -2.06 18.47
N LEU B 205 20.93 -1.81 19.77
CA LEU B 205 20.61 -2.86 20.73
C LEU B 205 19.12 -3.08 20.90
N VAL B 206 18.28 -2.35 20.17
CA VAL B 206 16.87 -2.74 20.04
C VAL B 206 16.72 -3.88 19.06
N ILE B 207 17.35 -3.77 17.88
CA ILE B 207 17.25 -4.84 16.88
C ILE B 207 18.07 -6.06 17.26
N VAL B 208 19.04 -5.92 18.18
CA VAL B 208 19.74 -7.10 18.68
C VAL B 208 18.85 -7.88 19.63
N ALA B 209 18.11 -7.16 20.49
CA ALA B 209 17.22 -7.80 21.44
C ALA B 209 15.98 -8.40 20.79
N ILE B 210 15.57 -7.87 19.63
CA ILE B 210 14.43 -8.45 18.92
C ILE B 210 14.81 -9.79 18.30
N ILE B 211 16.03 -9.89 17.78
CA ILE B 211 16.45 -11.13 17.11
C ILE B 211 16.74 -12.23 18.14
N ILE B 212 17.33 -11.87 19.29
CA ILE B 212 17.69 -12.85 20.30
C ILE B 212 16.43 -13.41 20.97
N ILE B 213 15.48 -12.56 21.29
CA ILE B 213 14.27 -12.99 22.00
C ILE B 213 13.35 -13.78 21.07
N SER B 214 13.19 -13.33 19.83
CA SER B 214 12.36 -14.06 18.87
C SER B 214 12.95 -15.40 18.48
N GLY B 215 14.27 -15.58 18.64
CA GLY B 215 14.86 -16.88 18.40
C GLY B 215 14.70 -17.84 19.56
N LEU B 216 14.56 -17.33 20.78
CA LEU B 216 14.31 -18.20 21.92
C LEU B 216 12.85 -18.62 22.02
N VAL B 217 11.93 -17.78 21.53
CA VAL B 217 10.52 -18.12 21.54
C VAL B 217 10.24 -19.21 20.50
N LEU B 218 10.80 -19.08 19.30
CA LEU B 218 10.58 -20.07 18.26
C LEU B 218 11.31 -21.38 18.53
N LEU B 219 12.43 -21.32 19.25
CA LEU B 219 13.13 -22.54 19.61
C LEU B 219 12.38 -23.30 20.70
N ALA B 220 11.61 -22.58 21.52
CA ALA B 220 10.77 -23.22 22.52
C ALA B 220 9.60 -23.96 21.91
N GLN B 221 9.06 -23.48 20.79
CA GLN B 221 7.91 -24.10 20.17
C GLN B 221 8.27 -25.33 19.35
N GLY B 222 9.55 -25.65 19.20
CA GLY B 222 9.93 -26.89 18.57
C GLY B 222 10.52 -26.76 17.18
N ASN B 223 11.08 -25.59 16.87
CA ASN B 223 11.68 -25.34 15.56
C ASN B 223 13.18 -25.69 15.59
N THR B 224 13.46 -26.94 15.93
CA THR B 224 14.83 -27.40 16.14
C THR B 224 15.29 -28.37 15.05
N LYS B 225 14.66 -28.36 13.89
CA LYS B 225 14.95 -29.41 12.91
C LYS B 225 16.16 -29.07 12.05
N ASN B 226 16.71 -27.87 12.16
CA ASN B 226 17.91 -27.53 11.43
C ASN B 226 19.19 -27.89 12.18
N PHE B 227 19.10 -28.21 13.46
CA PHE B 227 20.25 -28.59 14.27
C PHE B 227 20.39 -30.09 14.43
N ASP B 228 19.80 -30.88 13.53
CA ASP B 228 19.61 -32.30 13.82
C ASP B 228 20.89 -33.09 13.67
N ASN B 229 21.55 -32.95 12.53
CA ASN B 229 22.76 -33.71 12.23
C ASN B 229 23.88 -32.73 11.93
N SER B 230 24.11 -31.81 12.86
CA SER B 230 24.96 -30.62 12.82
C SER B 230 26.38 -30.87 12.34
N PHE B 231 26.90 -32.08 12.32
CA PHE B 231 28.31 -32.29 12.01
C PHE B 231 28.49 -33.18 10.79
N GLU B 232 27.54 -33.16 9.86
CA GLU B 232 27.66 -33.91 8.61
C GLU B 232 27.96 -32.93 7.48
N GLY B 233 29.17 -33.02 6.94
CA GLY B 233 29.59 -32.18 5.83
C GLY B 233 30.38 -31.02 6.36
N ALA B 234 31.70 -31.13 6.34
CA ALA B 234 32.54 -30.13 6.97
C ALA B 234 33.89 -30.12 6.28
N GLN B 235 34.76 -29.22 6.73
CA GLN B 235 36.10 -29.09 6.17
C GLN B 235 37.11 -29.12 7.31
N LEU B 236 37.98 -30.12 7.31
CA LEU B 236 39.24 -30.02 8.05
C LEU B 236 40.33 -29.56 7.09
N SER B 237 40.11 -28.36 6.56
CA SER B 237 41.08 -27.69 5.71
C SER B 237 41.56 -26.46 6.45
N VAL B 238 42.88 -26.22 6.42
CA VAL B 238 43.42 -25.05 7.11
C VAL B 238 43.29 -23.77 6.30
N GLY B 239 42.64 -23.82 5.13
CA GLY B 239 42.30 -22.61 4.42
C GLY B 239 40.84 -22.25 4.61
N ALA B 240 40.01 -23.25 4.91
CA ALA B 240 38.59 -22.99 5.12
C ALA B 240 38.32 -22.67 6.59
N ILE B 241 39.08 -23.28 7.50
CA ILE B 241 38.97 -22.92 8.91
C ILE B 241 39.53 -21.53 9.13
N SER B 242 40.62 -21.19 8.43
CA SER B 242 41.26 -19.89 8.62
C SER B 242 40.43 -18.74 8.09
N LEU B 243 39.64 -18.97 7.02
CA LEU B 243 38.80 -17.91 6.49
C LEU B 243 37.50 -17.76 7.27
N ALA B 244 37.06 -18.79 7.98
CA ALA B 244 35.95 -18.63 8.91
C ALA B 244 36.37 -17.86 10.14
N PHE B 245 37.66 -17.86 10.46
CA PHE B 245 38.16 -17.07 11.59
C PHE B 245 38.36 -15.61 11.20
N TYR B 246 38.61 -15.33 9.93
CA TYR B 246 38.73 -13.95 9.47
C TYR B 246 37.40 -13.23 9.58
N ASN B 247 36.33 -13.86 9.11
CA ASN B 247 35.03 -13.22 9.13
C ASN B 247 34.38 -13.25 10.50
N GLY B 248 34.74 -14.23 11.33
CA GLY B 248 34.24 -14.26 12.69
C GLY B 248 34.88 -13.20 13.56
N LEU B 249 36.17 -12.95 13.37
CA LEU B 249 36.87 -11.95 14.15
C LEU B 249 36.64 -10.53 13.65
N TRP B 250 36.02 -10.35 12.48
CA TRP B 250 35.64 -9.01 12.05
C TRP B 250 34.48 -8.48 12.91
N ALA B 251 33.56 -9.35 13.29
CA ALA B 251 32.46 -8.95 14.15
C ALA B 251 32.89 -8.70 15.59
N TYR B 252 34.08 -9.15 15.97
CA TYR B 252 34.65 -8.90 17.29
C TYR B 252 35.63 -7.75 17.29
N ASP B 253 35.79 -7.06 16.16
CA ASP B 253 36.81 -6.02 16.05
C ASP B 253 36.44 -4.81 16.88
N GLY B 254 37.44 -4.23 17.55
CA GLY B 254 37.22 -3.23 18.56
C GLY B 254 37.70 -3.62 19.94
N TRP B 255 38.29 -4.81 20.11
CA TRP B 255 38.81 -5.20 21.41
C TRP B 255 40.18 -4.59 21.70
N ASN B 256 40.88 -4.11 20.68
CA ASN B 256 42.19 -3.51 20.88
C ASN B 256 42.11 -2.01 21.17
N GLN B 257 41.01 -1.35 20.82
CA GLN B 257 40.80 0.05 21.18
C GLN B 257 40.16 0.21 22.55
N LEU B 258 40.19 -0.84 23.37
CA LEU B 258 39.49 -0.80 24.64
C LEU B 258 40.32 -0.18 25.74
N ASN B 259 41.59 0.10 25.47
CA ASN B 259 42.52 0.42 26.55
C ASN B 259 42.33 1.83 27.06
N TYR B 260 42.18 2.81 26.15
CA TYR B 260 42.44 4.19 26.51
C TYR B 260 41.22 4.88 27.11
N ILE B 261 40.06 4.74 26.46
CA ILE B 261 38.85 5.41 26.95
C ILE B 261 38.25 4.70 28.17
N THR B 262 38.73 3.50 28.52
CA THR B 262 38.29 2.86 29.74
C THR B 262 39.38 2.80 30.81
N GLU B 263 40.31 3.77 30.81
CA GLU B 263 41.17 3.96 31.97
C GLU B 263 40.57 4.92 33.00
N GLU B 264 39.40 5.47 32.72
CA GLU B 264 38.75 6.45 33.58
C GLU B 264 37.80 5.77 34.55
N LEU B 265 38.30 4.77 35.25
CA LEU B 265 37.49 3.97 36.15
C LEU B 265 37.78 4.33 37.60
N ARG B 266 36.85 3.95 38.48
CA ARG B 266 36.96 4.28 39.90
C ARG B 266 38.11 3.54 40.57
N ASN B 267 38.48 2.36 40.06
CA ASN B 267 39.63 1.63 40.57
C ASN B 267 40.18 0.79 39.44
N PRO B 268 41.10 1.34 38.65
CA PRO B 268 41.76 0.53 37.62
C PRO B 268 42.71 -0.46 38.25
N TYR B 269 43.24 -1.35 37.39
CA TYR B 269 44.05 -2.54 37.65
C TYR B 269 43.27 -3.66 38.33
N ARG B 270 42.00 -3.43 38.67
CA ARG B 270 41.05 -4.48 38.98
C ARG B 270 39.79 -4.39 38.13
N ASN B 271 39.28 -3.19 37.90
CA ASN B 271 38.05 -3.04 37.11
C ASN B 271 38.29 -3.09 35.62
N LEU B 272 39.51 -2.87 35.16
CA LEU B 272 39.78 -3.05 33.73
C LEU B 272 39.91 -4.53 33.34
N PRO B 273 40.68 -5.41 34.02
CA PRO B 273 40.64 -6.82 33.63
C PRO B 273 39.35 -7.51 34.00
N LEU B 274 38.55 -6.96 34.91
CA LEU B 274 37.24 -7.54 35.18
C LEU B 274 36.18 -7.10 34.18
N ALA B 275 36.39 -5.98 33.49
CA ALA B 275 35.47 -5.58 32.43
C ALA B 275 35.70 -6.36 31.15
N ILE B 276 36.83 -7.06 31.04
CA ILE B 276 37.10 -7.84 29.83
C ILE B 276 36.58 -9.27 29.98
N ILE B 277 36.69 -9.85 31.18
CA ILE B 277 36.15 -11.19 31.42
C ILE B 277 34.63 -11.18 31.44
N ILE B 278 34.01 -10.04 31.73
CA ILE B 278 32.56 -9.92 31.71
C ILE B 278 32.06 -9.35 30.40
N GLY B 279 32.76 -8.36 29.84
CA GLY B 279 32.21 -7.60 28.73
C GLY B 279 32.21 -8.36 27.40
N ILE B 280 33.35 -8.95 27.06
CA ILE B 280 33.48 -9.64 25.77
C ILE B 280 32.83 -11.04 25.78
N PRO B 281 32.90 -11.88 26.83
CA PRO B 281 32.05 -13.08 26.82
C PRO B 281 30.56 -12.80 26.97
N LEU B 282 30.15 -11.57 27.28
CA LEU B 282 28.75 -11.22 27.12
C LEU B 282 28.41 -10.92 25.67
N VAL B 283 29.38 -10.43 24.90
CA VAL B 283 29.19 -10.26 23.46
C VAL B 283 29.18 -11.63 22.77
N THR B 284 30.00 -12.56 23.25
CA THR B 284 30.02 -13.91 22.69
C THR B 284 28.70 -14.64 22.95
N ALA B 285 28.05 -14.34 24.08
CA ALA B 285 26.74 -14.89 24.32
C ALA B 285 25.68 -14.27 23.43
N CYS B 286 25.84 -13.03 23.00
CA CYS B 286 24.88 -12.45 22.07
C CYS B 286 25.12 -12.88 20.63
N TYR B 287 26.36 -13.21 20.28
CA TYR B 287 26.65 -13.59 18.91
C TYR B 287 26.27 -15.04 18.63
N ILE B 288 26.39 -15.92 19.62
CA ILE B 288 25.95 -17.29 19.45
C ILE B 288 24.42 -17.36 19.43
N LEU B 289 23.76 -16.57 20.28
CA LEU B 289 22.31 -16.57 20.32
C LEU B 289 21.67 -15.96 19.08
N MET B 290 22.33 -14.99 18.44
CA MET B 290 21.78 -14.48 17.19
C MET B 290 21.97 -15.46 16.04
N ASN B 291 23.06 -16.21 16.02
CA ASN B 291 23.25 -17.23 15.00
C ASN B 291 22.36 -18.44 15.22
N VAL B 292 22.03 -18.76 16.48
CA VAL B 292 21.02 -19.78 16.74
C VAL B 292 19.64 -19.29 16.31
N SER B 293 19.38 -18.00 16.50
CA SER B 293 18.12 -17.40 16.07
C SER B 293 17.98 -17.35 14.55
N TYR B 294 19.09 -17.37 13.82
CA TYR B 294 18.98 -17.41 12.37
C TYR B 294 18.62 -18.80 11.89
N PHE B 295 19.17 -19.83 12.52
CA PHE B 295 18.97 -21.20 12.08
C PHE B 295 17.66 -21.80 12.55
N THR B 296 16.82 -21.06 13.24
CA THR B 296 15.48 -21.55 13.54
C THR B 296 14.49 -21.26 12.43
N VAL B 297 14.71 -20.21 11.65
CA VAL B 297 13.84 -19.89 10.51
C VAL B 297 14.50 -20.16 9.18
N MET B 298 15.78 -20.48 9.14
CA MET B 298 16.50 -20.64 7.89
C MET B 298 17.24 -21.96 7.89
N THR B 299 17.24 -22.62 6.74
CA THR B 299 18.14 -23.73 6.53
C THR B 299 19.54 -23.17 6.29
N ALA B 300 20.55 -24.03 6.41
CA ALA B 300 21.90 -23.61 6.04
C ALA B 300 22.04 -23.33 4.55
N THR B 301 21.15 -23.86 3.72
CA THR B 301 21.15 -23.55 2.30
C THR B 301 20.47 -22.21 2.02
N GLU B 302 19.40 -21.87 2.75
CA GLU B 302 18.75 -20.59 2.54
C GLU B 302 19.57 -19.43 3.07
N LEU B 303 20.46 -19.70 4.03
CA LEU B 303 21.29 -18.63 4.56
C LEU B 303 22.43 -18.31 3.61
N LEU B 304 22.88 -19.29 2.82
CA LEU B 304 23.92 -19.01 1.83
C LEU B 304 23.36 -18.27 0.63
N GLN B 305 22.12 -18.56 0.26
CA GLN B 305 21.47 -17.88 -0.87
C GLN B 305 20.65 -16.69 -0.38
N SER B 306 21.27 -15.80 0.38
CA SER B 306 20.55 -14.68 0.99
C SER B 306 21.45 -13.46 0.94
N GLN B 307 20.86 -12.34 0.48
CA GLN B 307 21.65 -11.12 0.32
C GLN B 307 22.02 -10.51 1.65
N ALA B 308 21.01 -10.12 2.43
CA ALA B 308 21.20 -9.64 3.79
C ALA B 308 20.52 -10.63 4.71
N VAL B 309 21.26 -11.14 5.69
CA VAL B 309 20.77 -12.26 6.48
C VAL B 309 19.70 -11.84 7.47
N ALA B 310 19.65 -10.55 7.83
CA ALA B 310 18.66 -10.11 8.79
C ALA B 310 17.37 -9.65 8.14
N VAL B 311 17.40 -9.26 6.87
CA VAL B 311 16.13 -8.98 6.20
C VAL B 311 15.43 -10.26 5.81
N THR B 312 16.15 -11.38 5.71
CA THR B 312 15.52 -12.66 5.48
C THR B 312 14.86 -13.17 6.75
N PHE B 313 15.52 -12.96 7.89
CA PHE B 313 14.93 -13.29 9.19
C PHE B 313 13.68 -12.46 9.45
N GLY B 314 13.75 -11.16 9.19
CA GLY B 314 12.63 -10.28 9.48
C GLY B 314 11.47 -10.41 8.54
N ASP B 315 11.62 -11.18 7.46
CA ASP B 315 10.52 -11.45 6.55
C ASP B 315 9.73 -12.69 6.94
N ARG B 316 10.31 -13.57 7.74
CA ARG B 316 9.67 -14.80 8.16
C ARG B 316 9.07 -14.73 9.54
N VAL B 317 9.46 -13.74 10.34
CA VAL B 317 9.07 -13.65 11.74
C VAL B 317 8.17 -12.45 11.98
N LEU B 318 8.53 -11.30 11.44
CA LEU B 318 7.77 -10.06 11.60
C LEU B 318 7.22 -9.70 10.24
N TYR B 319 6.07 -10.28 9.86
CA TYR B 319 5.59 -10.03 8.50
C TYR B 319 5.01 -8.62 8.32
N PRO B 320 3.99 -8.15 9.06
CA PRO B 320 3.37 -6.88 8.67
C PRO B 320 4.20 -5.65 8.97
N ALA B 321 5.35 -5.79 9.63
CA ALA B 321 6.27 -4.70 9.90
C ALA B 321 7.70 -5.13 9.63
N SER B 322 7.93 -5.74 8.47
CA SER B 322 9.26 -6.28 8.13
C SER B 322 10.28 -5.21 7.80
N TRP B 323 9.86 -3.96 7.61
CA TRP B 323 10.76 -2.89 7.22
C TRP B 323 11.54 -2.31 8.40
N ILE B 324 11.30 -2.78 9.62
CA ILE B 324 12.05 -2.26 10.75
C ILE B 324 13.43 -2.89 10.85
N VAL B 325 13.66 -4.02 10.19
CA VAL B 325 14.99 -4.60 10.17
C VAL B 325 15.92 -3.88 9.19
N PRO B 326 15.53 -3.51 7.95
CA PRO B 326 16.44 -2.66 7.17
C PRO B 326 16.51 -1.23 7.66
N LEU B 327 15.64 -0.80 8.56
CA LEU B 327 15.70 0.56 9.08
C LEU B 327 16.63 0.67 10.29
N PHE B 328 16.60 -0.30 11.21
CA PHE B 328 17.44 -0.22 12.38
C PHE B 328 18.86 -0.70 12.12
N VAL B 329 19.05 -1.67 11.22
CA VAL B 329 20.39 -2.12 10.89
C VAL B 329 21.13 -1.05 10.10
N ALA B 330 20.42 -0.31 9.25
CA ALA B 330 21.04 0.80 8.54
C ALA B 330 21.37 1.96 9.47
N PHE B 331 20.58 2.16 10.53
CA PHE B 331 20.94 3.17 11.53
C PHE B 331 22.10 2.71 12.39
N SER B 332 22.15 1.40 12.70
CA SER B 332 23.26 0.86 13.47
C SER B 332 24.56 0.85 12.70
N THR B 333 24.51 0.84 11.36
CA THR B 333 25.71 0.73 10.55
C THR B 333 26.39 2.07 10.31
N ILE B 334 25.63 3.12 10.02
CA ILE B 334 26.26 4.43 9.90
C ILE B 334 26.58 5.02 11.25
N GLY B 335 26.04 4.44 12.34
CA GLY B 335 26.55 4.76 13.65
C GLY B 335 27.91 4.15 13.93
N ALA B 336 28.20 3.00 13.32
CA ALA B 336 29.52 2.40 13.43
C ALA B 336 30.56 3.10 12.57
N ALA B 337 30.13 3.73 11.47
CA ALA B 337 31.03 4.50 10.63
C ALA B 337 31.25 5.91 11.14
N ASN B 338 30.26 6.47 11.83
CA ASN B 338 30.41 7.81 12.39
C ASN B 338 31.30 7.79 13.62
N GLY B 339 31.42 6.66 14.30
CA GLY B 339 32.25 6.57 15.48
C GLY B 339 33.73 6.54 15.20
N THR B 340 34.15 6.03 14.04
CA THR B 340 35.57 5.92 13.75
C THR B 340 36.17 7.26 13.35
N CYS B 341 35.34 8.19 12.87
CA CYS B 341 35.85 9.49 12.45
C CYS B 341 36.06 10.44 13.63
N PHE B 342 35.68 10.04 14.85
CA PHE B 342 35.97 10.87 16.01
C PHE B 342 37.45 10.82 16.37
N THR B 343 38.01 9.61 16.43
CA THR B 343 39.39 9.41 16.83
C THR B 343 40.37 9.52 15.67
N ALA B 344 39.96 10.11 14.55
CA ALA B 344 40.86 10.30 13.42
C ALA B 344 41.89 11.37 13.75
N GLY B 345 43.15 10.96 13.87
CA GLY B 345 44.23 11.88 14.17
C GLY B 345 44.95 11.63 15.47
N ARG B 346 44.51 10.70 16.31
CA ARG B 346 45.19 10.45 17.58
C ARG B 346 46.49 9.69 17.36
N LEU B 347 46.47 8.69 16.49
CA LEU B 347 47.69 7.98 16.14
C LEU B 347 48.53 8.77 15.16
N ILE B 348 47.88 9.61 14.36
CA ILE B 348 48.57 10.48 13.41
C ILE B 348 49.44 11.50 14.14
N TYR B 349 48.93 12.02 15.26
CA TYR B 349 49.66 13.05 15.98
C TYR B 349 50.91 12.50 16.67
N VAL B 350 50.81 11.34 17.30
CA VAL B 350 51.96 10.82 18.05
C VAL B 350 52.99 10.20 17.12
N ALA B 351 52.57 9.74 15.94
CA ALA B 351 53.55 9.25 14.98
C ALA B 351 54.24 10.40 14.26
N GLY B 352 53.57 11.54 14.15
CA GLY B 352 54.21 12.72 13.62
C GLY B 352 55.16 13.37 14.58
N ARG B 353 55.02 13.09 15.88
CA ARG B 353 55.90 13.66 16.88
C ARG B 353 57.28 13.02 16.84
N GLU B 354 57.34 11.72 16.52
CA GLU B 354 58.61 11.04 16.32
C GLU B 354 59.19 11.22 14.93
N GLY B 355 58.51 11.93 14.05
CA GLY B 355 58.95 12.05 12.68
C GLY B 355 58.65 10.87 11.80
N HIS B 356 57.66 10.06 12.16
CA HIS B 356 57.30 8.88 11.40
C HIS B 356 56.05 9.06 10.57
N MET B 357 55.54 10.28 10.47
CA MET B 357 54.30 10.55 9.74
C MET B 357 54.34 12.00 9.30
N LEU B 358 53.71 12.27 8.15
CA LEU B 358 53.52 13.64 7.68
C LEU B 358 52.77 14.46 8.71
N LYS B 359 53.29 15.65 8.99
CA LYS B 359 52.66 16.47 10.01
C LYS B 359 51.57 17.37 9.45
N VAL B 360 51.33 17.37 8.14
CA VAL B 360 50.22 18.19 7.63
C VAL B 360 48.90 17.52 7.98
N LEU B 361 48.87 16.20 8.08
CA LEU B 361 47.79 15.50 8.74
C LEU B 361 47.88 15.78 10.24
N SER B 362 46.75 15.58 10.93
CA SER B 362 46.55 16.01 12.33
C SER B 362 46.73 17.52 12.50
N TYR B 363 46.38 18.30 11.50
CA TYR B 363 46.14 19.73 11.68
C TYR B 363 44.64 19.95 11.90
N ILE B 364 44.31 21.08 12.51
CA ILE B 364 42.94 21.36 12.94
C ILE B 364 42.45 22.61 12.21
N SER B 365 41.25 22.53 11.64
CA SER B 365 40.64 23.69 11.01
C SER B 365 40.31 24.77 12.03
N VAL B 366 40.49 26.03 11.63
CA VAL B 366 40.29 27.14 12.57
C VAL B 366 38.80 27.40 12.79
N ARG B 367 38.04 27.65 11.74
CA ARG B 367 36.60 27.50 11.79
C ARG B 367 36.32 26.00 11.84
N ARG B 368 35.38 25.60 12.70
CA ARG B 368 34.92 24.21 12.82
C ARG B 368 36.08 23.28 13.21
N LEU B 369 36.44 23.34 14.49
CA LEU B 369 37.68 22.78 15.01
C LEU B 369 37.75 21.26 14.91
N THR B 370 37.88 20.76 13.68
CA THR B 370 37.85 19.36 13.28
C THR B 370 39.15 18.97 12.60
N PRO B 371 39.60 17.72 12.73
CA PRO B 371 40.80 17.28 12.00
C PRO B 371 40.50 17.00 10.53
N ALA B 372 40.26 18.05 9.78
CA ALA B 372 39.84 17.99 8.39
C ALA B 372 40.84 17.38 7.40
N PRO B 373 42.17 17.53 7.53
CA PRO B 373 43.04 16.77 6.64
C PRO B 373 43.01 15.26 6.85
N ALA B 374 42.86 14.79 8.09
CA ALA B 374 42.85 13.35 8.31
C ALA B 374 41.53 12.72 7.92
N ILE B 375 40.43 13.45 8.05
CA ILE B 375 39.11 12.93 7.69
C ILE B 375 38.97 12.85 6.17
N ILE B 376 39.47 13.86 5.46
CA ILE B 376 39.40 13.89 4.00
C ILE B 376 40.32 12.82 3.39
N PHE B 377 41.46 12.56 4.02
CA PHE B 377 42.36 11.53 3.52
C PHE B 377 41.79 10.14 3.70
N TYR B 378 41.07 9.90 4.80
CA TYR B 378 40.46 8.59 5.01
C TYR B 378 39.29 8.35 4.09
N GLY B 379 38.60 9.41 3.68
CA GLY B 379 37.51 9.26 2.74
C GLY B 379 37.96 8.96 1.32
N ILE B 380 39.12 9.47 0.93
CA ILE B 380 39.63 9.23 -0.41
C ILE B 380 40.09 7.78 -0.58
N ILE B 381 40.81 7.24 0.40
CA ILE B 381 41.29 5.87 0.31
C ILE B 381 40.13 4.88 0.47
N ALA B 382 39.06 5.26 1.17
CA ALA B 382 37.93 4.37 1.34
C ALA B 382 37.10 4.28 0.07
N THR B 383 36.97 5.38 -0.69
CA THR B 383 36.26 5.29 -1.97
C THR B 383 37.09 4.60 -3.04
N ILE B 384 38.41 4.58 -2.91
CA ILE B 384 39.23 3.83 -3.85
C ILE B 384 39.11 2.34 -3.58
N TYR B 385 38.91 1.96 -2.32
CA TYR B 385 38.87 0.54 -1.97
C TYR B 385 37.57 -0.12 -2.39
N ILE B 386 36.48 0.63 -2.52
CA ILE B 386 35.20 0.02 -2.89
C ILE B 386 34.99 -0.10 -4.38
N ILE B 387 35.89 0.41 -5.21
CA ILE B 387 35.73 0.25 -6.66
C ILE B 387 36.17 -1.17 -7.06
N PRO B 388 37.29 -1.74 -6.59
CA PRO B 388 37.39 -3.20 -6.67
C PRO B 388 36.50 -3.92 -5.67
N GLY B 389 36.35 -3.36 -4.47
CA GLY B 389 35.14 -3.59 -3.68
C GLY B 389 35.07 -4.95 -3.03
N ASP B 390 33.85 -5.49 -2.99
CA ASP B 390 33.55 -6.86 -2.57
C ASP B 390 33.92 -7.19 -1.14
N ILE B 391 33.05 -6.87 -0.16
CA ILE B 391 33.04 -7.59 1.11
C ILE B 391 33.19 -9.09 0.83
N ASN B 392 34.05 -9.77 1.61
CA ASN B 392 34.74 -11.08 1.46
C ASN B 392 36.04 -10.92 0.66
N SER B 393 36.34 -9.74 0.14
CA SER B 393 37.69 -9.45 -0.33
C SER B 393 38.33 -8.31 0.43
N LEU B 394 37.52 -7.40 0.98
CA LEU B 394 38.03 -6.39 1.88
C LEU B 394 38.17 -6.92 3.30
N VAL B 395 37.42 -7.97 3.65
CA VAL B 395 37.56 -8.56 4.98
C VAL B 395 38.85 -9.36 5.07
N ASN B 396 39.20 -10.10 4.02
CA ASN B 396 40.48 -10.81 4.00
C ASN B 396 41.66 -9.84 3.89
N TYR B 397 41.45 -8.71 3.23
CA TYR B 397 42.52 -7.73 3.09
C TYR B 397 42.75 -6.97 4.40
N PHE B 398 41.67 -6.71 5.14
CA PHE B 398 41.80 -6.07 6.44
C PHE B 398 42.39 -7.02 7.47
N SER B 399 42.01 -8.30 7.43
CA SER B 399 42.34 -9.21 8.52
C SER B 399 43.76 -9.72 8.41
N PHE B 400 44.32 -9.73 7.21
CA PHE B 400 45.72 -10.13 7.07
C PHE B 400 46.66 -9.06 7.61
N ALA B 401 46.33 -7.79 7.40
CA ALA B 401 47.17 -6.71 7.91
C ALA B 401 46.97 -6.48 9.40
N ALA B 402 45.75 -6.66 9.90
CA ALA B 402 45.49 -6.42 11.31
C ALA B 402 46.08 -7.51 12.18
N TRP B 403 45.98 -8.77 11.75
CA TRP B 403 46.50 -9.86 12.57
C TRP B 403 47.98 -10.09 12.38
N LEU B 404 48.61 -9.44 11.40
CA LEU B 404 50.06 -9.41 11.36
C LEU B 404 50.60 -8.53 12.48
N PHE B 405 49.90 -7.43 12.79
CA PHE B 405 50.33 -6.51 13.82
C PHE B 405 49.70 -6.80 15.17
N TYR B 406 48.63 -7.59 15.23
CA TYR B 406 48.15 -8.08 16.53
C TYR B 406 49.14 -9.07 17.13
N GLY B 407 49.75 -9.90 16.28
CA GLY B 407 50.69 -10.89 16.78
C GLY B 407 52.09 -10.36 16.99
N LEU B 408 52.36 -9.13 16.54
CA LEU B 408 53.66 -8.54 16.80
C LEU B 408 53.69 -7.82 18.13
N THR B 409 52.57 -7.25 18.58
CA THR B 409 52.55 -6.61 19.89
C THR B 409 52.41 -7.64 20.99
N ILE B 410 51.69 -8.74 20.73
CA ILE B 410 51.54 -9.77 21.74
C ILE B 410 52.83 -10.58 21.87
N LEU B 411 53.57 -10.76 20.78
CA LEU B 411 54.93 -11.27 20.90
C LEU B 411 55.84 -10.27 21.58
N GLY B 412 55.58 -8.97 21.39
CA GLY B 412 56.32 -7.93 22.09
C GLY B 412 56.06 -7.91 23.59
N LEU B 413 54.97 -8.51 24.04
CA LEU B 413 54.75 -8.69 25.47
C LEU B 413 55.71 -9.73 26.04
N ILE B 414 56.02 -10.78 25.27
CA ILE B 414 56.94 -11.80 25.74
C ILE B 414 58.38 -11.35 25.57
N VAL B 415 58.66 -10.49 24.59
CA VAL B 415 59.99 -9.92 24.45
C VAL B 415 60.30 -8.99 25.63
N MET B 416 59.32 -8.21 26.04
CA MET B 416 59.51 -7.25 27.12
C MET B 416 59.49 -7.88 28.52
N ARG B 417 59.44 -9.20 28.62
CA ARG B 417 59.66 -9.86 29.89
C ARG B 417 61.09 -10.39 30.04
N PHE B 418 61.82 -10.51 28.94
CA PHE B 418 63.22 -10.88 28.97
C PHE B 418 64.15 -9.70 28.77
N THR B 419 63.67 -8.64 28.12
CA THR B 419 64.48 -7.48 27.79
C THR B 419 64.11 -6.26 28.61
N ARG B 420 62.90 -6.20 29.16
CA ARG B 420 62.37 -4.99 29.75
C ARG B 420 61.76 -5.29 31.11
N LYS B 421 62.56 -5.91 32.00
CA LYS B 421 62.19 -5.95 33.40
C LYS B 421 62.39 -4.57 34.03
N GLU B 422 62.18 -4.50 35.35
CA GLU B 422 62.21 -3.26 36.14
C GLU B 422 61.21 -2.24 35.59
N LEU B 423 59.97 -2.68 35.33
CA LEU B 423 59.09 -1.89 34.49
C LEU B 423 57.69 -1.70 35.10
N GLU B 424 57.43 -2.22 36.31
CA GLU B 424 56.25 -1.88 37.12
C GLU B 424 54.94 -2.25 36.41
N ARG B 425 54.69 -3.57 36.37
CA ARG B 425 53.48 -4.13 35.79
C ARG B 425 52.34 -4.26 36.81
N PRO B 426 51.33 -3.39 36.78
CA PRO B 426 50.20 -3.57 37.70
C PRO B 426 49.28 -4.72 37.32
N ILE B 427 48.90 -4.82 36.05
CA ILE B 427 48.20 -5.99 35.53
C ILE B 427 49.25 -6.94 34.97
N LYS B 428 49.13 -8.21 35.32
CA LYS B 428 50.11 -9.22 34.89
C LYS B 428 49.34 -10.47 34.50
N VAL B 429 49.49 -10.91 33.26
CA VAL B 429 48.77 -12.08 32.78
C VAL B 429 49.64 -13.32 33.02
N PRO B 430 49.05 -14.50 33.10
CA PRO B 430 49.84 -15.73 33.00
C PRO B 430 50.53 -15.80 31.64
N VAL B 431 51.74 -16.37 31.63
CA VAL B 431 52.58 -16.31 30.44
C VAL B 431 52.06 -17.19 29.30
N VAL B 432 51.17 -18.14 29.58
CA VAL B 432 50.66 -19.00 28.52
C VAL B 432 49.61 -18.29 27.67
N ILE B 433 49.03 -17.20 28.17
CA ILE B 433 48.02 -16.45 27.41
C ILE B 433 48.65 -15.68 26.24
N PRO B 434 49.75 -14.93 26.37
CA PRO B 434 50.35 -14.37 25.15
C PRO B 434 51.13 -15.36 24.31
N VAL B 435 51.41 -16.56 24.81
CA VAL B 435 52.11 -17.55 24.00
C VAL B 435 51.16 -18.16 22.98
N LEU B 436 49.98 -18.60 23.41
CA LEU B 436 49.04 -19.21 22.48
C LEU B 436 48.39 -18.16 21.59
N MET B 437 48.25 -16.92 22.08
CA MET B 437 47.75 -15.85 21.25
C MET B 437 48.77 -15.41 20.20
N THR B 438 50.05 -15.71 20.40
CA THR B 438 51.04 -15.48 19.36
C THR B 438 51.00 -16.59 18.32
N LEU B 439 50.89 -17.84 18.76
CA LEU B 439 50.87 -18.97 17.83
C LEU B 439 49.61 -19.01 17.00
N ILE B 440 48.49 -18.57 17.55
CA ILE B 440 47.26 -18.46 16.78
C ILE B 440 47.37 -17.34 15.74
N SER B 441 48.10 -16.27 16.06
CA SER B 441 48.30 -15.20 15.08
C SER B 441 49.27 -15.62 13.98
N VAL B 442 50.18 -16.56 14.25
CA VAL B 442 50.99 -17.10 13.16
C VAL B 442 50.13 -17.98 12.26
N PHE B 443 49.16 -18.68 12.84
CA PHE B 443 48.25 -19.51 12.06
C PHE B 443 47.30 -18.66 11.22
N LEU B 444 46.91 -17.48 11.70
CA LEU B 444 45.99 -16.64 10.94
C LEU B 444 46.68 -15.83 9.85
N VAL B 445 48.00 -15.88 9.77
CA VAL B 445 48.76 -15.15 8.76
C VAL B 445 49.29 -16.07 7.68
N LEU B 446 49.89 -17.19 8.07
CA LEU B 446 50.55 -18.07 7.12
C LEU B 446 49.61 -19.03 6.41
N ALA B 447 48.54 -19.47 7.05
CA ALA B 447 47.65 -20.45 6.45
C ALA B 447 46.82 -19.97 5.26
N PRO B 448 46.38 -18.69 5.15
CA PRO B 448 45.74 -18.30 3.89
C PRO B 448 46.65 -18.26 2.67
N ILE B 449 47.96 -18.03 2.82
CA ILE B 449 48.83 -17.87 1.66
C ILE B 449 49.47 -19.20 1.23
N ILE B 450 49.32 -20.25 2.05
CA ILE B 450 49.80 -21.57 1.69
C ILE B 450 48.67 -22.50 1.29
N SER B 451 47.42 -22.13 1.60
CA SER B 451 46.27 -22.94 1.21
C SER B 451 45.46 -22.34 0.08
N LYS B 452 44.93 -21.12 0.24
CA LYS B 452 44.14 -20.46 -0.80
C LYS B 452 44.70 -19.08 -1.08
N PRO B 453 45.84 -18.99 -1.78
CA PRO B 453 46.45 -17.67 -2.01
C PRO B 453 45.73 -16.93 -3.13
N THR B 454 44.97 -15.91 -2.75
CA THR B 454 44.27 -15.06 -3.68
C THR B 454 45.06 -13.77 -3.87
N TRP B 455 44.55 -12.88 -4.73
CA TRP B 455 45.32 -11.74 -5.15
C TRP B 455 45.32 -10.59 -4.15
N GLU B 456 44.38 -10.57 -3.20
CA GLU B 456 44.37 -9.49 -2.22
C GLU B 456 45.46 -9.66 -1.17
N TYR B 457 45.97 -10.87 -0.97
CA TYR B 457 47.10 -11.06 -0.07
C TYR B 457 48.43 -10.60 -0.66
N LEU B 458 48.48 -10.36 -1.97
CA LEU B 458 49.69 -9.83 -2.59
C LEU B 458 49.71 -8.31 -2.56
N TYR B 459 48.56 -7.67 -2.78
CA TYR B 459 48.49 -6.21 -2.66
C TYR B 459 48.61 -5.74 -1.22
N CYS B 460 48.29 -6.58 -0.25
CA CYS B 460 48.44 -6.19 1.15
C CYS B 460 49.90 -6.26 1.59
N VAL B 461 50.66 -7.21 1.05
CA VAL B 461 52.09 -7.28 1.34
C VAL B 461 52.82 -6.16 0.62
N LEU B 462 52.45 -5.90 -0.64
CA LEU B 462 53.14 -4.91 -1.44
C LEU B 462 52.82 -3.48 -1.01
N PHE B 463 51.79 -3.28 -0.21
CA PHE B 463 51.52 -1.96 0.33
C PHE B 463 52.19 -1.75 1.68
N ILE B 464 52.40 -2.82 2.44
CA ILE B 464 53.10 -2.70 3.71
C ILE B 464 54.60 -2.52 3.49
N LEU B 465 55.20 -3.37 2.65
CA LEU B 465 56.63 -3.26 2.36
C LEU B 465 56.98 -2.06 1.49
N SER B 466 56.00 -1.42 0.86
CA SER B 466 56.27 -0.14 0.20
C SER B 466 56.50 0.96 1.23
N GLY B 467 55.98 0.79 2.45
CA GLY B 467 56.34 1.68 3.53
C GLY B 467 57.73 1.46 4.05
N LEU B 468 58.25 0.24 3.89
CA LEU B 468 59.62 -0.07 4.31
C LEU B 468 60.64 0.65 3.44
N LEU B 469 60.28 0.98 2.21
CA LEU B 469 61.17 1.80 1.38
C LEU B 469 61.13 3.25 1.82
N PHE B 470 59.96 3.75 2.23
CA PHE B 470 59.85 5.13 2.68
C PHE B 470 60.52 5.36 4.03
N TYR B 471 60.74 4.31 4.81
CA TYR B 471 61.50 4.45 6.05
C TYR B 471 62.96 4.75 5.75
N PHE B 472 63.52 4.14 4.72
CA PHE B 472 64.93 4.28 4.41
C PHE B 472 65.23 5.49 3.53
N LEU B 473 64.23 6.26 3.14
CA LEU B 473 64.47 7.46 2.36
C LEU B 473 64.07 8.74 3.08
N PHE B 474 63.27 8.65 4.14
CA PHE B 474 62.78 9.82 4.84
C PHE B 474 63.02 9.79 6.34
N VAL B 475 63.35 8.64 6.93
CA VAL B 475 63.56 8.56 8.36
C VAL B 475 64.99 8.14 8.65
N HIS B 476 65.45 7.08 7.99
CA HIS B 476 66.78 6.55 8.28
C HIS B 476 67.87 7.40 7.64
N TYR B 477 67.70 7.77 6.38
CA TYR B 477 68.63 8.64 5.68
C TYR B 477 67.92 9.95 5.40
N LYS B 478 68.18 10.96 6.23
CA LYS B 478 67.55 12.27 6.10
C LYS B 478 68.16 12.98 4.91
N PHE B 479 67.66 12.66 3.72
CA PHE B 479 68.17 13.25 2.48
C PHE B 479 67.78 14.71 2.38
N GLY B 480 68.56 15.46 1.59
CA GLY B 480 68.34 16.89 1.48
C GLY B 480 67.11 17.24 0.68
N TRP B 481 66.78 16.44 -0.33
CA TRP B 481 65.63 16.68 -1.18
C TRP B 481 64.32 16.19 -0.55
N ALA B 482 64.37 15.63 0.65
CA ALA B 482 63.16 15.12 1.30
C ALA B 482 62.28 16.23 1.82
N GLN B 483 62.84 17.13 2.65
CA GLN B 483 62.05 18.24 3.18
C GLN B 483 62.02 19.45 2.26
N LYS B 484 62.59 19.33 1.05
CA LYS B 484 62.34 20.30 0.00
C LYS B 484 61.00 20.06 -0.69
N ILE B 485 60.38 18.90 -0.45
CA ILE B 485 59.10 18.57 -1.04
C ILE B 485 58.00 18.77 -0.01
N SER B 486 58.23 18.30 1.21
CA SER B 486 57.14 18.13 2.17
C SER B 486 56.63 19.46 2.71
N LYS B 487 57.51 20.37 3.05
CA LYS B 487 57.07 21.68 3.55
C LYS B 487 56.44 22.61 2.51
N PRO B 488 56.81 22.58 1.22
CA PRO B 488 55.93 23.20 0.22
C PRO B 488 54.51 22.63 0.18
N ILE B 489 54.35 21.32 0.33
CA ILE B 489 53.00 20.74 0.37
C ILE B 489 52.30 21.11 1.67
N THR B 490 53.04 21.17 2.77
CA THR B 490 52.44 21.51 4.06
C THR B 490 51.96 22.97 4.07
N MET B 491 52.74 23.88 3.49
CA MET B 491 52.38 25.28 3.48
C MET B 491 51.20 25.59 2.58
N HIS B 492 51.14 24.98 1.40
CA HIS B 492 50.05 25.25 0.46
C HIS B 492 48.74 24.58 0.84
N LEU B 493 48.79 23.37 1.42
CA LEU B 493 47.59 22.75 1.97
C LEU B 493 47.07 23.46 3.20
N GLN B 494 47.94 24.21 3.87
CA GLN B 494 47.53 24.94 5.06
C GLN B 494 46.64 26.13 4.70
N MET B 495 46.97 26.85 3.64
CA MET B 495 46.16 27.98 3.20
C MET B 495 44.95 27.55 2.40
N LEU B 496 44.97 26.33 1.85
CA LEU B 496 43.85 25.85 1.05
C LEU B 496 42.70 25.39 1.93
N MET B 497 43.00 24.82 3.09
CA MET B 497 41.98 24.27 3.97
C MET B 497 41.75 25.07 5.24
N GLU B 498 42.59 26.08 5.50
CA GLU B 498 42.65 26.84 6.76
C GLU B 498 42.83 25.92 7.96
N VAL B 499 43.95 25.21 7.99
CA VAL B 499 44.26 24.28 9.06
C VAL B 499 45.57 24.68 9.73
N VAL B 500 45.59 24.67 11.05
CA VAL B 500 46.76 25.10 11.80
C VAL B 500 47.34 23.92 12.58
N PRO B 501 48.57 24.01 13.08
CA PRO B 501 49.03 23.04 14.07
C PRO B 501 48.13 23.02 15.29
N PRO B 502 47.85 21.85 15.84
CA PRO B 502 46.91 21.74 16.96
C PRO B 502 47.45 22.41 18.20
N GLU B 503 46.71 23.37 18.76
CA GLU B 503 47.19 24.16 19.89
C GLU B 503 47.17 23.28 21.13
N GLU B 504 48.17 22.40 21.19
CA GLU B 504 48.12 21.17 21.95
C GLU B 504 49.51 20.57 21.93
N ASP B 505 50.03 20.30 23.10
CA ASP B 505 51.26 19.54 23.27
C ASP B 505 50.80 18.11 23.55
N PRO B 506 51.74 17.09 23.71
CA PRO B 506 51.33 15.71 24.06
C PRO B 506 50.18 15.49 25.05
N GLU B 507 50.23 16.11 26.22
CA GLU B 507 49.11 16.00 27.15
C GLU B 507 48.50 17.36 27.44
N GLN C 77 18.47 30.04 56.26
CA GLN C 77 17.01 30.06 56.28
C GLN C 77 16.42 30.54 54.95
N PRO C 78 15.41 29.84 54.45
CA PRO C 78 14.72 30.26 53.22
C PRO C 78 13.80 31.44 53.49
N TYR C 79 14.01 32.56 52.80
CA TYR C 79 13.10 33.67 53.05
C TYR C 79 12.00 33.83 52.00
N ALA C 80 12.30 34.39 50.82
CA ALA C 80 11.35 34.40 49.73
C ALA C 80 12.01 34.39 48.35
N GLY C 81 13.22 34.94 48.27
CA GLY C 81 13.85 35.23 47.00
C GLY C 81 15.28 34.76 46.94
N MET C 82 15.52 33.57 47.48
CA MET C 82 16.80 32.90 47.71
C MET C 82 17.72 32.90 46.50
N PRO C 83 19.03 32.96 46.70
CA PRO C 83 19.95 32.76 45.59
C PRO C 83 20.20 31.29 45.33
N LYS C 84 21.15 31.00 44.43
CA LYS C 84 21.53 29.65 44.05
C LYS C 84 22.08 28.82 45.22
N GLU C 85 22.75 29.44 46.18
CA GLU C 85 23.47 28.70 47.21
C GLU C 85 22.66 28.47 48.48
N VAL C 86 21.73 29.36 48.81
CA VAL C 86 20.83 29.10 49.92
C VAL C 86 19.81 28.03 49.54
N LEU C 87 19.46 27.95 48.26
CA LEU C 87 18.39 27.06 47.80
C LEU C 87 18.82 25.60 47.83
N PHE C 88 20.10 25.32 47.54
CA PHE C 88 20.56 23.94 47.41
C PHE C 88 20.62 23.20 48.75
N GLN C 89 20.58 23.92 49.87
CA GLN C 89 20.54 23.25 51.17
C GLN C 89 19.14 22.81 51.56
N PHE C 90 18.13 23.14 50.76
CA PHE C 90 16.76 22.78 51.07
C PHE C 90 16.03 22.10 49.92
N SER C 91 16.45 22.31 48.67
CA SER C 91 15.74 21.73 47.54
C SER C 91 16.03 20.25 47.36
N GLY C 92 17.09 19.74 47.98
CA GLY C 92 17.42 18.33 47.89
C GLY C 92 16.80 17.46 48.94
N GLN C 93 15.93 18.01 49.80
CA GLN C 93 15.31 17.23 50.84
C GLN C 93 14.21 16.34 50.24
N ALA C 94 13.76 15.38 51.05
CA ALA C 94 12.85 14.36 50.53
C ALA C 94 11.45 14.89 50.33
N ARG C 95 11.04 15.92 51.08
CA ARG C 95 9.71 16.47 50.87
C ARG C 95 9.63 17.39 49.65
N TYR C 96 10.75 17.66 48.99
CA TYR C 96 10.77 18.43 47.75
C TYR C 96 11.39 17.70 46.58
N ARG C 97 11.97 16.51 46.79
CA ARG C 97 12.60 15.81 45.68
C ARG C 97 11.64 14.81 45.04
N ILE C 98 10.91 14.04 45.84
CA ILE C 98 9.90 13.15 45.25
C ILE C 98 8.62 13.85 44.77
N PRO C 99 8.09 14.96 45.32
CA PRO C 99 6.96 15.58 44.63
C PRO C 99 7.36 16.33 43.37
N ARG C 100 8.64 16.65 43.20
CA ARG C 100 9.11 17.18 41.93
C ARG C 100 9.29 16.06 40.91
N GLU C 101 9.78 14.91 41.36
CA GLU C 101 10.11 13.84 40.43
C GLU C 101 8.88 13.07 39.94
N ILE C 102 7.83 12.94 40.76
CA ILE C 102 6.65 12.23 40.28
C ILE C 102 5.78 13.16 39.45
N LEU C 103 5.93 14.46 39.62
CA LEU C 103 5.18 15.39 38.79
C LEU C 103 5.85 15.61 37.45
N PHE C 104 7.12 15.22 37.30
CA PHE C 104 7.73 15.24 35.97
C PHE C 104 7.39 13.98 35.20
N TRP C 105 7.42 12.83 35.86
CA TRP C 105 7.21 11.57 35.16
C TRP C 105 5.74 11.21 35.01
N LEU C 106 4.83 11.90 35.68
CA LEU C 106 3.41 11.80 35.36
C LEU C 106 2.99 12.68 34.19
N THR C 107 3.80 13.68 33.83
CA THR C 107 3.53 14.47 32.64
C THR C 107 4.09 13.80 31.39
N VAL C 108 5.29 13.24 31.46
CA VAL C 108 5.85 12.46 30.36
C VAL C 108 5.04 11.20 30.07
N ALA C 109 4.49 10.56 31.10
CA ALA C 109 3.58 9.45 30.89
C ALA C 109 2.23 9.89 30.36
N SER C 110 1.77 11.10 30.69
CA SER C 110 0.51 11.56 30.13
C SER C 110 0.63 11.98 28.67
N VAL C 111 1.84 12.30 28.20
CA VAL C 111 2.03 12.51 26.78
C VAL C 111 1.93 11.19 26.04
N LEU C 112 2.41 10.11 26.65
CA LEU C 112 2.37 8.81 25.98
C LEU C 112 1.03 8.11 26.18
N VAL C 113 0.23 8.52 27.16
CA VAL C 113 -1.12 7.97 27.26
C VAL C 113 -2.06 8.70 26.30
N LEU C 114 -1.95 10.02 26.21
CA LEU C 114 -2.78 10.78 25.29
C LEU C 114 -2.40 10.52 23.83
N ILE C 115 -1.20 10.02 23.57
CA ILE C 115 -0.85 9.64 22.21
C ILE C 115 -1.32 8.23 21.92
N ALA C 116 -1.18 7.31 22.88
CA ALA C 116 -1.65 5.94 22.65
C ALA C 116 -3.16 5.85 22.68
N ALA C 117 -3.85 6.73 23.40
CA ALA C 117 -5.30 6.75 23.32
C ALA C 117 -5.80 7.37 22.03
N THR C 118 -4.95 8.13 21.33
CA THR C 118 -5.35 8.65 20.04
C THR C 118 -5.19 7.59 18.96
N ILE C 119 -4.09 6.85 18.98
CA ILE C 119 -3.91 5.73 18.06
C ILE C 119 -4.86 4.59 18.39
N ALA C 120 -5.35 4.50 19.62
CA ALA C 120 -6.34 3.47 19.92
C ALA C 120 -7.69 3.80 19.31
N ILE C 121 -8.10 5.07 19.37
CA ILE C 121 -9.41 5.44 18.83
C ILE C 121 -9.38 5.53 17.32
N ILE C 122 -8.27 5.94 16.71
CA ILE C 122 -8.20 6.02 15.26
C ILE C 122 -8.19 4.62 14.64
N ALA C 123 -7.47 3.70 15.26
CA ALA C 123 -7.38 2.35 14.69
C ALA C 123 -8.60 1.51 15.00
N LEU C 124 -9.43 1.89 15.96
CA LEU C 124 -10.62 1.14 16.29
C LEU C 124 -11.89 1.77 15.77
N SER C 125 -11.81 2.92 15.19
CA SER C 125 -13.04 3.53 14.70
C SER C 125 -13.40 2.94 13.33
N PRO C 126 -14.68 2.71 13.07
CA PRO C 126 -15.05 2.08 11.81
C PRO C 126 -14.95 3.05 10.64
N LYS C 127 -14.74 2.50 9.47
CA LYS C 127 -14.83 3.27 8.24
C LYS C 127 -16.26 3.73 8.05
N CYS C 128 -16.47 5.03 8.00
CA CYS C 128 -17.84 5.48 8.06
C CYS C 128 -18.46 5.46 6.68
N LEU C 129 -19.76 5.73 6.65
CA LEU C 129 -20.62 5.37 5.54
C LEU C 129 -20.39 6.26 4.33
N ASP C 130 -20.33 5.65 3.15
CA ASP C 130 -20.34 6.38 1.90
C ASP C 130 -21.69 7.10 1.70
N TRP C 131 -21.71 8.04 0.76
CA TRP C 131 -22.90 8.84 0.51
C TRP C 131 -24.05 7.99 -0.04
N TRP C 132 -23.75 6.94 -0.79
CA TRP C 132 -24.80 6.09 -1.33
C TRP C 132 -25.39 5.14 -0.29
N GLN C 133 -24.71 4.96 0.84
CA GLN C 133 -25.26 4.21 1.96
C GLN C 133 -26.03 5.09 2.95
N GLU C 134 -25.85 6.40 2.90
CA GLU C 134 -26.35 7.25 3.98
C GLU C 134 -27.82 7.59 3.83
N GLY C 135 -28.22 8.17 2.71
CA GLY C 135 -29.56 8.67 2.56
C GLY C 135 -30.34 8.07 1.42
N PRO C 136 -31.61 8.44 1.31
CA PRO C 136 -32.48 7.85 0.28
C PRO C 136 -32.19 8.38 -1.12
N MET C 137 -32.48 7.55 -2.10
CA MET C 137 -32.42 7.90 -3.50
C MET C 137 -33.81 8.24 -4.03
N TYR C 138 -33.85 9.14 -5.00
CA TYR C 138 -35.09 9.65 -5.57
C TYR C 138 -35.00 9.51 -7.08
N GLN C 139 -35.85 8.66 -7.66
CA GLN C 139 -35.79 8.36 -9.08
C GLN C 139 -36.75 9.25 -9.86
N ILE C 140 -36.24 10.00 -10.82
CA ILE C 140 -37.00 10.97 -11.60
C ILE C 140 -37.06 10.51 -13.05
N TYR C 141 -38.28 10.44 -13.59
CA TYR C 141 -38.48 10.34 -15.03
C TYR C 141 -38.52 11.75 -15.58
N PRO C 142 -37.50 12.20 -16.33
CA PRO C 142 -37.32 13.65 -16.56
C PRO C 142 -38.36 14.28 -17.49
N ARG C 143 -39.00 13.52 -18.37
CA ARG C 143 -40.04 14.07 -19.22
C ARG C 143 -41.31 14.40 -18.44
N SER C 144 -41.48 13.86 -17.24
CA SER C 144 -42.74 14.01 -16.50
C SER C 144 -42.57 14.74 -15.17
N PHE C 145 -41.47 15.46 -14.96
CA PHE C 145 -41.24 16.09 -13.66
C PHE C 145 -41.65 17.56 -13.63
N LYS C 146 -41.05 18.39 -14.48
CA LYS C 146 -41.37 19.82 -14.47
C LYS C 146 -41.03 20.41 -15.83
N ASP C 147 -42.03 20.99 -16.50
CA ASP C 147 -41.83 21.69 -17.76
C ASP C 147 -41.57 23.16 -17.49
N SER C 148 -40.43 23.66 -17.99
CA SER C 148 -40.02 25.03 -17.72
C SER C 148 -40.18 25.99 -18.91
N ASN C 149 -40.17 25.49 -20.15
CA ASN C 149 -40.23 26.35 -21.32
C ASN C 149 -41.50 26.18 -22.16
N LYS C 150 -42.56 25.63 -21.56
CA LYS C 150 -43.93 25.62 -22.11
C LYS C 150 -44.03 24.86 -23.44
N ASP C 151 -43.57 23.62 -23.45
CA ASP C 151 -43.73 22.77 -24.62
C ASP C 151 -44.43 21.44 -24.31
N GLY C 152 -44.82 21.22 -23.06
CA GLY C 152 -45.45 19.99 -22.66
C GLY C 152 -44.51 18.90 -22.22
N ASN C 153 -43.20 19.11 -22.34
CA ASN C 153 -42.19 18.15 -21.96
C ASN C 153 -41.43 18.65 -20.74
N GLY C 154 -41.19 17.76 -19.79
CA GLY C 154 -40.30 18.09 -18.68
C GLY C 154 -38.87 18.16 -19.15
N ASP C 155 -38.10 19.07 -18.57
CA ASP C 155 -36.74 19.31 -18.99
C ASP C 155 -35.81 19.33 -17.78
N LEU C 156 -34.51 19.43 -18.06
CA LEU C 156 -33.50 19.44 -17.01
C LEU C 156 -33.50 20.76 -16.24
N LYS C 157 -33.90 21.84 -16.90
CA LYS C 157 -34.03 23.12 -16.21
C LYS C 157 -35.19 23.11 -15.23
N GLY C 158 -36.25 22.36 -15.54
CA GLY C 158 -37.36 22.22 -14.61
C GLY C 158 -37.00 21.41 -13.38
N ILE C 159 -36.04 20.50 -13.50
CA ILE C 159 -35.57 19.76 -12.32
C ILE C 159 -34.77 20.69 -11.40
N GLN C 160 -33.99 21.60 -11.99
CA GLN C 160 -33.18 22.54 -11.23
C GLN C 160 -34.04 23.52 -10.42
N ASP C 161 -35.23 23.87 -10.92
CA ASP C 161 -36.12 24.75 -10.19
C ASP C 161 -36.88 24.07 -9.07
N LYS C 162 -36.82 22.75 -8.96
CA LYS C 162 -37.53 22.02 -7.92
C LYS C 162 -36.59 21.38 -6.91
N LEU C 163 -35.34 21.83 -6.86
CA LEU C 163 -34.36 21.22 -5.96
C LEU C 163 -34.60 21.58 -4.50
N ASP C 164 -35.35 22.64 -4.21
CA ASP C 164 -35.74 22.92 -2.83
C ASP C 164 -36.79 21.94 -2.33
N TYR C 165 -37.67 21.47 -3.22
CA TYR C 165 -38.63 20.43 -2.86
C TYR C 165 -37.93 19.12 -2.54
N ILE C 166 -36.86 18.81 -3.28
CA ILE C 166 -36.18 17.54 -3.12
C ILE C 166 -35.34 17.55 -1.83
N THR C 167 -34.75 18.70 -1.49
CA THR C 167 -34.03 18.80 -0.22
C THR C 167 -34.98 18.80 0.97
N ALA C 168 -36.23 19.23 0.80
CA ALA C 168 -37.21 19.15 1.87
C ALA C 168 -37.76 17.75 2.08
N LEU C 169 -37.52 16.83 1.14
CA LEU C 169 -37.83 15.42 1.33
C LEU C 169 -36.70 14.65 2.01
N ASN C 170 -35.63 15.35 2.42
CA ASN C 170 -34.44 14.76 3.06
C ASN C 170 -33.75 13.72 2.17
N ILE C 171 -33.73 14.00 0.88
CA ILE C 171 -33.18 13.13 -0.15
C ILE C 171 -31.68 13.37 -0.25
N LYS C 172 -30.90 12.30 -0.39
CA LYS C 172 -29.47 12.43 -0.63
C LYS C 172 -29.11 12.40 -2.12
N THR C 173 -29.70 11.48 -2.89
CA THR C 173 -29.27 11.21 -4.26
C THR C 173 -30.47 11.38 -5.21
N VAL C 174 -30.24 12.05 -6.32
CA VAL C 174 -31.20 12.13 -7.41
C VAL C 174 -30.78 11.17 -8.51
N TRP C 175 -31.68 10.27 -8.89
CA TRP C 175 -31.47 9.32 -9.98
C TRP C 175 -32.34 9.76 -11.15
N ILE C 176 -31.70 10.20 -12.23
CA ILE C 176 -32.41 10.62 -13.44
C ILE C 176 -32.29 9.50 -14.46
N THR C 177 -33.41 9.11 -15.05
CA THR C 177 -33.38 8.09 -16.10
C THR C 177 -32.98 8.74 -17.42
N SER C 178 -33.00 7.94 -18.49
CA SER C 178 -32.24 8.23 -19.71
C SER C 178 -32.70 9.51 -20.42
N PHE C 179 -31.74 10.39 -20.66
CA PHE C 179 -32.00 11.66 -21.34
C PHE C 179 -31.08 11.86 -22.54
N TYR C 180 -30.43 10.79 -23.01
CA TYR C 180 -29.56 10.86 -24.18
C TYR C 180 -30.37 11.13 -25.44
N LYS C 181 -29.68 11.60 -26.47
CA LYS C 181 -30.31 11.82 -27.77
C LYS C 181 -30.70 10.47 -28.38
N SER C 182 -31.98 10.27 -28.60
CA SER C 182 -32.51 8.95 -28.92
C SER C 182 -33.52 9.01 -30.04
N SER C 183 -33.60 7.91 -30.79
CA SER C 183 -34.70 7.68 -31.72
C SER C 183 -35.86 6.97 -31.06
N LEU C 184 -35.58 6.14 -30.06
CA LEU C 184 -36.58 5.36 -29.35
C LEU C 184 -36.46 5.70 -27.87
N LYS C 185 -37.54 6.19 -27.28
CA LYS C 185 -37.53 6.62 -25.88
C LYS C 185 -38.22 5.63 -24.96
N ASP C 186 -38.47 4.42 -25.43
CA ASP C 186 -38.96 3.32 -24.60
C ASP C 186 -38.27 2.06 -25.08
N PHE C 187 -38.72 0.91 -24.55
CA PHE C 187 -38.25 -0.43 -24.94
C PHE C 187 -36.74 -0.57 -24.75
N ARG C 188 -36.27 -0.13 -23.58
CA ARG C 188 -34.85 -0.08 -23.19
C ARG C 188 -33.99 0.81 -24.10
N TYR C 189 -34.58 1.87 -24.67
CA TYR C 189 -33.87 3.07 -25.13
C TYR C 189 -32.84 2.95 -26.26
N GLY C 190 -33.27 2.89 -27.51
CA GLY C 190 -32.34 3.06 -28.62
C GLY C 190 -31.67 4.43 -28.75
N VAL C 191 -30.37 4.51 -28.45
CA VAL C 191 -29.63 5.77 -28.30
C VAL C 191 -28.86 6.09 -29.56
N GLU C 192 -28.99 7.33 -30.04
CA GLU C 192 -28.30 7.82 -31.24
C GLU C 192 -26.92 8.40 -30.95
N ASP C 193 -26.75 9.07 -29.82
CA ASP C 193 -25.51 9.74 -29.46
C ASP C 193 -25.35 9.70 -27.95
N PHE C 194 -24.37 8.95 -27.46
CA PHE C 194 -24.16 8.76 -26.04
C PHE C 194 -23.54 9.98 -25.36
N ARG C 195 -23.11 10.99 -26.11
CA ARG C 195 -22.47 12.16 -25.54
C ARG C 195 -23.28 13.43 -25.75
N GLU C 196 -24.56 13.31 -26.06
CA GLU C 196 -25.42 14.47 -26.20
C GLU C 196 -26.71 14.27 -25.40
N VAL C 197 -27.32 15.39 -25.06
CA VAL C 197 -28.64 15.42 -24.44
C VAL C 197 -29.68 15.52 -25.54
N ASP C 198 -30.81 14.83 -25.36
CA ASP C 198 -31.91 14.94 -26.30
C ASP C 198 -32.50 16.36 -26.25
N PRO C 199 -32.86 16.94 -27.41
CA PRO C 199 -33.31 18.34 -27.42
C PRO C 199 -34.62 18.61 -26.69
N ILE C 200 -35.47 17.62 -26.46
CA ILE C 200 -36.69 17.85 -25.68
C ILE C 200 -36.41 18.02 -24.19
N PHE C 201 -35.21 17.71 -23.72
CA PHE C 201 -34.82 17.96 -22.35
C PHE C 201 -33.92 19.18 -22.20
N GLY C 202 -33.39 19.71 -23.30
CA GLY C 202 -32.51 20.86 -23.23
C GLY C 202 -31.20 20.65 -23.94
N THR C 203 -30.19 21.42 -23.54
CA THR C 203 -28.87 21.38 -24.15
C THR C 203 -27.86 20.83 -23.15
N MET C 204 -26.60 20.80 -23.57
CA MET C 204 -25.52 20.37 -22.68
C MET C 204 -25.25 21.41 -21.60
N GLU C 205 -25.48 22.69 -21.89
CA GLU C 205 -25.33 23.72 -20.88
C GLU C 205 -26.40 23.61 -19.81
N ASP C 206 -27.60 23.15 -20.18
CA ASP C 206 -28.65 22.89 -19.20
C ASP C 206 -28.26 21.75 -18.26
N PHE C 207 -27.56 20.74 -18.79
CA PHE C 207 -27.10 19.65 -17.94
C PHE C 207 -26.00 20.12 -17.00
N GLU C 208 -25.08 20.96 -17.49
CA GLU C 208 -23.98 21.43 -16.66
C GLU C 208 -24.46 22.40 -15.59
N ASN C 209 -25.51 23.17 -15.87
CA ASN C 209 -26.08 24.02 -14.83
C ASN C 209 -26.82 23.21 -13.78
N LEU C 210 -27.33 22.03 -14.17
CA LEU C 210 -28.04 21.18 -13.22
C LEU C 210 -27.06 20.46 -12.29
N VAL C 211 -25.93 20.01 -12.83
CA VAL C 211 -24.94 19.29 -12.03
C VAL C 211 -24.31 20.22 -10.99
N ALA C 212 -24.07 21.47 -11.38
CA ALA C 212 -23.51 22.44 -10.44
C ALA C 212 -24.52 22.81 -9.36
N ALA C 213 -25.80 22.90 -9.72
CA ALA C 213 -26.82 23.26 -8.76
C ALA C 213 -27.10 22.14 -7.77
N ILE C 214 -26.96 20.88 -8.22
CA ILE C 214 -27.15 19.74 -7.34
C ILE C 214 -26.02 19.68 -6.32
N HIS C 215 -24.82 20.10 -6.71
CA HIS C 215 -23.67 20.04 -5.82
C HIS C 215 -23.68 21.16 -4.78
N ASP C 216 -24.22 22.33 -5.14
CA ASP C 216 -24.29 23.40 -4.14
C ASP C 216 -25.32 23.13 -3.04
N LYS C 217 -26.23 22.19 -3.24
CA LYS C 217 -27.17 21.82 -2.22
C LYS C 217 -26.75 20.57 -1.46
N GLY C 218 -25.58 20.03 -1.74
CA GLY C 218 -25.13 18.85 -1.07
C GLY C 218 -25.73 17.56 -1.57
N LEU C 219 -26.32 17.55 -2.75
CA LEU C 219 -26.92 16.36 -3.31
C LEU C 219 -25.94 15.66 -4.25
N LYS C 220 -26.29 14.43 -4.64
CA LYS C 220 -25.53 13.64 -5.60
C LYS C 220 -26.44 13.27 -6.77
N LEU C 221 -25.82 13.00 -7.92
CA LEU C 221 -26.56 12.69 -9.14
C LEU C 221 -26.03 11.41 -9.76
N ILE C 222 -26.92 10.44 -9.99
CA ILE C 222 -26.60 9.28 -10.78
C ILE C 222 -27.52 9.24 -11.99
N ILE C 223 -27.03 8.69 -13.09
CA ILE C 223 -27.77 8.63 -14.35
C ILE C 223 -27.78 7.20 -14.85
N ASP C 224 -28.74 6.91 -15.71
CA ASP C 224 -28.76 5.62 -16.38
C ASP C 224 -27.69 5.53 -17.45
N PHE C 225 -27.26 4.31 -17.72
CA PHE C 225 -26.32 4.04 -18.78
C PHE C 225 -26.75 2.77 -19.50
N ILE C 226 -26.72 2.82 -20.83
CA ILE C 226 -27.22 1.75 -21.69
C ILE C 226 -26.03 1.18 -22.47
N PRO C 227 -25.41 0.10 -22.01
CA PRO C 227 -24.24 -0.42 -22.73
C PRO C 227 -24.55 -1.44 -23.80
N ASN C 228 -25.75 -2.05 -23.78
CA ASN C 228 -26.00 -3.26 -24.55
C ASN C 228 -26.16 -2.99 -26.05
N HIS C 229 -26.78 -1.87 -26.41
CA HIS C 229 -27.21 -1.66 -27.79
C HIS C 229 -27.26 -0.17 -28.07
N THR C 230 -27.30 0.17 -29.35
CA THR C 230 -27.50 1.53 -29.82
C THR C 230 -28.74 1.58 -30.71
N SER C 231 -29.08 2.76 -31.18
CA SER C 231 -30.05 2.92 -32.24
C SER C 231 -29.43 2.51 -33.58
N ASP C 232 -30.29 2.18 -34.54
CA ASP C 232 -29.81 1.92 -35.90
C ASP C 232 -29.52 3.20 -36.67
N LYS C 233 -29.75 4.36 -36.08
CA LYS C 233 -29.33 5.64 -36.64
C LYS C 233 -28.05 6.16 -35.99
N HIS C 234 -27.45 5.39 -35.09
CA HIS C 234 -26.12 5.71 -34.59
C HIS C 234 -25.11 5.67 -35.72
N ILE C 235 -24.06 6.49 -35.59
CA ILE C 235 -23.06 6.59 -36.65
C ILE C 235 -22.21 5.33 -36.75
N TRP C 236 -22.09 4.56 -35.66
CA TRP C 236 -21.35 3.30 -35.72
C TRP C 236 -22.08 2.27 -36.57
N PHE C 237 -23.41 2.26 -36.50
CA PHE C 237 -24.17 1.27 -37.26
C PHE C 237 -24.26 1.61 -38.73
N GLN C 238 -24.30 2.90 -39.08
CA GLN C 238 -24.28 3.30 -40.48
C GLN C 238 -22.93 3.02 -41.12
N LEU C 239 -21.85 3.02 -40.33
CA LEU C 239 -20.55 2.61 -40.82
C LEU C 239 -20.38 1.09 -40.79
N SER C 240 -21.10 0.40 -39.89
CA SER C 240 -20.98 -1.05 -39.77
C SER C 240 -21.60 -1.76 -40.96
N ARG C 241 -22.75 -1.27 -41.43
CA ARG C 241 -23.47 -1.96 -42.49
C ARG C 241 -22.94 -1.62 -43.88
N THR C 242 -21.99 -0.70 -44.00
CA THR C 242 -21.26 -0.48 -45.23
C THR C 242 -19.85 -1.03 -45.18
N ARG C 243 -19.50 -1.72 -44.08
CA ARG C 243 -18.20 -2.38 -43.85
C ARG C 243 -17.04 -1.38 -43.93
N THR C 244 -17.17 -0.30 -43.18
CA THR C 244 -16.23 0.82 -43.22
C THR C 244 -15.27 0.69 -42.05
N GLY C 245 -14.03 0.30 -42.34
CA GLY C 245 -12.96 0.38 -41.35
C GLY C 245 -13.08 -0.65 -40.25
N LYS C 246 -12.86 -0.20 -39.03
CA LYS C 246 -12.94 -1.04 -37.85
C LYS C 246 -14.38 -1.30 -37.40
N TYR C 247 -15.34 -0.55 -37.93
CA TYR C 247 -16.72 -0.63 -37.49
C TYR C 247 -17.46 -1.85 -38.02
N THR C 248 -16.83 -2.65 -38.89
CA THR C 248 -17.46 -3.83 -39.48
C THR C 248 -17.86 -4.84 -38.42
N ASP C 249 -17.05 -5.00 -37.37
CA ASP C 249 -17.32 -5.93 -36.30
C ASP C 249 -17.83 -5.25 -35.03
N TYR C 250 -18.40 -4.05 -35.15
CA TYR C 250 -18.99 -3.41 -33.99
C TYR C 250 -20.32 -4.05 -33.60
N TYR C 251 -20.96 -4.74 -34.54
CA TYR C 251 -22.25 -5.38 -34.32
C TYR C 251 -22.13 -6.83 -34.76
N ILE C 252 -23.13 -7.63 -34.44
CA ILE C 252 -23.08 -9.07 -34.66
C ILE C 252 -23.84 -9.39 -35.94
N TRP C 253 -23.09 -9.68 -37.00
CA TRP C 253 -23.63 -9.94 -38.34
C TRP C 253 -23.46 -11.40 -38.69
N HIS C 254 -24.44 -11.97 -39.38
CA HIS C 254 -24.36 -13.35 -39.86
C HIS C 254 -25.10 -13.48 -41.17
N ASP C 255 -24.72 -14.48 -41.95
CA ASP C 255 -25.34 -14.73 -43.24
C ASP C 255 -26.72 -15.35 -43.08
N CYS C 256 -27.63 -14.96 -43.97
CA CYS C 256 -28.98 -15.48 -43.99
C CYS C 256 -29.45 -15.57 -45.44
N THR C 257 -30.68 -16.05 -45.63
CA THR C 257 -31.20 -16.39 -46.96
C THR C 257 -32.54 -15.69 -47.22
N HIS C 258 -32.55 -14.37 -47.05
CA HIS C 258 -33.73 -13.54 -47.29
C HIS C 258 -34.19 -13.63 -48.75
N GLU C 259 -35.34 -14.26 -48.96
CA GLU C 259 -35.98 -14.29 -50.27
C GLU C 259 -37.50 -14.26 -50.07
N ASN C 260 -38.20 -13.78 -51.11
CA ASN C 260 -39.66 -13.58 -51.11
C ASN C 260 -40.12 -12.67 -49.97
N GLY C 261 -39.29 -11.71 -49.58
CA GLY C 261 -39.64 -10.80 -48.51
C GLY C 261 -39.55 -11.39 -47.11
N LYS C 262 -39.08 -12.62 -46.96
CA LYS C 262 -39.00 -13.26 -45.65
C LYS C 262 -37.63 -13.86 -45.41
N THR C 263 -37.20 -13.81 -44.15
CA THR C 263 -35.87 -14.18 -43.74
C THR C 263 -35.89 -15.55 -43.06
N ILE C 264 -34.98 -16.42 -43.46
CA ILE C 264 -34.67 -17.64 -42.71
C ILE C 264 -33.53 -17.32 -41.75
N PRO C 265 -33.77 -17.23 -40.45
CA PRO C 265 -32.74 -16.77 -39.52
C PRO C 265 -31.71 -17.85 -39.24
N PRO C 266 -30.54 -17.48 -38.70
CA PRO C 266 -29.52 -18.50 -38.41
C PRO C 266 -29.89 -19.46 -37.27
N ASN C 267 -30.72 -19.06 -36.32
CA ASN C 267 -31.20 -20.01 -35.31
C ASN C 267 -32.62 -19.59 -34.92
N ASN C 268 -33.11 -20.12 -33.80
CA ASN C 268 -34.47 -19.91 -33.34
C ASN C 268 -34.59 -18.84 -32.26
N TRP C 269 -33.53 -18.07 -32.02
CA TRP C 269 -33.49 -17.12 -30.92
C TRP C 269 -34.52 -16.00 -31.12
N LEU C 270 -35.19 -15.63 -30.03
CA LEU C 270 -36.31 -14.72 -30.09
C LEU C 270 -35.99 -13.40 -29.39
N SER C 271 -36.59 -12.33 -29.91
CA SER C 271 -36.56 -11.03 -29.25
C SER C 271 -37.38 -11.06 -27.97
N VAL C 272 -37.01 -10.19 -27.03
CA VAL C 272 -37.71 -10.04 -25.76
C VAL C 272 -39.15 -9.59 -25.98
N TYR C 273 -39.37 -8.70 -26.95
CA TYR C 273 -40.71 -8.25 -27.28
C TYR C 273 -41.41 -9.14 -28.28
N GLY C 274 -40.70 -10.10 -28.86
CA GLY C 274 -41.26 -11.34 -29.35
C GLY C 274 -41.49 -11.42 -30.84
N ASN C 275 -40.47 -11.90 -31.54
CA ASN C 275 -40.42 -12.50 -32.86
C ASN C 275 -38.93 -12.83 -32.98
N SER C 276 -38.45 -13.17 -34.17
CA SER C 276 -37.03 -13.46 -34.36
C SER C 276 -36.13 -12.29 -33.96
N SER C 277 -35.02 -12.62 -33.31
CA SER C 277 -34.01 -11.67 -32.87
C SER C 277 -32.96 -11.39 -33.95
N TRP C 278 -33.20 -11.80 -35.19
CA TRP C 278 -32.32 -11.52 -36.31
C TRP C 278 -33.10 -10.73 -37.34
N HIS C 279 -32.48 -9.68 -37.88
CA HIS C 279 -33.14 -8.82 -38.86
C HIS C 279 -32.24 -8.62 -40.06
N PHE C 280 -32.79 -8.79 -41.25
CA PHE C 280 -32.04 -8.67 -42.49
C PHE C 280 -31.85 -7.20 -42.87
N ASP C 281 -30.60 -6.83 -43.14
CA ASP C 281 -30.26 -5.49 -43.60
C ASP C 281 -29.97 -5.52 -45.09
N GLU C 282 -30.60 -4.63 -45.85
CA GLU C 282 -30.52 -4.67 -47.30
C GLU C 282 -29.18 -4.18 -47.84
N VAL C 283 -28.50 -3.26 -47.15
CA VAL C 283 -27.24 -2.73 -47.65
C VAL C 283 -26.12 -3.73 -47.41
N ARG C 284 -26.04 -4.26 -46.19
CA ARG C 284 -25.01 -5.23 -45.84
C ARG C 284 -25.29 -6.59 -46.48
N ASN C 285 -26.57 -6.89 -46.75
CA ASN C 285 -27.05 -8.21 -47.20
C ASN C 285 -26.64 -9.32 -46.24
N GLN C 286 -26.75 -9.01 -44.95
CA GLN C 286 -26.58 -9.97 -43.87
C GLN C 286 -27.66 -9.69 -42.84
N CYS C 287 -27.74 -10.55 -41.83
CA CYS C 287 -28.65 -10.36 -40.72
C CYS C 287 -27.87 -9.91 -39.49
N TYR C 288 -28.45 -8.97 -38.74
CA TYR C 288 -27.86 -8.54 -37.48
C TYR C 288 -28.74 -8.95 -36.31
N PHE C 289 -28.11 -9.02 -35.14
CA PHE C 289 -28.75 -9.48 -33.92
C PHE C 289 -29.28 -8.32 -33.10
N HIS C 290 -30.44 -8.52 -32.49
CA HIS C 290 -31.00 -7.55 -31.55
C HIS C 290 -31.78 -8.26 -30.46
N GLN C 291 -31.51 -7.91 -29.20
CA GLN C 291 -32.27 -8.49 -28.10
C GLN C 291 -33.65 -7.89 -27.95
N PHE C 292 -33.85 -6.61 -28.27
CA PHE C 292 -35.11 -5.96 -27.91
C PHE C 292 -35.99 -5.60 -29.09
N MET C 293 -35.58 -4.68 -29.96
CA MET C 293 -36.35 -4.36 -31.15
C MET C 293 -35.39 -4.28 -32.31
N LYS C 294 -35.93 -4.36 -33.52
CA LYS C 294 -35.09 -4.34 -34.72
C LYS C 294 -34.44 -2.97 -34.94
N GLU C 295 -34.94 -1.92 -34.30
CA GLU C 295 -34.30 -0.62 -34.32
C GLU C 295 -33.19 -0.49 -33.28
N GLN C 296 -32.90 -1.54 -32.51
CA GLN C 296 -31.89 -1.52 -31.45
C GLN C 296 -30.87 -2.64 -31.66
N PRO C 297 -29.93 -2.49 -32.62
CA PRO C 297 -28.92 -3.54 -32.82
C PRO C 297 -27.93 -3.64 -31.67
N ASP C 298 -27.61 -4.87 -31.31
CA ASP C 298 -26.72 -5.15 -30.18
C ASP C 298 -25.25 -4.94 -30.56
N LEU C 299 -24.49 -4.39 -29.63
CA LEU C 299 -23.06 -4.25 -29.80
C LEU C 299 -22.35 -5.57 -29.60
N ASN C 300 -21.23 -5.73 -30.28
CA ASN C 300 -20.41 -6.94 -30.20
C ASN C 300 -19.35 -6.73 -29.12
N PHE C 301 -19.64 -7.20 -27.91
CA PHE C 301 -18.72 -7.02 -26.80
C PHE C 301 -17.58 -8.04 -26.77
N ARG C 302 -17.53 -8.96 -27.73
CA ARG C 302 -16.33 -9.76 -27.92
C ARG C 302 -15.28 -9.03 -28.75
N ASN C 303 -15.63 -7.87 -29.29
CA ASN C 303 -14.66 -7.01 -29.98
C ASN C 303 -14.06 -6.05 -28.96
N PRO C 304 -12.73 -6.05 -28.78
CA PRO C 304 -12.13 -5.13 -27.79
C PRO C 304 -12.18 -3.67 -28.20
N ASP C 305 -12.41 -3.34 -29.47
CA ASP C 305 -12.65 -1.96 -29.86
C ASP C 305 -13.98 -1.44 -29.31
N VAL C 306 -14.98 -2.32 -29.19
CA VAL C 306 -16.27 -1.91 -28.64
C VAL C 306 -16.14 -1.65 -27.15
N GLN C 307 -15.36 -2.46 -26.44
CA GLN C 307 -15.17 -2.28 -25.00
C GLN C 307 -14.38 -1.03 -24.69
N GLU C 308 -13.52 -0.58 -25.60
CA GLU C 308 -12.81 0.67 -25.43
C GLU C 308 -13.72 1.87 -25.64
N GLU C 309 -14.69 1.76 -26.55
CA GLU C 309 -15.61 2.86 -26.81
C GLU C 309 -16.57 3.09 -25.66
N ILE C 310 -16.98 2.02 -24.99
CA ILE C 310 -17.88 2.14 -23.84
C ILE C 310 -17.16 2.80 -22.67
N LYS C 311 -15.86 2.52 -22.53
CA LYS C 311 -15.07 3.13 -21.46
C LYS C 311 -14.86 4.62 -21.67
N GLU C 312 -14.78 5.06 -22.93
CA GLU C 312 -14.63 6.49 -23.19
C GLU C 312 -15.92 7.26 -22.93
N ILE C 313 -17.06 6.61 -23.10
CA ILE C 313 -18.35 7.22 -22.75
C ILE C 313 -18.46 7.38 -21.25
N LEU C 314 -18.02 6.39 -20.49
CA LEU C 314 -18.03 6.47 -19.02
C LEU C 314 -17.14 7.59 -18.52
N ARG C 315 -15.94 7.74 -19.10
CA ARG C 315 -15.03 8.81 -18.73
C ARG C 315 -15.57 10.18 -19.11
N PHE C 316 -16.40 10.24 -20.16
CA PHE C 316 -16.99 11.51 -20.59
C PHE C 316 -17.95 12.06 -19.53
N TRP C 317 -18.84 11.21 -19.02
CA TRP C 317 -19.81 11.69 -18.04
C TRP C 317 -19.22 11.83 -16.64
N LEU C 318 -18.19 11.03 -16.31
CA LEU C 318 -17.53 11.22 -15.02
C LEU C 318 -16.72 12.51 -14.98
N THR C 319 -16.21 12.97 -16.13
CA THR C 319 -15.53 14.26 -16.20
C THR C 319 -16.52 15.41 -16.06
N LYS C 320 -17.76 15.23 -16.48
CA LYS C 320 -18.79 16.25 -16.27
C LYS C 320 -19.20 16.40 -14.81
N GLY C 321 -18.86 15.43 -13.96
CA GLY C 321 -19.21 15.50 -12.56
C GLY C 321 -20.36 14.63 -12.12
N VAL C 322 -20.75 13.65 -12.92
CA VAL C 322 -21.79 12.71 -12.53
C VAL C 322 -21.24 11.79 -11.43
N ASP C 323 -22.02 11.60 -10.37
CA ASP C 323 -21.56 10.85 -9.22
C ASP C 323 -21.73 9.34 -9.36
N GLY C 324 -22.38 8.85 -10.41
CA GLY C 324 -22.51 7.42 -10.55
C GLY C 324 -23.44 7.02 -11.67
N PHE C 325 -23.56 5.70 -11.83
CA PHE C 325 -24.27 5.13 -12.96
C PHE C 325 -25.17 3.98 -12.52
N SER C 326 -26.28 3.84 -13.23
CA SER C 326 -27.15 2.68 -13.15
C SER C 326 -27.05 1.92 -14.48
N LEU C 327 -26.55 0.70 -14.42
CA LEU C 327 -26.33 -0.10 -15.61
C LEU C 327 -27.57 -0.90 -15.96
N ASP C 328 -28.10 -0.69 -17.16
CA ASP C 328 -29.29 -1.39 -17.62
C ASP C 328 -28.91 -2.56 -18.51
N ALA C 329 -29.64 -3.67 -18.34
CA ALA C 329 -29.64 -4.83 -19.25
C ALA C 329 -28.26 -5.49 -19.35
N VAL C 330 -27.58 -5.63 -18.21
CA VAL C 330 -26.24 -6.21 -18.23
C VAL C 330 -26.30 -7.72 -18.47
N LYS C 331 -27.40 -8.37 -18.13
CA LYS C 331 -27.50 -9.81 -18.38
C LYS C 331 -27.68 -10.15 -19.85
N PHE C 332 -27.96 -9.18 -20.70
CA PHE C 332 -28.10 -9.41 -22.13
C PHE C 332 -26.82 -9.14 -22.92
N LEU C 333 -25.70 -8.87 -22.25
CA LEU C 333 -24.51 -8.32 -22.92
C LEU C 333 -23.86 -9.32 -23.86
N LEU C 334 -23.67 -10.56 -23.43
CA LEU C 334 -23.02 -11.57 -24.24
C LEU C 334 -24.01 -12.67 -24.61
N GLU C 335 -23.76 -13.29 -25.77
CA GLU C 335 -24.49 -14.45 -26.22
C GLU C 335 -23.47 -15.52 -26.60
N ALA C 336 -23.96 -16.76 -26.75
CA ALA C 336 -23.10 -17.86 -27.15
C ALA C 336 -22.68 -17.68 -28.61
N LYS C 337 -21.39 -17.89 -28.89
CA LYS C 337 -20.93 -17.76 -30.26
C LYS C 337 -21.10 -19.04 -31.06
N HIS C 338 -21.50 -20.15 -30.44
CA HIS C 338 -21.76 -21.36 -31.21
C HIS C 338 -23.09 -21.32 -31.94
N LEU C 339 -23.99 -20.40 -31.54
CA LEU C 339 -25.25 -20.09 -32.22
C LEU C 339 -26.21 -21.27 -32.27
N ARG C 340 -26.19 -22.15 -31.28
CA ARG C 340 -27.10 -23.28 -31.27
C ARG C 340 -28.48 -22.86 -30.80
N ASP C 341 -29.48 -23.66 -31.18
CA ASP C 341 -30.87 -23.34 -30.88
C ASP C 341 -31.16 -23.49 -29.39
N GLU C 342 -32.03 -22.62 -28.89
CA GLU C 342 -32.50 -22.74 -27.52
C GLU C 342 -33.46 -23.92 -27.39
N ILE C 343 -33.66 -24.34 -26.14
CA ILE C 343 -34.57 -25.43 -25.82
C ILE C 343 -35.96 -24.87 -25.61
N GLN C 344 -36.95 -25.48 -26.25
CA GLN C 344 -38.33 -25.08 -26.05
C GLN C 344 -38.85 -25.55 -24.70
N VAL C 345 -39.71 -24.73 -24.09
CA VAL C 345 -40.39 -25.12 -22.87
C VAL C 345 -41.36 -26.27 -23.15
N ASN C 346 -42.00 -26.24 -24.31
CA ASN C 346 -42.86 -27.31 -24.80
C ASN C 346 -42.16 -27.93 -26.01
N LYS C 347 -41.65 -29.14 -25.83
CA LYS C 347 -40.81 -29.75 -26.86
C LYS C 347 -41.60 -30.33 -28.02
N THR C 348 -42.90 -30.55 -27.86
CA THR C 348 -43.71 -31.02 -28.97
C THR C 348 -44.35 -29.88 -29.75
N GLN C 349 -44.09 -28.63 -29.37
CA GLN C 349 -44.57 -27.49 -30.14
C GLN C 349 -43.83 -27.41 -31.47
N ILE C 350 -44.57 -27.17 -32.54
CA ILE C 350 -43.98 -27.04 -33.87
C ILE C 350 -43.20 -25.73 -33.94
N PRO C 351 -41.94 -25.74 -34.40
CA PRO C 351 -41.09 -24.54 -34.31
C PRO C 351 -41.51 -23.38 -35.20
N ASP C 352 -42.43 -23.57 -36.15
CA ASP C 352 -43.00 -22.45 -36.88
C ASP C 352 -43.85 -21.54 -36.00
N THR C 353 -44.37 -22.06 -34.89
CA THR C 353 -45.25 -21.30 -34.01
C THR C 353 -44.56 -20.74 -32.78
N VAL C 354 -43.29 -21.07 -32.55
CA VAL C 354 -42.57 -20.55 -31.41
C VAL C 354 -42.14 -19.12 -31.70
N THR C 355 -42.96 -18.16 -31.26
CA THR C 355 -42.70 -16.74 -31.51
C THR C 355 -42.67 -15.90 -30.24
N GLN C 356 -43.23 -16.38 -29.13
CA GLN C 356 -43.23 -15.66 -27.88
C GLN C 356 -41.96 -15.97 -27.09
N TYR C 357 -41.46 -14.95 -26.38
CA TYR C 357 -40.20 -15.06 -25.65
C TYR C 357 -40.28 -16.07 -24.51
N SER C 358 -41.45 -16.22 -23.89
CA SER C 358 -41.62 -17.16 -22.79
C SER C 358 -41.73 -18.61 -23.23
N GLU C 359 -41.64 -18.91 -24.51
CA GLU C 359 -41.70 -20.27 -25.01
C GLU C 359 -40.34 -20.92 -25.17
N LEU C 360 -39.25 -20.22 -24.80
CA LEU C 360 -37.91 -20.76 -24.88
C LEU C 360 -37.20 -20.59 -23.55
N TYR C 361 -36.27 -21.50 -23.27
CA TYR C 361 -35.31 -21.33 -22.20
C TYR C 361 -34.10 -20.57 -22.74
N HIS C 362 -33.73 -19.50 -22.07
CA HIS C 362 -32.73 -18.57 -22.60
C HIS C 362 -31.34 -18.86 -22.01
N ASP C 363 -30.90 -20.10 -22.22
CA ASP C 363 -29.60 -20.54 -21.72
C ASP C 363 -28.42 -19.99 -22.53
N PHE C 364 -28.65 -19.58 -23.77
CA PHE C 364 -27.56 -19.13 -24.63
C PHE C 364 -27.56 -17.62 -24.88
N THR C 365 -28.58 -16.89 -24.47
CA THR C 365 -28.65 -15.46 -24.76
C THR C 365 -28.62 -14.57 -23.54
N THR C 366 -28.71 -15.11 -22.33
CA THR C 366 -28.60 -14.34 -21.10
C THR C 366 -27.58 -15.00 -20.19
N THR C 367 -26.77 -14.15 -19.54
CA THR C 367 -25.81 -14.51 -18.49
C THR C 367 -24.82 -15.58 -18.95
N GLN C 368 -24.00 -15.20 -19.92
CA GLN C 368 -23.00 -16.10 -20.46
C GLN C 368 -21.70 -15.96 -19.68
N VAL C 369 -20.79 -16.92 -19.88
CA VAL C 369 -19.47 -16.88 -19.27
C VAL C 369 -18.70 -15.70 -19.85
N GLY C 370 -18.24 -14.81 -18.97
CA GLY C 370 -17.54 -13.60 -19.36
C GLY C 370 -18.32 -12.32 -19.16
N MET C 371 -19.61 -12.41 -18.84
CA MET C 371 -20.43 -11.20 -18.69
C MET C 371 -20.07 -10.45 -17.41
N HIS C 372 -19.88 -11.16 -16.30
CA HIS C 372 -19.54 -10.52 -15.03
C HIS C 372 -18.17 -9.86 -15.09
N ASP C 373 -17.27 -10.37 -15.93
CA ASP C 373 -15.96 -9.75 -16.08
C ASP C 373 -16.03 -8.43 -16.83
N ILE C 374 -17.04 -8.26 -17.69
CA ILE C 374 -17.24 -6.97 -18.35
C ILE C 374 -17.75 -5.93 -17.36
N VAL C 375 -18.64 -6.33 -16.46
CA VAL C 375 -19.14 -5.45 -15.42
C VAL C 375 -18.04 -5.08 -14.44
N ARG C 376 -17.13 -6.01 -14.15
CA ARG C 376 -15.99 -5.73 -13.29
C ARG C 376 -15.00 -4.78 -13.94
N SER C 377 -14.89 -4.79 -15.26
CA SER C 377 -14.01 -3.83 -15.92
C SER C 377 -14.63 -2.43 -15.97
N PHE C 378 -15.97 -2.34 -15.93
CA PHE C 378 -16.63 -1.05 -15.77
C PHE C 378 -16.34 -0.45 -14.40
N ARG C 379 -16.30 -1.30 -13.36
CA ARG C 379 -15.97 -0.86 -12.02
C ARG C 379 -14.52 -0.39 -11.93
N GLN C 380 -13.63 -1.02 -12.68
CA GLN C 380 -12.23 -0.61 -12.69
C GLN C 380 -12.03 0.73 -13.37
N THR C 381 -12.81 1.02 -14.42
CA THR C 381 -12.74 2.31 -15.08
C THR C 381 -13.21 3.43 -14.16
N MET C 382 -14.27 3.20 -13.41
CA MET C 382 -14.79 4.18 -12.48
C MET C 382 -13.93 4.34 -11.23
N ASP C 383 -13.05 3.38 -10.94
CA ASP C 383 -12.15 3.49 -9.80
C ASP C 383 -11.09 4.56 -9.98
N GLN C 384 -10.74 4.91 -11.22
CA GLN C 384 -9.82 6.01 -11.47
C GLN C 384 -10.43 7.38 -11.23
N TYR C 385 -11.74 7.47 -11.02
CA TYR C 385 -12.38 8.73 -10.66
C TYR C 385 -12.86 8.73 -9.23
N SER C 386 -12.54 7.71 -8.46
CA SER C 386 -13.02 7.56 -7.10
C SER C 386 -11.93 7.79 -6.06
N THR C 387 -10.71 8.12 -6.46
CA THR C 387 -9.58 8.15 -5.54
C THR C 387 -9.59 9.36 -4.62
N GLU C 388 -10.24 10.40 -4.97
CA GLU C 388 -10.33 11.57 -4.13
C GLU C 388 -11.38 11.37 -3.06
N PRO C 389 -11.09 11.68 -1.80
CA PRO C 389 -12.03 11.35 -0.72
C PRO C 389 -13.27 12.22 -0.74
N GLY C 390 -14.41 11.59 -0.47
CA GLY C 390 -15.69 12.24 -0.60
C GLY C 390 -16.28 12.24 -1.98
N ARG C 391 -15.57 11.71 -2.97
CA ARG C 391 -16.02 11.68 -4.36
C ARG C 391 -15.95 10.25 -4.91
N TYR C 392 -16.47 9.31 -4.14
CA TYR C 392 -16.63 7.94 -4.62
C TYR C 392 -17.72 7.90 -5.69
N ARG C 393 -17.51 7.07 -6.71
CA ARG C 393 -18.46 6.93 -7.80
C ARG C 393 -19.25 5.63 -7.65
N PHE C 394 -20.58 5.74 -7.72
CA PHE C 394 -21.50 4.63 -7.48
C PHE C 394 -21.72 3.82 -8.76
N MET C 395 -21.79 2.51 -8.63
CA MET C 395 -22.24 1.66 -9.74
C MET C 395 -23.34 0.73 -9.24
N GLY C 396 -24.52 0.85 -9.84
CA GLY C 396 -25.60 -0.08 -9.59
C GLY C 396 -25.97 -0.79 -10.87
N THR C 397 -26.46 -2.01 -10.72
CA THR C 397 -26.87 -2.81 -11.87
C THR C 397 -28.35 -3.15 -11.75
N GLU C 398 -29.01 -3.19 -12.90
CA GLU C 398 -30.40 -3.58 -12.99
C GLU C 398 -30.49 -4.91 -13.72
N ALA C 399 -31.03 -5.91 -13.05
CA ALA C 399 -31.29 -7.20 -13.70
C ALA C 399 -32.56 -7.75 -13.06
N TYR C 400 -33.65 -7.67 -13.80
CA TYR C 400 -34.98 -8.04 -13.32
C TYR C 400 -35.45 -9.31 -14.02
N ALA C 401 -36.59 -9.81 -13.55
CA ALA C 401 -37.14 -11.12 -13.93
C ALA C 401 -36.11 -12.23 -13.75
N GLU C 402 -35.45 -12.22 -12.60
CA GLU C 402 -34.26 -13.03 -12.37
C GLU C 402 -34.41 -13.76 -11.05
N SER C 403 -33.70 -14.88 -10.93
CA SER C 403 -33.62 -15.59 -9.67
C SER C 403 -32.76 -14.83 -8.66
N ILE C 404 -33.04 -15.04 -7.37
CA ILE C 404 -32.35 -14.31 -6.32
C ILE C 404 -30.88 -14.74 -6.22
N ASP C 405 -30.56 -15.99 -6.57
CA ASP C 405 -29.17 -16.42 -6.53
C ASP C 405 -28.35 -15.88 -7.70
N ARG C 406 -29.00 -15.46 -8.78
CA ARG C 406 -28.30 -14.79 -9.87
C ARG C 406 -28.20 -13.29 -9.65
N THR C 407 -29.17 -12.68 -8.97
CA THR C 407 -29.12 -11.26 -8.66
C THR C 407 -28.02 -10.94 -7.67
N VAL C 408 -27.80 -11.84 -6.71
CA VAL C 408 -26.81 -11.66 -5.64
C VAL C 408 -25.38 -11.72 -6.17
N MET C 409 -25.15 -12.35 -7.34
CA MET C 409 -23.83 -12.42 -7.95
C MET C 409 -23.27 -11.06 -8.37
N TYR C 410 -24.13 -10.05 -8.54
CA TYR C 410 -23.64 -8.72 -8.88
C TYR C 410 -22.98 -7.99 -7.70
N TYR C 411 -23.16 -8.49 -6.47
CA TYR C 411 -22.41 -7.97 -5.33
C TYR C 411 -20.93 -8.30 -5.42
N GLY C 412 -20.56 -9.33 -6.17
CA GLY C 412 -19.18 -9.70 -6.32
C GLY C 412 -18.71 -10.69 -5.27
N LEU C 413 -17.40 -10.71 -5.09
CA LEU C 413 -16.70 -11.58 -4.16
C LEU C 413 -15.96 -10.71 -3.15
N PRO C 414 -15.54 -11.27 -2.01
CA PRO C 414 -14.77 -10.46 -1.03
C PRO C 414 -13.43 -9.96 -1.54
N PHE C 415 -12.87 -10.56 -2.59
CA PHE C 415 -11.62 -10.10 -3.17
C PHE C 415 -11.77 -9.49 -4.56
N ILE C 416 -12.99 -9.37 -5.07
CA ILE C 416 -13.24 -8.81 -6.41
C ILE C 416 -14.42 -7.85 -6.31
N GLN C 417 -14.20 -6.59 -6.69
CA GLN C 417 -15.26 -5.59 -6.64
C GLN C 417 -16.13 -5.63 -7.89
N GLU C 418 -17.40 -5.29 -7.70
CA GLU C 418 -18.44 -5.29 -8.73
C GLU C 418 -19.39 -4.16 -8.34
N ALA C 419 -20.67 -4.26 -8.69
CA ALA C 419 -21.66 -3.26 -8.29
C ALA C 419 -21.71 -3.04 -6.79
N ASP C 420 -22.02 -1.80 -6.40
CA ASP C 420 -22.20 -1.48 -4.99
C ASP C 420 -23.44 -2.16 -4.43
N PHE C 421 -24.55 -2.13 -5.16
CA PHE C 421 -25.61 -3.12 -4.98
C PHE C 421 -26.31 -3.32 -6.32
N PRO C 422 -26.87 -4.50 -6.54
CA PRO C 422 -27.88 -4.63 -7.59
C PRO C 422 -29.23 -4.12 -7.08
N PHE C 423 -29.98 -3.49 -7.97
CA PHE C 423 -31.25 -2.88 -7.57
C PHE C 423 -32.29 -3.95 -7.28
N ASN C 424 -32.94 -3.82 -6.13
CA ASN C 424 -33.91 -4.78 -5.62
C ASN C 424 -35.31 -4.30 -5.98
N ASN C 425 -35.98 -5.04 -6.86
CA ASN C 425 -37.34 -4.70 -7.28
C ASN C 425 -38.36 -5.74 -6.84
N TYR C 426 -38.00 -6.64 -5.92
CA TYR C 426 -38.88 -7.74 -5.54
C TYR C 426 -40.12 -7.28 -4.76
N LEU C 427 -40.06 -6.13 -4.08
CA LEU C 427 -41.26 -5.58 -3.48
C LEU C 427 -42.17 -4.89 -4.50
N SER C 428 -41.61 -4.45 -5.64
CA SER C 428 -42.42 -3.88 -6.70
C SER C 428 -43.22 -4.92 -7.46
N MET C 429 -42.85 -6.19 -7.36
CA MET C 429 -43.51 -7.26 -8.07
C MET C 429 -44.67 -7.85 -7.32
N LEU C 430 -44.99 -7.33 -6.13
CA LEU C 430 -46.11 -7.83 -5.33
C LEU C 430 -47.38 -7.16 -5.83
N ASP C 431 -48.23 -7.93 -6.52
CA ASP C 431 -49.50 -7.40 -6.99
C ASP C 431 -50.56 -7.42 -5.91
N THR C 432 -50.39 -8.26 -4.89
CA THR C 432 -51.19 -8.22 -3.69
C THR C 432 -50.26 -8.41 -2.51
N VAL C 433 -50.67 -7.91 -1.36
CA VAL C 433 -49.77 -7.82 -0.22
C VAL C 433 -50.37 -8.63 0.93
N SER C 434 -49.49 -9.16 1.77
CA SER C 434 -49.86 -10.03 2.88
C SER C 434 -48.68 -10.11 3.83
N GLY C 435 -48.95 -10.62 5.03
CA GLY C 435 -47.88 -10.73 6.02
C GLY C 435 -46.86 -11.79 5.65
N ASN C 436 -47.31 -12.89 5.05
CA ASN C 436 -46.38 -13.93 4.63
C ASN C 436 -45.64 -13.55 3.36
N SER C 437 -46.26 -12.78 2.47
CA SER C 437 -45.60 -12.42 1.22
C SER C 437 -44.57 -11.31 1.41
N VAL C 438 -44.77 -10.41 2.36
CA VAL C 438 -43.76 -9.40 2.67
C VAL C 438 -42.59 -10.04 3.40
N TYR C 439 -42.88 -11.00 4.27
CA TYR C 439 -41.85 -11.72 5.02
C TYR C 439 -40.91 -12.49 4.09
N GLU C 440 -41.44 -13.15 3.05
CA GLU C 440 -40.58 -13.95 2.22
C GLU C 440 -39.74 -13.11 1.28
N VAL C 441 -40.18 -11.89 0.95
CA VAL C 441 -39.35 -11.00 0.14
C VAL C 441 -38.18 -10.45 0.98
N ILE C 442 -38.46 -10.06 2.22
CA ILE C 442 -37.42 -9.49 3.08
C ILE C 442 -36.38 -10.54 3.46
N THR C 443 -36.84 -11.75 3.82
CA THR C 443 -35.92 -12.80 4.22
C THR C 443 -35.17 -13.40 3.04
N SER C 444 -35.70 -13.34 1.82
CA SER C 444 -34.96 -13.84 0.67
C SER C 444 -33.75 -12.98 0.37
N TRP C 445 -33.89 -11.65 0.50
CA TRP C 445 -32.76 -10.78 0.21
C TRP C 445 -31.70 -10.84 1.32
N MET C 446 -32.13 -10.86 2.58
CA MET C 446 -31.17 -10.81 3.69
C MET C 446 -30.42 -12.13 3.86
N GLU C 447 -31.05 -13.26 3.53
CA GLU C 447 -30.37 -14.54 3.66
C GLU C 447 -29.47 -14.85 2.47
N ASN C 448 -29.78 -14.32 1.28
CA ASN C 448 -29.03 -14.70 0.10
C ASN C 448 -27.86 -13.77 -0.20
N MET C 449 -27.95 -12.49 0.16
CA MET C 449 -26.86 -11.58 -0.15
C MET C 449 -25.67 -11.86 0.77
N PRO C 450 -24.45 -11.62 0.31
CA PRO C 450 -23.27 -11.94 1.13
C PRO C 450 -23.19 -11.10 2.39
N GLU C 451 -22.48 -11.65 3.36
CA GLU C 451 -22.36 -11.05 4.68
C GLU C 451 -21.55 -9.77 4.60
N GLY C 452 -22.07 -8.70 5.20
CA GLY C 452 -21.42 -7.41 5.17
C GLY C 452 -21.67 -6.59 3.93
N LYS C 453 -22.57 -7.01 3.05
CA LYS C 453 -22.92 -6.20 1.90
C LYS C 453 -24.07 -5.26 2.26
N TRP C 454 -24.34 -4.31 1.37
CA TRP C 454 -25.33 -3.28 1.66
C TRP C 454 -26.61 -3.57 0.91
N PRO C 455 -27.75 -3.68 1.58
CA PRO C 455 -29.02 -3.91 0.88
C PRO C 455 -29.67 -2.61 0.39
N ASN C 456 -30.74 -2.77 -0.37
CA ASN C 456 -31.51 -1.65 -0.89
C ASN C 456 -32.92 -2.15 -1.18
N TRP C 457 -33.87 -1.21 -1.26
CA TRP C 457 -35.28 -1.56 -1.37
C TRP C 457 -36.00 -0.53 -2.25
N MET C 458 -36.85 -1.04 -3.15
CA MET C 458 -37.72 -0.23 -4.00
C MET C 458 -39.14 -0.75 -3.89
N ILE C 459 -40.11 0.15 -4.04
CA ILE C 459 -41.51 -0.25 -4.06
C ILE C 459 -42.21 0.14 -5.35
N GLY C 460 -41.48 0.71 -6.30
CA GLY C 460 -42.08 1.09 -7.57
C GLY C 460 -41.02 1.56 -8.53
N GLY C 461 -41.47 2.02 -9.69
CA GLY C 461 -40.58 2.47 -10.72
C GLY C 461 -41.32 2.79 -12.01
N PRO C 462 -40.58 3.12 -13.06
CA PRO C 462 -41.24 3.50 -14.33
C PRO C 462 -41.86 2.34 -15.08
N ASP C 463 -41.47 1.10 -14.80
CA ASP C 463 -42.05 -0.05 -15.47
C ASP C 463 -43.02 -0.82 -14.59
N SER C 464 -43.29 -0.33 -13.39
CA SER C 464 -44.19 -0.97 -12.45
C SER C 464 -45.44 -0.11 -12.30
N SER C 465 -46.56 -0.77 -12.04
CA SER C 465 -47.78 -0.06 -11.70
C SER C 465 -47.61 0.71 -10.39
N ARG C 466 -48.20 1.89 -10.31
CA ARG C 466 -48.07 2.72 -9.13
C ARG C 466 -48.77 2.07 -7.94
N LEU C 467 -48.26 2.36 -6.74
CA LEU C 467 -48.55 1.54 -5.57
C LEU C 467 -49.97 1.70 -5.08
N THR C 468 -50.55 2.89 -5.19
CA THR C 468 -51.95 3.05 -4.77
C THR C 468 -52.93 2.45 -5.77
N SER C 469 -52.49 2.16 -6.98
CA SER C 469 -53.28 1.41 -7.94
C SER C 469 -52.97 -0.08 -7.93
N ARG C 470 -51.79 -0.44 -7.43
CA ARG C 470 -51.38 -1.84 -7.36
C ARG C 470 -51.94 -2.52 -6.11
N LEU C 471 -51.86 -1.84 -4.98
CA LEU C 471 -52.27 -2.39 -3.70
C LEU C 471 -53.48 -1.71 -3.09
N GLY C 472 -53.75 -0.47 -3.45
CA GLY C 472 -54.83 0.28 -2.85
C GLY C 472 -54.33 1.45 -2.03
N ASN C 473 -55.21 2.42 -1.77
CA ASN C 473 -54.83 3.63 -1.06
C ASN C 473 -54.51 3.39 0.42
N GLN C 474 -55.05 2.32 1.00
CA GLN C 474 -54.80 2.02 2.41
C GLN C 474 -53.38 1.54 2.68
N TYR C 475 -52.61 1.21 1.64
CA TYR C 475 -51.27 0.69 1.82
C TYR C 475 -50.19 1.69 1.44
N VAL C 476 -50.53 2.94 1.15
CA VAL C 476 -49.52 3.93 0.77
C VAL C 476 -48.63 4.27 1.96
N ASN C 477 -49.26 4.55 3.10
CA ASN C 477 -48.51 4.99 4.28
C ASN C 477 -47.67 3.88 4.88
N VAL C 478 -48.16 2.64 4.86
CA VAL C 478 -47.41 1.55 5.48
C VAL C 478 -46.29 1.04 4.57
N MET C 479 -46.41 1.20 3.25
CA MET C 479 -45.30 0.83 2.38
C MET C 479 -44.17 1.85 2.47
N ASN C 480 -44.49 3.11 2.76
CA ASN C 480 -43.44 4.10 2.99
C ASN C 480 -42.75 3.87 4.33
N MET C 481 -43.49 3.42 5.34
CA MET C 481 -42.89 3.12 6.63
C MET C 481 -41.99 1.89 6.55
N LEU C 482 -42.37 0.91 5.73
CA LEU C 482 -41.53 -0.26 5.50
C LEU C 482 -40.24 0.12 4.80
N LEU C 483 -40.30 1.07 3.86
CA LEU C 483 -39.13 1.45 3.08
C LEU C 483 -38.09 2.18 3.93
N PHE C 484 -38.51 2.88 4.98
CA PHE C 484 -37.60 3.70 5.76
C PHE C 484 -37.22 3.08 7.09
N THR C 485 -37.69 1.87 7.39
CA THR C 485 -37.27 1.17 8.60
C THR C 485 -36.51 -0.10 8.32
N LEU C 486 -36.41 -0.52 7.06
CA LEU C 486 -35.58 -1.64 6.67
C LEU C 486 -34.12 -1.20 6.56
N PRO C 487 -33.17 -2.10 6.75
CA PRO C 487 -31.76 -1.73 6.60
C PRO C 487 -31.38 -1.48 5.14
N GLY C 488 -30.41 -0.60 4.94
CA GLY C 488 -29.92 -0.31 3.61
C GLY C 488 -30.41 1.00 3.06
N THR C 489 -30.49 1.09 1.73
CA THR C 489 -30.79 2.34 1.05
C THR C 489 -32.22 2.33 0.52
N PRO C 490 -33.10 3.21 0.98
CA PRO C 490 -34.43 3.31 0.38
C PRO C 490 -34.38 4.08 -0.93
N ILE C 491 -35.12 3.61 -1.91
CA ILE C 491 -35.18 4.24 -3.23
C ILE C 491 -36.64 4.54 -3.54
N THR C 492 -36.93 5.81 -3.81
CA THR C 492 -38.29 6.31 -3.98
C THR C 492 -38.48 6.76 -5.43
N TYR C 493 -39.47 6.18 -6.09
CA TYR C 493 -39.92 6.68 -7.39
C TYR C 493 -40.73 7.96 -7.17
N TYR C 494 -40.62 8.90 -8.11
CA TYR C 494 -41.25 10.22 -7.95
C TYR C 494 -42.78 10.08 -7.91
N GLY C 495 -43.40 10.89 -7.04
CA GLY C 495 -44.82 10.83 -6.83
C GLY C 495 -45.29 9.81 -5.80
N GLU C 496 -44.40 8.95 -5.31
CA GLU C 496 -44.79 7.97 -4.29
C GLU C 496 -45.00 8.65 -2.94
N GLU C 497 -44.27 9.72 -2.67
CA GLU C 497 -44.39 10.47 -1.42
C GLU C 497 -45.71 11.21 -1.31
N ILE C 498 -46.38 11.44 -2.44
CA ILE C 498 -47.68 12.08 -2.47
C ILE C 498 -48.80 11.05 -2.52
N GLY C 499 -48.57 9.94 -3.21
CA GLY C 499 -49.60 8.92 -3.38
C GLY C 499 -50.26 9.02 -4.74
N MET C 500 -49.47 9.35 -5.75
CA MET C 500 -49.97 9.44 -7.12
C MET C 500 -50.38 8.07 -7.65
N GLY C 501 -51.41 8.06 -8.49
CA GLY C 501 -51.91 6.85 -9.09
C GLY C 501 -51.62 6.76 -10.58
N ASN C 502 -51.98 5.61 -11.15
CA ASN C 502 -51.89 5.39 -12.58
C ASN C 502 -52.87 6.27 -13.32
N ILE C 503 -52.60 6.47 -14.60
CA ILE C 503 -53.57 7.02 -15.53
C ILE C 503 -54.03 5.90 -16.45
N VAL C 504 -55.07 6.19 -17.23
CA VAL C 504 -55.48 5.28 -18.30
C VAL C 504 -54.64 5.59 -19.54
N ALA C 505 -54.16 4.53 -20.20
CA ALA C 505 -53.18 4.64 -21.28
C ALA C 505 -53.79 5.36 -22.46
N ALA C 506 -53.26 6.54 -22.77
CA ALA C 506 -53.81 7.39 -23.80
C ALA C 506 -53.22 7.02 -25.16
N ASN C 507 -53.64 7.75 -26.19
CA ASN C 507 -53.06 7.62 -27.52
C ASN C 507 -51.81 8.47 -27.61
N LEU C 508 -50.69 7.84 -27.98
CA LEU C 508 -49.45 8.56 -28.26
C LEU C 508 -49.02 8.26 -29.68
N ASN C 509 -48.60 9.30 -30.39
CA ASN C 509 -48.09 9.15 -31.74
C ASN C 509 -46.57 9.07 -31.77
N GLU C 510 -45.96 8.76 -30.63
CA GLU C 510 -44.59 8.29 -30.53
C GLU C 510 -44.60 6.85 -30.04
N SER C 511 -43.50 6.15 -30.29
CA SER C 511 -43.43 4.72 -29.98
C SER C 511 -43.16 4.55 -28.48
N TYR C 512 -44.20 4.20 -27.74
CA TYR C 512 -44.10 3.95 -26.32
C TYR C 512 -44.83 2.66 -26.00
N ASP C 513 -44.42 2.02 -24.91
CA ASP C 513 -45.08 0.82 -24.43
C ASP C 513 -46.37 1.21 -23.72
N ILE C 514 -47.51 0.74 -24.24
CA ILE C 514 -48.79 1.13 -23.66
C ILE C 514 -49.09 0.40 -22.36
N ASN C 515 -48.41 -0.72 -22.10
CA ASN C 515 -48.61 -1.43 -20.84
C ASN C 515 -47.97 -0.69 -19.67
N THR C 516 -46.92 0.11 -19.92
CA THR C 516 -46.18 0.76 -18.84
C THR C 516 -46.23 2.29 -18.91
N LEU C 517 -47.04 2.88 -19.79
CA LEU C 517 -47.20 4.33 -19.81
C LEU C 517 -47.96 4.86 -18.60
N ARG C 518 -48.69 3.99 -17.90
CA ARG C 518 -49.55 4.40 -16.79
C ARG C 518 -48.79 4.96 -15.61
N SER C 519 -47.51 4.64 -15.46
CA SER C 519 -46.70 5.10 -14.33
C SER C 519 -45.91 6.36 -14.63
N LYS C 520 -46.04 6.93 -15.83
CA LYS C 520 -45.19 8.03 -16.26
C LYS C 520 -45.95 9.35 -16.39
N SER C 521 -47.07 9.49 -15.69
CA SER C 521 -47.86 10.70 -15.78
C SER C 521 -47.15 11.87 -15.09
N PRO C 522 -47.40 13.10 -15.52
CA PRO C 522 -46.65 14.25 -14.98
C PRO C 522 -46.89 14.50 -13.50
N MET C 523 -45.86 15.05 -12.86
CA MET C 523 -45.86 15.27 -11.42
C MET C 523 -46.90 16.31 -11.02
N GLN C 524 -47.62 16.02 -9.94
CA GLN C 524 -48.79 16.81 -9.54
C GLN C 524 -48.39 17.79 -8.45
N TRP C 525 -47.99 19.00 -8.87
CA TRP C 525 -47.90 20.17 -8.02
C TRP C 525 -49.28 20.81 -7.98
N ASP C 526 -49.37 22.07 -7.57
CA ASP C 526 -50.59 22.83 -7.26
C ASP C 526 -51.75 22.75 -8.24
N ASN C 527 -52.96 23.11 -7.80
CA ASN C 527 -54.15 22.83 -8.62
C ASN C 527 -54.37 23.80 -9.77
N SER C 528 -53.34 24.06 -10.56
CA SER C 528 -53.44 24.91 -11.74
C SER C 528 -53.80 24.05 -12.94
N SER C 529 -53.68 24.61 -14.13
CA SER C 529 -53.81 23.81 -15.34
C SER C 529 -52.62 22.89 -15.47
N ASN C 530 -52.90 21.62 -15.82
CA ASN C 530 -51.94 20.52 -15.90
C ASN C 530 -51.22 20.29 -14.57
N ALA C 531 -51.91 20.55 -13.46
CA ALA C 531 -51.43 20.35 -12.08
C ALA C 531 -50.13 21.11 -11.81
N GLY C 532 -49.97 22.29 -12.40
CA GLY C 532 -48.75 23.06 -12.23
C GLY C 532 -47.51 22.48 -12.86
N PHE C 533 -47.63 21.41 -13.67
CA PHE C 533 -46.48 20.82 -14.32
C PHE C 533 -46.01 21.68 -15.49
N SER C 534 -46.94 22.36 -16.16
CA SER C 534 -46.65 23.08 -17.38
C SER C 534 -47.66 24.20 -17.55
N GLU C 535 -47.23 25.29 -18.18
CA GLU C 535 -48.13 26.34 -18.60
C GLU C 535 -48.52 26.23 -20.06
N ALA C 536 -48.09 25.16 -20.74
CA ALA C 536 -48.51 24.90 -22.10
C ALA C 536 -49.97 24.44 -22.12
N SER C 537 -50.54 24.40 -23.33
CA SER C 537 -51.93 23.99 -23.46
C SER C 537 -52.07 22.48 -23.27
N ASN C 538 -51.31 21.70 -24.04
CA ASN C 538 -51.34 20.26 -23.94
C ASN C 538 -49.98 19.73 -23.53
N THR C 539 -49.97 18.79 -22.59
CA THR C 539 -48.76 18.10 -22.17
C THR C 539 -48.60 16.81 -22.98
N TRP C 540 -47.45 16.16 -22.80
CA TRP C 540 -47.16 14.97 -23.59
C TRP C 540 -47.96 13.77 -23.11
N LEU C 541 -48.32 13.72 -21.83
CA LEU C 541 -49.25 12.76 -21.26
C LEU C 541 -50.31 13.49 -20.46
N PRO C 542 -51.52 12.93 -20.35
CA PRO C 542 -52.54 13.57 -19.51
C PRO C 542 -52.21 13.46 -18.03
N THR C 543 -52.50 14.55 -17.31
CA THR C 543 -52.46 14.53 -15.86
C THR C 543 -53.63 13.73 -15.33
N ASN C 544 -53.37 12.93 -14.28
CA ASN C 544 -54.40 12.20 -13.56
C ASN C 544 -55.47 13.15 -13.03
N SER C 545 -56.73 12.71 -13.12
CA SER C 545 -57.89 13.57 -12.88
C SER C 545 -58.05 13.97 -11.40
N ASP C 546 -57.43 13.25 -10.48
CA ASP C 546 -57.56 13.51 -9.06
C ASP C 546 -56.59 14.58 -8.54
N TYR C 547 -56.05 15.41 -9.43
CA TYR C 547 -55.01 16.36 -9.01
C TYR C 547 -55.56 17.54 -8.22
N HIS C 548 -56.88 17.76 -8.20
CA HIS C 548 -57.42 18.83 -7.39
C HIS C 548 -57.32 18.51 -5.91
N THR C 549 -57.43 17.23 -5.55
CA THR C 549 -57.32 16.81 -4.16
C THR C 549 -55.96 16.20 -3.84
N VAL C 550 -55.24 15.69 -4.82
CA VAL C 550 -53.98 14.97 -4.61
C VAL C 550 -52.89 15.75 -5.32
N ASN C 551 -52.22 16.65 -4.58
CA ASN C 551 -51.09 17.37 -5.13
C ASN C 551 -50.19 17.82 -3.98
N VAL C 552 -49.02 18.33 -4.34
CA VAL C 552 -47.98 18.70 -3.37
C VAL C 552 -48.43 19.89 -2.53
N ASP C 553 -49.05 20.87 -3.19
CA ASP C 553 -49.42 22.12 -2.54
C ASP C 553 -50.48 21.93 -1.46
N VAL C 554 -51.49 21.12 -1.73
CA VAL C 554 -52.53 20.87 -0.73
C VAL C 554 -52.05 19.95 0.38
N GLN C 555 -51.06 19.11 0.13
CA GLN C 555 -50.57 18.20 1.16
C GLN C 555 -49.53 18.84 2.06
N LYS C 556 -49.00 20.01 1.70
CA LYS C 556 -48.14 20.75 2.61
C LYS C 556 -48.92 21.41 3.73
N THR C 557 -50.22 21.63 3.55
CA THR C 557 -51.05 22.28 4.56
C THR C 557 -52.03 21.32 5.22
N GLN C 558 -51.82 20.01 5.07
CA GLN C 558 -52.61 19.01 5.74
C GLN C 558 -51.74 18.22 6.70
N PRO C 559 -52.06 18.20 8.00
CA PRO C 559 -51.20 17.50 8.96
C PRO C 559 -51.25 15.98 8.87
N ARG C 560 -52.28 15.39 8.27
CA ARG C 560 -52.42 13.95 8.14
C ARG C 560 -52.21 13.47 6.71
N SER C 561 -51.40 14.17 5.94
CA SER C 561 -51.19 13.84 4.53
C SER C 561 -50.06 12.83 4.38
N ALA C 562 -49.99 12.23 3.18
CA ALA C 562 -48.93 11.29 2.87
C ALA C 562 -47.57 11.96 2.78
N LEU C 563 -47.55 13.24 2.37
CA LEU C 563 -46.29 13.97 2.28
C LEU C 563 -45.70 14.26 3.65
N LYS C 564 -46.55 14.50 4.64
CA LYS C 564 -46.07 14.77 5.99
C LYS C 564 -45.49 13.53 6.65
N LEU C 565 -46.09 12.36 6.39
CA LEU C 565 -45.54 11.13 6.95
C LEU C 565 -44.23 10.75 6.26
N TYR C 566 -44.11 11.03 4.97
CA TYR C 566 -42.86 10.78 4.27
C TYR C 566 -41.75 11.68 4.81
N GLN C 567 -42.08 12.92 5.16
CA GLN C 567 -41.06 13.89 5.54
C GLN C 567 -40.47 13.58 6.90
N ASP C 568 -41.27 13.11 7.85
CA ASP C 568 -40.70 12.78 9.14
C ASP C 568 -40.28 11.32 9.28
N LEU C 569 -40.57 10.48 8.28
CA LEU C 569 -39.91 9.18 8.22
C LEU C 569 -38.48 9.33 7.70
N SER C 570 -38.28 10.17 6.71
CA SER C 570 -36.95 10.42 6.19
C SER C 570 -36.12 11.30 7.11
N LEU C 571 -36.76 12.12 7.95
CA LEU C 571 -36.02 12.86 8.96
C LEU C 571 -35.59 11.95 10.10
N LEU C 572 -36.45 11.02 10.49
CA LEU C 572 -36.11 10.05 11.53
C LEU C 572 -35.03 9.09 11.06
N HIS C 573 -35.02 8.73 9.78
CA HIS C 573 -33.98 7.87 9.23
C HIS C 573 -32.63 8.59 9.19
N ALA C 574 -32.64 9.90 9.04
CA ALA C 574 -31.40 10.66 8.96
C ALA C 574 -30.81 10.98 10.33
N ASN C 575 -31.64 11.03 11.37
CA ASN C 575 -31.21 11.49 12.68
C ASN C 575 -31.01 10.36 13.69
N GLU C 576 -31.20 9.10 13.29
CA GLU C 576 -31.11 7.98 14.21
C GLU C 576 -30.12 6.96 13.68
N LEU C 577 -29.09 6.66 14.47
CA LEU C 577 -28.12 5.63 14.12
C LEU C 577 -28.71 4.23 14.11
N LEU C 578 -29.82 4.02 14.85
CA LEU C 578 -30.47 2.71 14.86
C LEU C 578 -31.09 2.38 13.50
N LEU C 579 -31.57 3.39 12.77
CA LEU C 579 -32.24 3.15 11.50
C LEU C 579 -31.27 3.13 10.33
N ASN C 580 -30.28 4.01 10.30
CA ASN C 580 -29.39 4.05 9.15
C ASN C 580 -28.19 3.10 9.27
N ARG C 581 -27.90 2.61 10.47
CA ARG C 581 -26.71 1.78 10.68
C ARG C 581 -26.96 0.50 11.49
N GLY C 582 -28.05 0.40 12.24
CA GLY C 582 -28.19 -0.64 13.25
C GLY C 582 -28.50 -2.02 12.72
N TRP C 583 -28.53 -2.97 13.66
CA TRP C 583 -28.91 -4.36 13.40
C TRP C 583 -30.35 -4.46 12.92
N PHE C 584 -30.63 -5.51 12.17
CA PHE C 584 -31.99 -5.84 11.76
C PHE C 584 -32.31 -7.24 12.23
N CYS C 585 -33.30 -7.36 13.11
CA CYS C 585 -33.66 -8.63 13.73
C CYS C 585 -35.14 -8.87 13.53
N HIS C 586 -35.48 -9.79 12.65
CA HIS C 586 -36.88 -10.09 12.36
C HIS C 586 -37.35 -11.27 13.20
N LEU C 587 -38.65 -11.28 13.49
CA LEU C 587 -39.30 -12.34 14.26
C LEU C 587 -39.90 -13.38 13.32
N ARG C 588 -40.76 -14.24 13.86
CA ARG C 588 -41.41 -15.29 13.09
C ARG C 588 -42.42 -14.71 12.10
N ASN C 589 -42.76 -15.51 11.10
CA ASN C 589 -43.71 -15.08 10.09
C ASN C 589 -45.14 -15.15 10.63
N ASP C 590 -46.01 -14.34 10.02
CA ASP C 590 -47.41 -14.30 10.39
C ASP C 590 -48.20 -13.86 9.17
N SER C 591 -49.42 -14.38 9.04
CA SER C 591 -50.26 -14.06 7.89
C SER C 591 -50.72 -12.62 7.88
N HIS C 592 -50.76 -11.95 9.03
CA HIS C 592 -51.27 -10.59 9.12
C HIS C 592 -50.16 -9.54 9.16
N TYR C 593 -49.24 -9.65 10.11
CA TYR C 593 -48.34 -8.56 10.42
C TYR C 593 -46.88 -8.99 10.30
N VAL C 594 -46.03 -7.98 10.17
CA VAL C 594 -44.58 -8.14 10.14
C VAL C 594 -44.01 -7.35 11.33
N VAL C 595 -43.19 -8.00 12.14
CA VAL C 595 -42.59 -7.39 13.32
C VAL C 595 -41.07 -7.59 13.24
N TYR C 596 -40.32 -6.50 13.37
CA TYR C 596 -38.87 -6.58 13.44
C TYR C 596 -38.35 -5.46 14.33
N THR C 597 -37.06 -5.54 14.66
CA THR C 597 -36.42 -4.57 15.54
C THR C 597 -35.16 -4.02 14.89
N ARG C 598 -34.80 -2.81 15.32
CA ARG C 598 -33.55 -2.15 14.93
C ARG C 598 -32.76 -1.85 16.20
N GLU C 599 -31.55 -2.41 16.30
CA GLU C 599 -30.75 -2.42 17.51
C GLU C 599 -29.32 -2.00 17.21
N LEU C 600 -28.63 -1.53 18.25
CA LEU C 600 -27.20 -1.20 18.16
C LEU C 600 -26.60 -1.30 19.54
N ASP C 601 -25.44 -1.95 19.64
CA ASP C 601 -24.80 -2.16 20.93
C ASP C 601 -24.21 -0.86 21.45
N GLY C 602 -24.46 -0.55 22.72
CA GLY C 602 -24.06 0.68 23.32
C GLY C 602 -25.16 1.73 23.37
N ILE C 603 -26.06 1.71 22.41
CA ILE C 603 -27.29 2.49 22.48
C ILE C 603 -28.34 1.63 23.17
N ASP C 604 -28.87 2.11 24.29
CA ASP C 604 -29.73 1.29 25.12
C ASP C 604 -31.21 1.63 24.94
N ARG C 605 -31.63 1.88 23.70
CA ARG C 605 -33.02 1.84 23.31
C ARG C 605 -33.10 1.13 21.97
N ILE C 606 -34.29 0.60 21.66
CA ILE C 606 -34.51 -0.08 20.40
C ILE C 606 -35.74 0.51 19.72
N PHE C 607 -35.86 0.23 18.44
CA PHE C 607 -37.07 0.54 17.68
C PHE C 607 -37.79 -0.77 17.39
N ILE C 608 -39.10 -0.79 17.65
CA ILE C 608 -39.94 -1.93 17.34
C ILE C 608 -40.95 -1.50 16.28
N VAL C 609 -40.91 -2.15 15.13
CA VAL C 609 -41.75 -1.82 13.98
C VAL C 609 -42.82 -2.89 13.85
N VAL C 610 -44.08 -2.47 13.83
CA VAL C 610 -45.22 -3.36 13.67
C VAL C 610 -46.04 -2.89 12.48
N LEU C 611 -46.12 -3.73 11.45
CA LEU C 611 -46.77 -3.38 10.19
C LEU C 611 -47.85 -4.40 9.88
N ASN C 612 -49.11 -3.97 9.86
CA ASN C 612 -50.23 -4.86 9.53
C ASN C 612 -50.45 -4.84 8.02
N PHE C 613 -50.23 -5.99 7.38
CA PHE C 613 -50.47 -6.13 5.96
C PHE C 613 -51.72 -6.94 5.64
N GLY C 614 -52.37 -7.50 6.64
CA GLY C 614 -53.65 -8.16 6.47
C GLY C 614 -54.78 -7.21 6.80
N GLU C 615 -55.92 -7.78 7.16
CA GLU C 615 -57.04 -6.96 7.57
C GLU C 615 -56.99 -6.76 9.08
N SER C 616 -58.07 -6.22 9.64
CA SER C 616 -58.08 -5.73 11.01
C SER C 616 -57.92 -6.87 12.00
N THR C 617 -56.90 -6.77 12.85
CA THR C 617 -56.51 -7.84 13.77
C THR C 617 -56.07 -7.21 15.08
N LEU C 618 -55.87 -8.06 16.09
CA LEU C 618 -55.39 -7.62 17.39
C LEU C 618 -54.10 -8.36 17.69
N LEU C 619 -53.15 -7.67 18.31
CA LEU C 619 -51.81 -8.20 18.51
C LEU C 619 -51.47 -8.25 20.00
N ASN C 620 -50.91 -9.37 20.43
CA ASN C 620 -50.30 -9.52 21.75
C ASN C 620 -48.79 -9.51 21.55
N LEU C 621 -48.18 -8.35 21.79
CA LEU C 621 -46.74 -8.21 21.61
C LEU C 621 -45.93 -8.87 22.73
N HIS C 622 -46.56 -9.22 23.85
CA HIS C 622 -45.88 -9.93 24.92
C HIS C 622 -45.44 -11.33 24.48
N ASN C 623 -46.20 -11.96 23.58
CA ASN C 623 -45.88 -13.29 23.11
C ASN C 623 -44.85 -13.32 21.99
N MET C 624 -44.28 -12.16 21.64
CA MET C 624 -43.25 -12.07 20.62
C MET C 624 -41.93 -11.53 21.16
N ILE C 625 -41.96 -10.56 22.06
CA ILE C 625 -40.76 -9.96 22.64
C ILE C 625 -40.87 -10.04 24.16
N SER C 626 -39.87 -10.63 24.79
CA SER C 626 -39.86 -10.78 26.24
C SER C 626 -39.35 -9.50 26.92
N GLY C 627 -40.00 -9.14 28.03
CA GLY C 627 -39.53 -8.03 28.84
C GLY C 627 -40.08 -6.67 28.47
N LEU C 628 -41.29 -6.60 27.99
CA LEU C 628 -41.88 -5.32 27.61
C LEU C 628 -42.75 -4.78 28.74
N PRO C 629 -42.89 -3.47 28.87
CA PRO C 629 -43.80 -2.92 29.88
C PRO C 629 -45.26 -3.11 29.49
N ALA C 630 -46.14 -2.76 30.42
CA ALA C 630 -47.57 -2.91 30.18
C ALA C 630 -48.11 -1.89 29.19
N LYS C 631 -47.41 -0.77 28.99
CA LYS C 631 -47.84 0.27 28.08
C LYS C 631 -46.62 0.82 27.35
N MET C 632 -46.75 1.00 26.04
CA MET C 632 -45.66 1.48 25.20
C MET C 632 -46.11 2.74 24.46
N ARG C 633 -45.17 3.68 24.30
CA ARG C 633 -45.44 4.93 23.62
C ARG C 633 -45.12 4.81 22.14
N ILE C 634 -45.99 5.38 21.31
CA ILE C 634 -45.82 5.35 19.86
C ILE C 634 -44.89 6.49 19.45
N ARG C 635 -43.82 6.16 18.73
CA ARG C 635 -42.95 7.18 18.19
C ARG C 635 -43.50 7.75 16.88
N LEU C 636 -44.04 6.88 16.02
CA LEU C 636 -44.53 7.30 14.72
C LEU C 636 -45.60 6.32 14.29
N SER C 637 -46.64 6.83 13.63
CA SER C 637 -47.77 6.03 13.21
C SER C 637 -48.20 6.42 11.80
N THR C 638 -48.77 5.46 11.07
CA THR C 638 -49.32 5.74 9.75
C THR C 638 -50.57 6.60 9.83
N ASN C 639 -51.28 6.56 10.96
CA ASN C 639 -52.26 7.58 11.32
C ASN C 639 -51.58 8.51 12.30
N SER C 640 -51.19 9.70 11.83
CA SER C 640 -50.35 10.61 12.62
C SER C 640 -51.07 11.25 13.80
N ALA C 641 -52.38 11.04 13.94
CA ALA C 641 -53.06 11.42 15.16
C ALA C 641 -52.57 10.61 16.35
N ASP C 642 -52.07 9.40 16.12
CA ASP C 642 -51.55 8.53 17.16
C ASP C 642 -50.04 8.71 17.35
N LYS C 643 -49.59 9.94 17.53
CA LYS C 643 -48.18 10.21 17.78
C LYS C 643 -48.04 10.68 19.22
N GLY C 644 -47.26 9.93 20.00
CA GLY C 644 -47.15 10.16 21.42
C GLY C 644 -48.21 9.48 22.26
N SER C 645 -49.19 8.85 21.64
CA SER C 645 -50.18 8.09 22.38
C SER C 645 -49.55 6.80 22.91
N LYS C 646 -50.24 6.21 23.90
CA LYS C 646 -49.77 4.98 24.52
C LYS C 646 -50.78 3.88 24.28
N VAL C 647 -50.31 2.74 23.77
CA VAL C 647 -51.13 1.54 23.64
C VAL C 647 -50.69 0.57 24.73
N ASP C 648 -51.54 -0.40 25.03
CA ASP C 648 -51.17 -1.44 25.96
C ASP C 648 -50.63 -2.64 25.21
N THR C 649 -49.59 -3.25 25.78
CA THR C 649 -48.78 -4.25 25.06
C THR C 649 -49.56 -5.54 24.81
N SER C 650 -50.46 -5.90 25.74
CA SER C 650 -51.18 -7.17 25.61
C SER C 650 -52.23 -7.11 24.50
N GLY C 651 -52.87 -5.97 24.31
CA GLY C 651 -53.75 -5.82 23.17
C GLY C 651 -53.45 -4.57 22.36
N ILE C 652 -52.95 -4.75 21.15
CA ILE C 652 -52.67 -3.65 20.23
C ILE C 652 -53.61 -3.83 19.05
N PHE C 653 -54.50 -2.86 18.85
CA PHE C 653 -55.47 -2.94 17.77
C PHE C 653 -54.92 -2.25 16.54
N LEU C 654 -54.88 -2.98 15.43
CA LEU C 654 -54.32 -2.49 14.17
C LEU C 654 -55.40 -2.52 13.11
N ASP C 655 -55.66 -1.37 12.49
CA ASP C 655 -56.52 -1.31 11.32
C ASP C 655 -55.81 -1.93 10.12
N LYS C 656 -56.54 -2.03 9.02
CA LYS C 656 -55.96 -2.53 7.77
C LYS C 656 -54.97 -1.50 7.22
N GLY C 657 -53.74 -1.94 7.00
CA GLY C 657 -52.71 -1.04 6.52
C GLY C 657 -52.09 -0.15 7.57
N GLU C 658 -52.18 -0.51 8.83
CA GLU C 658 -51.66 0.33 9.91
C GLU C 658 -50.23 -0.07 10.24
N GLY C 659 -49.39 0.94 10.43
CA GLY C 659 -48.02 0.70 10.87
C GLY C 659 -47.69 1.55 12.08
N LEU C 660 -46.91 0.98 12.99
CA LEU C 660 -46.51 1.65 14.21
C LEU C 660 -45.01 1.47 14.44
N ILE C 661 -44.39 2.49 15.00
CA ILE C 661 -43.00 2.44 15.45
C ILE C 661 -42.98 2.75 16.93
N PHE C 662 -42.40 1.84 17.72
CA PHE C 662 -42.26 2.03 19.15
C PHE C 662 -40.81 2.28 19.50
N GLU C 663 -40.57 3.13 20.48
CA GLU C 663 -39.25 3.35 21.05
C GLU C 663 -39.27 2.77 22.46
N HIS C 664 -38.38 1.81 22.72
CA HIS C 664 -38.39 1.04 23.95
C HIS C 664 -37.01 1.08 24.58
N ASN C 665 -36.93 1.55 25.82
CA ASN C 665 -35.66 1.59 26.56
C ASN C 665 -35.39 0.23 27.19
N THR C 666 -34.27 -0.38 26.81
CA THR C 666 -33.91 -1.71 27.30
C THR C 666 -32.42 -1.92 27.08
N LYS C 667 -31.88 -2.94 27.74
CA LYS C 667 -30.54 -3.41 27.45
C LYS C 667 -30.55 -4.84 26.91
N ASN C 668 -31.73 -5.37 26.60
CA ASN C 668 -31.87 -6.74 26.10
C ASN C 668 -31.94 -6.66 24.57
N LEU C 669 -30.79 -6.84 23.94
CA LEU C 669 -30.72 -6.84 22.48
C LEU C 669 -30.86 -8.27 21.96
N LEU C 670 -31.60 -8.42 20.87
CA LEU C 670 -31.92 -9.75 20.36
C LEU C 670 -30.72 -10.40 19.68
N HIS C 671 -29.80 -9.62 19.14
CA HIS C 671 -28.66 -10.22 18.45
C HIS C 671 -27.59 -10.73 19.41
N ARG C 672 -27.72 -10.47 20.70
CA ARG C 672 -26.83 -11.07 21.69
C ARG C 672 -27.33 -12.41 22.18
N GLN C 673 -28.64 -12.65 22.14
CA GLN C 673 -29.22 -13.92 22.56
C GLN C 673 -29.03 -14.96 21.46
N THR C 674 -28.82 -16.22 21.86
CA THR C 674 -28.55 -17.27 20.90
C THR C 674 -29.81 -17.78 20.21
N ALA C 675 -30.99 -17.51 20.77
CA ALA C 675 -32.23 -17.93 20.15
C ALA C 675 -32.66 -17.01 19.00
N PHE C 676 -32.06 -15.84 18.87
CA PHE C 676 -32.42 -14.90 17.82
C PHE C 676 -31.25 -14.55 16.91
N ARG C 677 -30.06 -15.12 17.14
CA ARG C 677 -28.87 -14.73 16.39
C ARG C 677 -28.94 -15.15 14.93
N ASP C 678 -29.66 -16.22 14.62
CA ASP C 678 -29.80 -16.67 13.24
C ASP C 678 -30.71 -15.78 12.41
N ARG C 679 -31.48 -14.88 13.04
CA ARG C 679 -32.37 -13.97 12.33
C ARG C 679 -31.95 -12.50 12.51
N CYS C 680 -30.66 -12.25 12.69
CA CYS C 680 -30.14 -10.90 12.87
C CYS C 680 -29.04 -10.62 11.86
N PHE C 681 -29.00 -9.39 11.35
CA PHE C 681 -28.14 -9.03 10.25
C PHE C 681 -27.53 -7.64 10.46
N VAL C 682 -26.30 -7.46 9.99
CA VAL C 682 -25.64 -6.15 9.91
C VAL C 682 -24.75 -6.03 8.70
N SER C 683 -24.57 -4.78 8.28
CA SER C 683 -23.43 -4.32 7.51
C SER C 683 -22.77 -3.22 8.31
N ASN C 684 -21.44 -3.16 8.26
CA ASN C 684 -20.62 -2.15 8.93
C ASN C 684 -20.85 -2.17 10.44
N ARG C 685 -20.45 -3.29 11.04
CA ARG C 685 -20.72 -3.55 12.45
C ARG C 685 -19.90 -2.62 13.34
N ALA C 686 -20.57 -2.00 14.30
CA ALA C 686 -19.90 -1.10 15.25
C ALA C 686 -20.72 -1.03 16.53
N CYS C 687 -20.03 -0.72 17.62
CA CYS C 687 -20.68 -0.43 18.89
C CYS C 687 -20.54 1.05 19.19
N TYR C 688 -21.38 1.54 20.09
CA TYR C 688 -21.41 2.95 20.44
C TYR C 688 -20.91 3.13 21.86
N SER C 689 -20.01 4.09 22.05
CA SER C 689 -19.49 4.45 23.36
C SER C 689 -20.13 5.76 23.77
N SER C 690 -20.96 5.72 24.80
CA SER C 690 -21.69 6.91 25.20
C SER C 690 -20.88 7.85 26.07
N VAL C 691 -19.78 7.38 26.67
CA VAL C 691 -18.92 8.26 27.46
C VAL C 691 -17.97 9.04 26.58
N LEU C 692 -17.61 8.50 25.41
CA LEU C 692 -16.70 9.18 24.50
C LEU C 692 -17.38 9.74 23.28
N ASN C 693 -18.65 9.41 23.04
CA ASN C 693 -19.43 9.79 21.85
C ASN C 693 -18.76 9.33 20.56
N ILE C 694 -18.22 8.12 20.55
CA ILE C 694 -17.58 7.56 19.37
C ILE C 694 -18.23 6.23 19.03
N LEU C 695 -17.98 5.77 17.81
CA LEU C 695 -18.22 4.40 17.41
C LEU C 695 -16.89 3.68 17.36
N TYR C 696 -16.87 2.41 17.77
CA TYR C 696 -15.65 1.61 17.76
C TYR C 696 -15.98 0.21 17.29
N THR C 697 -14.97 -0.50 16.80
CA THR C 697 -15.18 -1.82 16.21
C THR C 697 -14.80 -2.98 17.12
N SER C 698 -14.03 -2.75 18.17
CA SER C 698 -13.57 -3.83 19.03
C SER C 698 -14.76 -4.26 19.91
N CYS C 699 -15.57 -5.14 19.34
CA CYS C 699 -16.84 -5.54 19.92
C CYS C 699 -16.66 -6.38 21.18
N LEU D 50 21.69 43.15 10.82
CA LEU D 50 20.55 42.94 9.93
C LEU D 50 20.38 44.12 8.98
N GLY D 51 20.24 43.81 7.68
CA GLY D 51 19.98 44.82 6.69
C GLY D 51 18.50 45.05 6.48
N LEU D 52 18.16 45.57 5.30
CA LEU D 52 16.76 45.77 4.96
C LEU D 52 16.12 44.49 4.46
N ILE D 53 16.81 43.78 3.54
CA ILE D 53 16.25 42.58 2.93
C ILE D 53 16.11 41.45 3.95
N SER D 54 17.08 41.30 4.84
CA SER D 54 16.95 40.32 5.91
C SER D 54 16.02 40.78 7.02
N GLY D 55 15.64 42.06 7.06
CA GLY D 55 14.61 42.48 7.99
C GLY D 55 13.22 42.08 7.55
N ILE D 56 12.99 41.98 6.25
CA ILE D 56 11.76 41.42 5.70
C ILE D 56 11.57 39.96 6.09
N SER D 57 12.65 39.19 6.17
CA SER D 57 12.60 37.77 6.45
C SER D 57 12.09 37.44 7.85
N ILE D 58 12.30 38.32 8.83
CA ILE D 58 11.79 38.05 10.17
C ILE D 58 10.33 38.46 10.27
N ILE D 59 9.92 39.47 9.49
CA ILE D 59 8.53 39.92 9.51
C ILE D 59 7.62 38.89 8.84
N VAL D 60 8.05 38.38 7.68
CA VAL D 60 7.27 37.39 6.95
C VAL D 60 7.25 36.06 7.71
N GLY D 61 8.38 35.64 8.28
CA GLY D 61 8.45 34.35 8.94
C GLY D 61 7.68 34.29 10.24
N THR D 62 7.44 35.44 10.87
CA THR D 62 6.65 35.48 12.09
C THR D 62 5.15 35.54 11.82
N ILE D 63 4.74 36.29 10.80
CA ILE D 63 3.31 36.47 10.54
C ILE D 63 2.72 35.25 9.88
N ILE D 64 3.39 34.71 8.85
CA ILE D 64 2.91 33.51 8.19
C ILE D 64 3.08 32.32 9.12
N GLY D 65 1.96 31.71 9.49
CA GLY D 65 1.96 30.64 10.47
C GLY D 65 0.93 29.58 10.15
N SER D 66 0.10 29.25 11.13
CA SER D 66 -0.95 28.27 10.93
C SER D 66 -2.30 28.90 10.55
N GLY D 67 -2.36 30.22 10.38
CA GLY D 67 -3.63 30.88 10.19
C GLY D 67 -4.21 30.70 8.81
N ILE D 68 -3.36 30.68 7.78
CA ILE D 68 -3.85 30.55 6.41
C ILE D 68 -4.35 29.15 6.11
N PHE D 69 -4.03 28.17 6.96
CA PHE D 69 -4.51 26.81 6.79
C PHE D 69 -5.81 26.53 7.53
N VAL D 70 -6.31 27.47 8.33
CA VAL D 70 -7.46 27.25 9.20
C VAL D 70 -8.56 28.27 8.93
N SER D 71 -8.21 29.54 8.86
CA SER D 71 -9.11 30.67 8.61
C SER D 71 -9.92 30.77 7.31
N PRO D 72 -9.52 30.21 6.14
CA PRO D 72 -10.37 30.38 4.95
C PRO D 72 -11.76 29.79 5.01
N LYS D 73 -12.02 28.82 5.89
CA LYS D 73 -13.37 28.28 6.00
C LYS D 73 -14.31 29.27 6.69
N SER D 74 -13.83 29.97 7.70
CA SER D 74 -14.70 30.84 8.50
C SER D 74 -14.76 32.27 7.98
N VAL D 75 -13.84 32.69 7.12
CA VAL D 75 -14.05 33.94 6.40
C VAL D 75 -15.13 33.77 5.35
N LEU D 76 -15.11 32.64 4.64
CA LEU D 76 -16.13 32.36 3.63
C LEU D 76 -17.48 32.04 4.26
N SER D 77 -17.49 31.47 5.46
CA SER D 77 -18.76 31.12 6.10
C SER D 77 -19.53 32.34 6.57
N ASN D 78 -18.88 33.48 6.74
CA ASN D 78 -19.55 34.69 7.22
C ASN D 78 -19.94 35.60 6.07
N THR D 79 -19.06 35.78 5.10
CA THR D 79 -19.38 36.46 3.84
C THR D 79 -19.47 35.37 2.78
N GLU D 80 -20.68 34.95 2.45
CA GLU D 80 -20.90 33.66 1.82
C GLU D 80 -20.63 33.65 0.31
N ALA D 81 -19.87 34.60 -0.22
CA ALA D 81 -19.49 34.57 -1.63
C ALA D 81 -17.97 34.63 -1.75
N VAL D 82 -17.49 34.30 -2.95
CA VAL D 82 -16.05 34.29 -3.21
C VAL D 82 -15.52 35.72 -3.32
N GLY D 83 -16.32 36.62 -3.89
CA GLY D 83 -15.94 37.99 -4.12
C GLY D 83 -15.63 38.80 -2.88
N PRO D 84 -16.60 38.92 -1.95
CA PRO D 84 -16.30 39.59 -0.68
C PRO D 84 -15.31 38.85 0.20
N CYS D 85 -15.08 37.55 -0.01
CA CYS D 85 -14.10 36.83 0.79
C CYS D 85 -12.69 37.27 0.47
N LEU D 86 -12.42 37.65 -0.77
CA LEU D 86 -11.11 38.15 -1.15
C LEU D 86 -10.93 39.64 -0.85
N ILE D 87 -12.03 40.39 -0.71
CA ILE D 87 -11.94 41.77 -0.24
C ILE D 87 -11.52 41.81 1.21
N ILE D 88 -12.00 40.84 2.01
CA ILE D 88 -11.66 40.81 3.43
C ILE D 88 -10.20 40.45 3.66
N TRP D 89 -9.67 39.51 2.87
CA TRP D 89 -8.28 39.11 3.03
C TRP D 89 -7.32 40.19 2.57
N ALA D 90 -7.79 41.16 1.78
CA ALA D 90 -6.96 42.30 1.43
C ALA D 90 -7.09 43.44 2.43
N ALA D 91 -8.28 43.59 3.03
CA ALA D 91 -8.49 44.67 3.98
C ALA D 91 -7.84 44.38 5.33
N CYS D 92 -7.64 43.10 5.68
CA CYS D 92 -6.88 42.79 6.87
C CYS D 92 -5.39 42.99 6.67
N GLY D 93 -4.91 42.96 5.42
CA GLY D 93 -3.52 43.31 5.18
C GLY D 93 -3.26 44.79 5.29
N VAL D 94 -4.28 45.62 5.06
CA VAL D 94 -4.17 47.05 5.28
C VAL D 94 -4.24 47.41 6.76
N LEU D 95 -5.07 46.73 7.54
CA LEU D 95 -5.13 46.96 8.97
C LEU D 95 -3.85 46.50 9.67
N ALA D 96 -3.20 45.47 9.14
CA ALA D 96 -2.00 44.97 9.78
C ALA D 96 -0.80 45.86 9.51
N THR D 97 -0.76 46.53 8.37
CA THR D 97 0.36 47.42 8.09
C THR D 97 0.15 48.80 8.72
N LEU D 98 -1.12 49.26 8.80
CA LEU D 98 -1.37 50.52 9.45
C LEU D 98 -1.32 50.39 10.97
N GLY D 99 -1.48 49.17 11.48
CA GLY D 99 -1.31 48.95 12.90
C GLY D 99 0.15 48.82 13.29
N ALA D 100 0.96 48.21 12.42
CA ALA D 100 2.37 48.05 12.72
C ALA D 100 3.16 49.34 12.52
N LEU D 101 2.64 50.29 11.75
CA LEU D 101 3.30 51.59 11.66
C LEU D 101 3.04 52.42 12.91
N CYS D 102 1.89 52.21 13.55
CA CYS D 102 1.62 52.91 14.81
C CYS D 102 2.46 52.36 15.94
N PHE D 103 2.75 51.06 15.92
CA PHE D 103 3.62 50.49 16.94
C PHE D 103 5.08 50.81 16.69
N ALA D 104 5.47 51.06 15.44
CA ALA D 104 6.84 51.43 15.15
C ALA D 104 7.16 52.84 15.63
N GLU D 105 6.15 53.70 15.69
CA GLU D 105 6.37 55.03 16.24
C GLU D 105 6.54 54.99 17.76
N LEU D 106 5.69 54.23 18.45
CA LEU D 106 5.78 54.11 19.89
C LEU D 106 7.04 53.37 20.32
N GLY D 107 7.54 52.47 19.49
CA GLY D 107 8.71 51.69 19.87
C GLY D 107 10.02 52.42 19.78
N THR D 108 10.08 53.49 19.01
CA THR D 108 11.26 54.35 18.97
C THR D 108 11.09 55.61 19.80
N MET D 109 9.88 55.87 20.28
CA MET D 109 9.61 57.03 21.13
C MET D 109 9.94 56.76 22.59
N ILE D 110 9.62 55.56 23.07
CA ILE D 110 9.61 55.26 24.50
C ILE D 110 10.84 54.47 24.92
N THR D 111 11.16 53.39 24.19
CA THR D 111 12.41 52.62 24.29
C THR D 111 12.52 51.95 25.67
N LYS D 112 11.45 51.27 26.05
CA LYS D 112 11.45 50.39 27.21
C LYS D 112 10.90 49.05 26.76
N SER D 113 11.47 47.96 27.26
CA SER D 113 11.07 46.65 26.78
C SER D 113 9.75 46.23 27.43
N GLY D 114 9.25 45.09 26.99
CA GLY D 114 7.90 44.68 27.27
C GLY D 114 7.11 44.50 26.00
N GLY D 115 5.83 44.76 26.09
CA GLY D 115 4.99 44.77 24.90
C GLY D 115 4.33 46.10 24.71
N GLU D 116 2.99 46.10 24.82
CA GLU D 116 2.21 47.31 24.92
C GLU D 116 2.21 47.87 26.33
N TYR D 117 2.87 47.19 27.26
CA TYR D 117 2.85 47.59 28.66
C TYR D 117 3.55 48.92 28.93
N PRO D 118 4.76 49.22 28.44
CA PRO D 118 5.28 50.58 28.65
C PRO D 118 4.59 51.62 27.80
N TYR D 119 3.89 51.26 26.73
CA TYR D 119 3.18 52.25 25.95
C TYR D 119 1.89 52.67 26.64
N LEU D 120 1.27 51.76 27.39
CA LEU D 120 0.04 52.08 28.08
C LEU D 120 0.31 52.79 29.40
N MET D 121 1.49 52.57 29.98
CA MET D 121 1.83 53.25 31.23
C MET D 121 2.13 54.71 30.99
N GLU D 122 2.77 55.04 29.86
CA GLU D 122 3.10 56.44 29.57
C GLU D 122 1.87 57.25 29.20
N ALA D 123 0.82 56.61 28.70
CA ALA D 123 -0.32 57.35 28.17
C ALA D 123 -1.45 57.50 29.17
N TYR D 124 -1.81 56.44 29.89
CA TYR D 124 -2.95 56.47 30.79
C TYR D 124 -2.60 56.32 32.26
N GLY D 125 -1.48 55.72 32.59
CA GLY D 125 -1.15 55.46 33.97
C GLY D 125 -1.04 53.99 34.26
N PRO D 126 -1.24 53.61 35.52
CA PRO D 126 -0.99 52.21 35.89
C PRO D 126 -2.20 51.30 35.73
N ILE D 127 -3.40 51.84 35.53
CA ILE D 127 -4.59 50.98 35.50
C ILE D 127 -4.70 50.23 34.17
N PRO D 128 -4.68 50.84 32.98
CA PRO D 128 -4.74 49.99 31.77
C PRO D 128 -3.43 49.31 31.45
N ALA D 129 -2.33 49.69 32.09
CA ALA D 129 -1.11 48.91 31.96
C ALA D 129 -1.20 47.63 32.77
N TYR D 130 -1.81 47.69 33.97
CA TYR D 130 -2.02 46.49 34.75
C TYR D 130 -3.01 45.54 34.09
N LEU D 131 -4.04 46.09 33.46
CA LEU D 131 -5.05 45.26 32.83
C LEU D 131 -4.52 44.57 31.58
N PHE D 132 -3.49 45.12 30.96
CA PHE D 132 -2.90 44.45 29.80
C PHE D 132 -2.06 43.25 30.23
N SER D 133 -1.28 43.40 31.31
CA SER D 133 -0.44 42.29 31.75
C SER D 133 -1.27 41.20 32.39
N TRP D 134 -2.45 41.54 32.90
CA TRP D 134 -3.37 40.54 33.41
C TRP D 134 -4.09 39.83 32.27
N ALA D 135 -4.56 40.57 31.28
CA ALA D 135 -5.30 39.96 30.18
C ALA D 135 -4.38 39.24 29.20
N SER D 136 -3.08 39.54 29.21
CA SER D 136 -2.19 38.73 28.40
C SER D 136 -1.71 37.50 29.15
N LEU D 137 -1.83 37.49 30.47
CA LEU D 137 -1.41 36.33 31.24
C LEU D 137 -2.44 35.21 31.16
N ILE D 138 -3.72 35.54 31.30
CA ILE D 138 -4.76 34.52 31.42
C ILE D 138 -5.62 34.37 30.18
N VAL D 139 -5.61 35.33 29.26
CA VAL D 139 -6.49 35.29 28.09
C VAL D 139 -5.70 35.20 26.79
N ILE D 140 -4.81 36.17 26.55
CA ILE D 140 -4.28 36.37 25.20
C ILE D 140 -3.23 35.31 24.87
N LYS D 141 -2.23 35.15 25.73
CA LYS D 141 -1.16 34.19 25.44
C LYS D 141 -1.52 32.71 25.58
N PRO D 142 -2.34 32.26 26.55
CA PRO D 142 -2.72 30.84 26.51
C PRO D 142 -3.73 30.47 25.43
N THR D 143 -4.55 31.40 24.95
CA THR D 143 -5.47 31.07 23.87
C THR D 143 -4.76 30.99 22.53
N SER D 144 -3.71 31.81 22.34
CA SER D 144 -2.86 31.68 21.16
C SER D 144 -2.19 30.32 21.12
N PHE D 145 -1.76 29.82 22.27
CA PHE D 145 -1.14 28.50 22.34
C PHE D 145 -2.17 27.39 22.16
N ALA D 146 -3.43 27.66 22.48
CA ALA D 146 -4.47 26.65 22.33
C ALA D 146 -4.99 26.56 20.90
N ILE D 147 -5.08 27.69 20.19
CA ILE D 147 -5.56 27.66 18.81
C ILE D 147 -4.56 26.97 17.90
N ILE D 148 -3.26 27.22 18.11
CA ILE D 148 -2.22 26.64 17.27
C ILE D 148 -2.13 25.13 17.48
N CYS D 149 -2.19 24.68 18.74
CA CYS D 149 -2.11 23.26 19.02
C CYS D 149 -3.39 22.53 18.61
N LEU D 150 -4.53 23.21 18.59
CA LEU D 150 -5.73 22.63 18.00
C LEU D 150 -5.65 22.62 16.49
N SER D 151 -4.93 23.58 15.90
CA SER D 151 -4.76 23.61 14.44
C SER D 151 -3.79 22.55 13.98
N PHE D 152 -2.85 22.16 14.84
CA PHE D 152 -1.95 21.04 14.54
C PHE D 152 -2.71 19.74 14.50
N SER D 153 -3.71 19.58 15.38
CA SER D 153 -4.42 18.33 15.53
C SER D 153 -5.49 18.14 14.46
N GLU D 154 -5.99 19.22 13.87
CA GLU D 154 -6.93 19.10 12.75
C GLU D 154 -6.27 18.51 11.52
N TYR D 155 -4.97 18.70 11.38
CA TYR D 155 -4.26 18.25 10.19
C TYR D 155 -3.59 16.90 10.36
N VAL D 156 -3.32 16.47 11.59
CA VAL D 156 -2.82 15.12 11.80
C VAL D 156 -3.95 14.11 11.70
N CYS D 157 -5.13 14.47 12.20
CA CYS D 157 -6.24 13.53 12.25
C CYS D 157 -6.98 13.39 10.93
N ALA D 158 -7.07 14.45 10.13
CA ALA D 158 -7.90 14.48 8.93
C ALA D 158 -7.54 13.51 7.79
N PRO D 159 -6.27 13.18 7.50
CA PRO D 159 -6.03 12.14 6.48
C PRO D 159 -6.45 10.74 6.90
N PHE D 160 -6.66 10.46 8.17
CA PHE D 160 -7.15 9.17 8.61
C PHE D 160 -8.67 9.06 8.59
N TYR D 161 -9.37 10.15 8.34
CA TYR D 161 -10.83 10.17 8.25
C TYR D 161 -11.16 10.77 6.90
N VAL D 162 -11.19 9.93 5.86
CA VAL D 162 -11.08 10.42 4.49
C VAL D 162 -12.35 11.15 4.04
N GLY D 163 -13.50 10.51 4.10
CA GLY D 163 -14.72 11.22 3.75
C GLY D 163 -15.57 11.58 4.93
N CYS D 164 -14.96 11.78 6.10
CA CYS D 164 -15.66 11.62 7.35
C CYS D 164 -15.23 12.74 8.29
N LYS D 165 -15.92 12.87 9.40
CA LYS D 165 -15.52 13.89 10.35
C LYS D 165 -14.92 13.24 11.58
N PRO D 166 -13.69 13.59 11.96
CA PRO D 166 -13.07 12.96 13.13
C PRO D 166 -13.75 13.42 14.40
N PRO D 167 -13.93 12.51 15.37
CA PRO D 167 -14.62 12.88 16.60
C PRO D 167 -13.81 13.83 17.44
N GLN D 168 -14.51 14.63 18.24
CA GLN D 168 -13.90 15.69 19.02
C GLN D 168 -12.96 15.17 20.11
N ILE D 169 -13.10 13.92 20.53
CA ILE D 169 -12.22 13.40 21.57
C ILE D 169 -10.82 13.12 21.00
N VAL D 170 -10.70 12.88 19.70
CA VAL D 170 -9.39 12.63 19.11
C VAL D 170 -8.70 13.94 18.78
N VAL D 171 -9.48 14.94 18.38
CA VAL D 171 -8.92 16.26 18.12
C VAL D 171 -8.41 16.88 19.41
N LYS D 172 -9.15 16.74 20.50
CA LYS D 172 -8.76 17.39 21.74
C LYS D 172 -7.68 16.62 22.48
N CYS D 173 -7.67 15.29 22.43
CA CYS D 173 -6.65 14.59 23.20
C CYS D 173 -5.35 14.44 22.43
N LEU D 174 -5.30 14.85 21.18
CA LEU D 174 -4.05 15.01 20.46
C LEU D 174 -3.53 16.44 20.53
N ALA D 175 -4.43 17.42 20.65
CA ALA D 175 -4.00 18.79 20.90
C ALA D 175 -3.49 18.95 22.33
N ALA D 176 -4.05 18.21 23.29
CA ALA D 176 -3.55 18.25 24.65
C ALA D 176 -2.20 17.58 24.77
N ALA D 177 -1.92 16.58 23.96
CA ALA D 177 -0.60 15.97 23.96
C ALA D 177 0.46 16.83 23.29
N ALA D 178 0.05 17.79 22.47
CA ALA D 178 1.01 18.72 21.88
C ALA D 178 1.32 19.88 22.81
N ILE D 179 0.35 20.29 23.63
CA ILE D 179 0.61 21.34 24.62
C ILE D 179 1.56 20.83 25.69
N LEU D 180 1.37 19.60 26.16
CA LEU D 180 2.23 19.05 27.19
C LEU D 180 3.62 18.70 26.67
N PHE D 181 3.73 18.29 25.40
CA PHE D 181 5.03 17.95 24.85
C PHE D 181 5.88 19.18 24.55
N ILE D 182 5.26 20.24 24.05
CA ILE D 182 6.00 21.48 23.78
C ILE D 182 6.35 22.18 25.09
N SER D 183 5.49 22.12 26.10
CA SER D 183 5.82 22.69 27.40
C SER D 183 6.91 21.90 28.11
N THR D 184 7.06 20.61 27.81
CA THR D 184 8.10 19.83 28.44
C THR D 184 9.45 20.05 27.76
N VAL D 185 9.45 20.17 26.43
CA VAL D 185 10.70 20.38 25.69
C VAL D 185 11.26 21.77 25.98
N ASN D 186 10.42 22.79 26.02
CA ASN D 186 10.89 24.15 26.23
C ASN D 186 11.25 24.43 27.68
N SER D 187 10.87 23.57 28.60
CA SER D 187 11.23 23.73 30.01
C SER D 187 12.47 22.95 30.41
N LEU D 188 13.12 22.27 29.46
CA LEU D 188 14.28 21.43 29.75
C LEU D 188 15.49 21.77 28.90
N SER D 189 15.29 22.23 27.68
CA SER D 189 16.30 22.16 26.63
C SER D 189 16.36 23.46 25.84
N VAL D 190 16.68 24.56 26.53
CA VAL D 190 16.65 25.95 26.06
C VAL D 190 17.25 26.18 24.66
N ARG D 191 18.25 25.40 24.27
CA ARG D 191 18.82 25.52 22.93
C ARG D 191 18.19 24.58 21.91
N LEU D 192 17.46 23.54 22.35
CA LEU D 192 16.90 22.58 21.41
C LEU D 192 15.72 23.16 20.63
N GLY D 193 14.97 24.07 21.24
CA GLY D 193 13.84 24.68 20.56
C GLY D 193 14.23 25.58 19.40
N SER D 194 15.43 26.15 19.44
CA SER D 194 15.87 27.06 18.39
C SER D 194 16.60 26.35 17.25
N TYR D 195 17.13 25.15 17.48
CA TYR D 195 17.78 24.43 16.40
C TYR D 195 16.77 23.80 15.45
N VAL D 196 15.68 23.27 15.99
CA VAL D 196 14.63 22.67 15.15
C VAL D 196 13.72 23.74 14.56
N GLN D 197 13.83 24.98 15.01
CA GLN D 197 13.02 26.06 14.44
C GLN D 197 13.45 26.42 13.03
N ASN D 198 14.70 26.15 12.67
CA ASN D 198 15.16 26.48 11.33
C ASN D 198 14.64 25.49 10.29
N ILE D 199 14.36 24.24 10.68
CA ILE D 199 13.75 23.28 9.78
C ILE D 199 12.24 23.31 9.83
N PHE D 200 11.65 24.04 10.79
CA PHE D 200 10.22 24.28 10.77
C PHE D 200 9.86 25.49 9.92
N THR D 201 10.73 26.49 9.88
CA THR D 201 10.55 27.62 8.96
C THR D 201 10.80 27.18 7.53
N ALA D 202 11.75 26.28 7.31
CA ALA D 202 12.02 25.78 5.97
C ALA D 202 10.89 24.91 5.46
N ALA D 203 10.23 24.14 6.32
CA ALA D 203 9.09 23.35 5.89
C ALA D 203 7.83 24.18 5.74
N LYS D 204 7.81 25.39 6.31
CA LYS D 204 6.62 26.22 6.25
C LYS D 204 6.48 26.88 4.88
N LEU D 205 7.56 27.49 4.39
CA LEU D 205 7.52 28.22 3.13
C LEU D 205 7.78 27.34 1.92
N VAL D 206 7.99 26.04 2.12
CA VAL D 206 7.93 25.10 1.00
C VAL D 206 6.49 24.80 0.63
N ILE D 207 5.64 24.51 1.62
CA ILE D 207 4.24 24.21 1.35
C ILE D 207 3.45 25.46 1.00
N VAL D 208 3.96 26.65 1.33
CA VAL D 208 3.31 27.87 0.87
C VAL D 208 3.58 28.10 -0.61
N ALA D 209 4.82 27.83 -1.04
CA ALA D 209 5.18 28.00 -2.43
C ALA D 209 4.59 26.94 -3.34
N ILE D 210 4.27 25.76 -2.80
CA ILE D 210 3.63 24.72 -3.61
C ILE D 210 2.18 25.10 -3.89
N ILE D 211 1.50 25.70 -2.91
CA ILE D 211 0.08 26.03 -3.09
C ILE D 211 -0.07 27.26 -4.00
N ILE D 212 0.83 28.24 -3.89
CA ILE D 212 0.73 29.46 -4.68
C ILE D 212 1.04 29.17 -6.15
N ILE D 213 2.06 28.37 -6.41
CA ILE D 213 2.49 28.10 -7.78
C ILE D 213 1.50 27.17 -8.48
N SER D 214 1.02 26.14 -7.78
CA SER D 214 0.03 25.23 -8.36
C SER D 214 -1.31 25.90 -8.61
N GLY D 215 -1.61 27.00 -7.90
CA GLY D 215 -2.81 27.74 -8.19
C GLY D 215 -2.69 28.67 -9.37
N LEU D 216 -1.48 29.12 -9.69
CA LEU D 216 -1.29 29.95 -10.87
C LEU D 216 -1.21 29.12 -12.14
N VAL D 217 -0.74 27.87 -12.04
CA VAL D 217 -0.69 26.99 -13.20
C VAL D 217 -2.10 26.55 -13.60
N LEU D 218 -2.93 26.18 -12.62
CA LEU D 218 -4.29 25.74 -12.92
C LEU D 218 -5.18 26.89 -13.33
N LEU D 219 -4.90 28.11 -12.86
CA LEU D 219 -5.67 29.26 -13.28
C LEU D 219 -5.32 29.66 -14.72
N ALA D 220 -4.10 29.35 -15.15
CA ALA D 220 -3.72 29.59 -16.54
C ALA D 220 -4.40 28.65 -17.50
N GLN D 221 -4.69 27.41 -17.09
CA GLN D 221 -5.31 26.44 -17.97
C GLN D 221 -6.82 26.64 -18.12
N GLY D 222 -7.41 27.58 -17.38
CA GLY D 222 -8.80 27.92 -17.60
C GLY D 222 -9.76 27.44 -16.53
N ASN D 223 -9.25 27.24 -15.32
CA ASN D 223 -10.08 26.79 -14.20
C ASN D 223 -10.62 28.00 -13.42
N THR D 224 -11.34 28.85 -14.13
CA THR D 224 -11.82 30.11 -13.59
C THR D 224 -13.33 30.13 -13.40
N LYS D 225 -13.97 28.98 -13.31
CA LYS D 225 -15.44 28.97 -13.32
C LYS D 225 -16.03 29.19 -11.93
N ASN D 226 -15.21 29.22 -10.89
CA ASN D 226 -15.71 29.51 -9.56
C ASN D 226 -15.73 31.01 -9.25
N PHE D 227 -15.09 31.83 -10.06
CA PHE D 227 -15.05 33.28 -9.86
C PHE D 227 -16.05 34.01 -10.74
N ASP D 228 -17.09 33.33 -11.23
CA ASP D 228 -17.87 33.87 -12.34
C ASP D 228 -18.80 34.98 -11.89
N ASN D 229 -19.60 34.71 -10.87
CA ASN D 229 -20.59 35.66 -10.40
C ASN D 229 -20.33 35.93 -8.92
N SER D 230 -19.10 36.33 -8.62
CA SER D 230 -18.46 36.47 -7.31
C SER D 230 -19.26 37.29 -6.30
N PHE D 231 -20.24 38.08 -6.68
CA PHE D 231 -20.90 38.97 -5.72
C PHE D 231 -22.39 38.68 -5.61
N GLU D 232 -22.80 37.44 -5.83
CA GLU D 232 -24.20 37.04 -5.67
C GLU D 232 -24.32 36.21 -4.39
N GLY D 233 -25.00 36.79 -3.39
CA GLY D 233 -25.23 36.11 -2.14
C GLY D 233 -24.21 36.58 -1.13
N ALA D 234 -24.58 37.55 -0.30
CA ALA D 234 -23.62 38.17 0.59
C ALA D 234 -24.37 38.71 1.79
N GLN D 235 -23.61 39.28 2.73
CA GLN D 235 -24.16 39.85 3.95
C GLN D 235 -23.64 41.27 4.11
N LEU D 236 -24.54 42.24 4.09
CA LEU D 236 -24.24 43.55 4.68
C LEU D 236 -24.78 43.58 6.10
N SER D 237 -24.23 42.68 6.91
CA SER D 237 -24.53 42.61 8.33
C SER D 237 -23.26 42.96 9.08
N VAL D 238 -23.38 43.81 10.11
CA VAL D 238 -22.20 44.18 10.89
C VAL D 238 -21.81 43.14 11.93
N GLY D 239 -22.49 41.99 11.96
CA GLY D 239 -22.03 40.88 12.78
C GLY D 239 -21.34 39.83 11.93
N ALA D 240 -21.68 39.78 10.64
CA ALA D 240 -21.05 38.80 9.75
C ALA D 240 -19.79 39.38 9.13
N ILE D 241 -19.77 40.69 8.88
CA ILE D 241 -18.54 41.34 8.42
C ILE D 241 -17.52 41.38 9.54
N SER D 242 -17.98 41.60 10.78
CA SER D 242 -17.06 41.71 11.91
C SER D 242 -16.43 40.38 12.27
N LEU D 243 -17.14 39.26 12.07
CA LEU D 243 -16.56 37.96 12.37
C LEU D 243 -15.66 37.44 11.26
N ALA D 244 -15.83 37.94 10.03
CA ALA D 244 -14.85 37.65 8.98
C ALA D 244 -13.56 38.42 9.20
N PHE D 245 -13.62 39.53 9.92
CA PHE D 245 -12.42 40.28 10.25
C PHE D 245 -11.67 39.68 11.43
N TYR D 246 -12.38 38.98 12.31
CA TYR D 246 -11.73 38.30 13.43
C TYR D 246 -10.86 37.15 12.93
N ASN D 247 -11.40 36.34 12.03
CA ASN D 247 -10.66 35.19 11.54
C ASN D 247 -9.63 35.57 10.49
N GLY D 248 -9.85 36.67 9.78
CA GLY D 248 -8.85 37.15 8.85
C GLY D 248 -7.65 37.75 9.54
N LEU D 249 -7.87 38.47 10.64
CA LEU D 249 -6.77 39.08 11.37
C LEU D 249 -6.05 38.10 12.29
N TRP D 250 -6.58 36.89 12.49
CA TRP D 250 -5.84 35.88 13.23
C TRP D 250 -4.64 35.39 12.41
N ALA D 251 -4.81 35.28 11.09
CA ALA D 251 -3.72 34.86 10.22
C ALA D 251 -2.67 35.95 10.05
N TYR D 252 -2.98 37.19 10.41
CA TYR D 252 -2.04 38.30 10.37
C TYR D 252 -1.43 38.59 11.72
N ASP D 253 -1.73 37.78 12.73
CA ASP D 253 -1.27 38.06 14.09
C ASP D 253 0.23 37.87 14.22
N GLY D 254 0.87 38.78 14.95
CA GLY D 254 2.31 38.88 14.96
C GLY D 254 2.86 40.18 14.45
N TRP D 255 2.00 41.13 14.06
CA TRP D 255 2.48 42.43 13.61
C TRP D 255 2.82 43.36 14.77
N ASN D 256 2.33 43.07 15.98
CA ASN D 256 2.62 43.91 17.13
C ASN D 256 3.89 43.49 17.85
N GLN D 257 4.37 42.26 17.67
CA GLN D 257 5.65 41.82 18.22
C GLN D 257 6.81 42.14 17.29
N LEU D 258 6.61 43.03 16.33
CA LEU D 258 7.63 43.29 15.33
C LEU D 258 8.64 44.33 15.78
N ASN D 259 8.39 44.96 16.92
CA ASN D 259 9.14 46.16 17.27
C ASN D 259 10.53 45.82 17.78
N TYR D 260 10.65 44.83 18.66
CA TYR D 260 11.83 44.73 19.51
C TYR D 260 12.97 43.98 18.85
N ILE D 261 12.69 42.81 18.27
CA ILE D 261 13.74 42.01 17.66
C ILE D 261 14.17 42.57 16.30
N THR D 262 13.46 43.55 15.75
CA THR D 262 13.91 44.21 14.53
C THR D 262 14.36 45.64 14.77
N GLU D 263 14.85 45.96 15.97
CA GLU D 263 15.58 47.21 16.17
C GLU D 263 17.08 47.06 15.90
N GLU D 264 17.53 45.86 15.57
CA GLU D 264 18.94 45.56 15.36
C GLU D 264 19.31 45.72 13.88
N LEU D 265 18.96 46.85 13.32
CA LEU D 265 19.16 47.11 11.90
C LEU D 265 20.33 48.06 11.69
N ARG D 266 20.84 48.07 10.45
CA ARG D 266 22.01 48.88 10.11
C ARG D 266 21.69 50.37 10.14
N ASN D 267 20.43 50.75 9.91
CA ASN D 267 20.01 52.14 10.01
C ASN D 267 18.54 52.14 10.36
N PRO D 268 18.20 52.13 11.65
CA PRO D 268 16.80 52.27 12.05
C PRO D 268 16.31 53.68 11.82
N TYR D 269 15.00 53.86 12.00
CA TYR D 269 14.15 55.01 11.71
C TYR D 269 13.98 55.27 10.22
N ARG D 270 14.64 54.49 9.37
CA ARG D 270 14.29 54.38 7.96
C ARG D 270 14.05 52.94 7.54
N ASN D 271 14.86 52.00 8.02
CA ASN D 271 14.70 50.60 7.63
C ASN D 271 13.61 49.89 8.40
N LEU D 272 13.20 50.40 9.56
CA LEU D 272 12.06 49.79 10.24
C LEU D 272 10.72 50.18 9.61
N PRO D 273 10.39 51.45 9.30
CA PRO D 273 9.13 51.70 8.59
C PRO D 273 9.16 51.24 7.14
N LEU D 274 10.32 51.03 6.54
CA LEU D 274 10.37 50.47 5.20
C LEU D 274 10.24 48.95 5.19
N ALA D 275 10.53 48.28 6.31
CA ALA D 275 10.30 46.85 6.38
C ALA D 275 8.84 46.51 6.62
N ILE D 276 8.02 47.50 7.01
CA ILE D 276 6.60 47.24 7.24
C ILE D 276 5.80 47.47 5.96
N ILE D 277 6.16 48.48 5.17
CA ILE D 277 5.48 48.72 3.90
C ILE D 277 5.82 47.65 2.87
N ILE D 278 6.95 46.98 3.02
CA ILE D 278 7.34 45.89 2.13
C ILE D 278 6.97 44.54 2.71
N GLY D 279 7.15 44.34 4.01
CA GLY D 279 7.06 43.01 4.58
C GLY D 279 5.64 42.48 4.70
N ILE D 280 4.74 43.29 5.25
CA ILE D 280 3.36 42.86 5.48
C ILE D 280 2.51 42.89 4.19
N PRO D 281 2.60 43.89 3.28
CA PRO D 281 1.92 43.70 1.99
C PRO D 281 2.53 42.63 1.09
N LEU D 282 3.69 42.08 1.43
CA LEU D 282 4.14 40.87 0.77
C LEU D 282 3.45 39.64 1.35
N VAL D 283 3.08 39.70 2.63
CA VAL D 283 2.27 38.63 3.22
C VAL D 283 0.84 38.69 2.69
N THR D 284 0.32 39.90 2.47
CA THR D 284 -1.02 40.06 1.91
C THR D 284 -1.09 39.54 0.48
N ALA D 285 0.02 39.65 -0.27
CA ALA D 285 0.06 39.06 -1.58
C ALA D 285 0.13 37.54 -1.54
N CYS D 286 0.69 36.96 -0.49
CA CYS D 286 0.70 35.50 -0.39
C CYS D 286 -0.63 34.96 0.14
N TYR D 287 -1.36 35.75 0.93
CA TYR D 287 -2.61 35.26 1.48
C TYR D 287 -3.75 35.34 0.47
N ILE D 288 -3.74 36.34 -0.41
CA ILE D 288 -4.74 36.42 -1.47
C ILE D 288 -4.48 35.34 -2.52
N LEU D 289 -3.21 35.10 -2.85
CA LEU D 289 -2.88 34.09 -3.83
C LEU D 289 -3.14 32.67 -3.36
N MET D 290 -3.02 32.40 -2.06
CA MET D 290 -3.38 31.08 -1.57
C MET D 290 -4.88 30.87 -1.55
N ASN D 291 -5.66 31.91 -1.27
CA ASN D 291 -7.11 31.79 -1.31
C ASN D 291 -7.63 31.71 -2.73
N VAL D 292 -6.95 32.35 -3.69
CA VAL D 292 -7.29 32.16 -5.10
C VAL D 292 -6.94 30.75 -5.54
N SER D 293 -5.84 30.21 -5.02
CA SER D 293 -5.43 28.84 -5.31
C SER D 293 -6.39 27.81 -4.72
N TYR D 294 -7.12 28.16 -3.67
CA TYR D 294 -8.11 27.22 -3.14
C TYR D 294 -9.34 27.17 -4.01
N PHE D 295 -9.76 28.31 -4.54
CA PHE D 295 -11.00 28.39 -5.31
C PHE D 295 -10.83 27.96 -6.76
N THR D 296 -9.66 27.51 -7.17
CA THR D 296 -9.53 26.91 -8.49
C THR D 296 -9.85 25.43 -8.50
N VAL D 297 -9.68 24.74 -7.38
CA VAL D 297 -10.03 23.33 -7.28
C VAL D 297 -11.25 23.09 -6.42
N MET D 298 -11.78 24.09 -5.74
CA MET D 298 -12.88 23.90 -4.82
C MET D 298 -13.98 24.90 -5.12
N THR D 299 -15.22 24.44 -5.03
CA THR D 299 -16.33 25.35 -5.00
C THR D 299 -16.39 26.01 -3.62
N ALA D 300 -17.14 27.10 -3.51
CA ALA D 300 -17.37 27.69 -2.20
C ALA D 300 -18.20 26.80 -1.29
N THR D 301 -18.95 25.85 -1.84
CA THR D 301 -19.67 24.88 -1.04
C THR D 301 -18.76 23.74 -0.57
N GLU D 302 -17.81 23.31 -1.40
CA GLU D 302 -16.90 22.25 -0.98
C GLU D 302 -15.90 22.75 0.05
N LEU D 303 -15.62 24.05 0.07
CA LEU D 303 -14.69 24.59 1.04
C LEU D 303 -15.34 24.70 2.41
N LEU D 304 -16.65 24.90 2.46
CA LEU D 304 -17.34 24.95 3.75
C LEU D 304 -17.49 23.55 4.34
N GLN D 305 -17.69 22.55 3.50
CA GLN D 305 -17.83 21.16 3.95
C GLN D 305 -16.48 20.45 3.92
N SER D 306 -15.47 21.03 4.54
CA SER D 306 -14.11 20.49 4.47
C SER D 306 -13.46 20.66 5.83
N GLN D 307 -12.85 19.56 6.32
CA GLN D 307 -12.26 19.59 7.65
C GLN D 307 -11.00 20.44 7.69
N ALA D 308 -9.99 20.05 6.91
CA ALA D 308 -8.78 20.84 6.75
C ALA D 308 -8.73 21.26 5.30
N VAL D 309 -8.59 22.57 5.05
CA VAL D 309 -8.76 23.09 3.71
C VAL D 309 -7.57 22.78 2.82
N ALA D 310 -6.40 22.50 3.41
CA ALA D 310 -5.23 22.22 2.60
C ALA D 310 -5.07 20.74 2.29
N VAL D 311 -5.65 19.85 3.10
CA VAL D 311 -5.63 18.45 2.71
C VAL D 311 -6.66 18.17 1.63
N THR D 312 -7.67 19.02 1.49
CA THR D 312 -8.61 18.89 0.38
C THR D 312 -7.97 19.37 -0.92
N PHE D 313 -7.21 20.46 -0.84
CA PHE D 313 -6.44 20.94 -1.99
C PHE D 313 -5.42 19.91 -2.44
N GLY D 314 -4.68 19.34 -1.50
CA GLY D 314 -3.63 18.40 -1.84
C GLY D 314 -4.11 17.05 -2.29
N ASP D 315 -5.41 16.78 -2.18
CA ASP D 315 -5.98 15.55 -2.69
C ASP D 315 -6.43 15.66 -4.14
N ARG D 316 -6.65 16.88 -4.63
CA ARG D 316 -7.11 17.11 -5.99
C ARG D 316 -6.00 17.50 -6.94
N VAL D 317 -4.84 17.90 -6.42
CA VAL D 317 -3.76 18.43 -7.24
C VAL D 317 -2.55 17.51 -7.22
N LEU D 318 -2.18 17.03 -6.05
CA LEU D 318 -1.03 16.14 -5.89
C LEU D 318 -1.57 14.80 -5.45
N TYR D 319 -1.99 13.96 -6.40
CA TYR D 319 -2.62 12.71 -5.98
C TYR D 319 -1.62 11.67 -5.44
N PRO D 320 -0.58 11.23 -6.16
CA PRO D 320 0.20 10.09 -5.64
C PRO D 320 1.11 10.43 -4.47
N ALA D 321 1.20 11.70 -4.07
CA ALA D 321 1.97 12.13 -2.92
C ALA D 321 1.18 13.14 -2.10
N SER D 322 -0.08 12.82 -1.81
CA SER D 322 -0.97 13.75 -1.10
C SER D 322 -0.64 13.89 0.37
N TRP D 323 0.20 13.04 0.93
CA TRP D 323 0.53 13.05 2.34
C TRP D 323 1.55 14.11 2.71
N ILE D 324 2.09 14.85 1.73
CA ILE D 324 3.06 15.88 2.07
C ILE D 324 2.38 17.16 2.57
N VAL D 325 1.09 17.32 2.32
CA VAL D 325 0.38 18.47 2.87
C VAL D 325 0.05 18.28 4.36
N PRO D 326 -0.44 17.12 4.85
CA PRO D 326 -0.55 16.99 6.31
C PRO D 326 0.79 16.82 7.02
N LEU D 327 1.88 16.60 6.29
CA LEU D 327 3.18 16.47 6.93
C LEU D 327 3.87 17.82 7.11
N PHE D 328 3.81 18.69 6.10
CA PHE D 328 4.47 19.98 6.20
C PHE D 328 3.66 21.00 6.97
N VAL D 329 2.33 20.94 6.91
CA VAL D 329 1.50 21.86 7.67
C VAL D 329 1.58 21.52 9.16
N ALA D 330 1.68 20.24 9.50
CA ALA D 330 1.87 19.85 10.89
C ALA D 330 3.25 20.23 11.41
N PHE D 331 4.26 20.24 10.54
CA PHE D 331 5.58 20.74 10.96
C PHE D 331 5.58 22.25 11.09
N SER D 332 4.85 22.94 10.21
CA SER D 332 4.75 24.39 10.28
C SER D 332 3.95 24.85 11.49
N THR D 333 3.06 24.01 12.02
CA THR D 333 2.19 24.42 13.11
C THR D 333 2.83 24.28 14.48
N ILE D 334 3.55 23.19 14.73
CA ILE D 334 4.26 23.09 15.99
C ILE D 334 5.53 23.93 15.98
N GLY D 335 5.95 24.40 14.80
CA GLY D 335 6.95 25.45 14.76
C GLY D 335 6.42 26.80 15.19
N ALA D 336 5.13 27.05 14.95
CA ALA D 336 4.50 28.27 15.42
C ALA D 336 4.20 28.24 16.92
N ALA D 337 4.01 27.05 17.49
CA ALA D 337 3.80 26.91 18.91
C ALA D 337 5.10 26.87 19.70
N ASN D 338 6.17 26.37 19.07
CA ASN D 338 7.47 26.34 19.74
C ASN D 338 8.09 27.72 19.80
N GLY D 339 7.71 28.62 18.89
CA GLY D 339 8.27 29.96 18.88
C GLY D 339 7.75 30.86 19.98
N THR D 340 6.52 30.63 20.45
CA THR D 340 5.95 31.51 21.47
C THR D 340 6.51 31.22 22.85
N CYS D 341 7.02 30.01 23.06
CA CYS D 341 7.57 29.65 24.37
C CYS D 341 8.98 30.17 24.58
N PHE D 342 9.60 30.78 23.56
CA PHE D 342 10.90 31.39 23.74
C PHE D 342 10.80 32.68 24.55
N THR D 343 9.86 33.55 24.17
CA THR D 343 9.69 34.85 24.80
C THR D 343 8.79 34.80 26.03
N ALA D 344 8.54 33.62 26.60
CA ALA D 344 7.74 33.51 27.80
C ALA D 344 8.50 34.06 28.99
N GLY D 345 8.02 35.18 29.53
CA GLY D 345 8.65 35.80 30.68
C GLY D 345 9.20 37.19 30.46
N ARG D 346 9.19 37.71 29.23
CA ARG D 346 9.72 39.05 28.99
C ARG D 346 8.76 40.12 29.49
N LEU D 347 7.46 39.94 29.26
CA LEU D 347 6.47 40.85 29.80
C LEU D 347 6.20 40.57 31.26
N ILE D 348 6.40 39.32 31.68
CA ILE D 348 6.23 38.93 33.08
C ILE D 348 7.27 39.63 33.96
N TYR D 349 8.50 39.76 33.45
CA TYR D 349 9.56 40.35 34.25
C TYR D 349 9.37 41.85 34.46
N VAL D 350 8.98 42.57 33.42
CA VAL D 350 8.88 44.03 33.55
C VAL D 350 7.59 44.43 34.26
N ALA D 351 6.56 43.57 34.21
CA ALA D 351 5.36 43.87 34.99
C ALA D 351 5.56 43.51 36.45
N GLY D 352 6.44 42.56 36.74
CA GLY D 352 6.79 42.28 38.12
C GLY D 352 7.70 43.30 38.73
N ARG D 353 8.39 44.08 37.91
CA ARG D 353 9.29 45.11 38.40
C ARG D 353 8.51 46.30 38.96
N GLU D 354 7.35 46.61 38.36
CA GLU D 354 6.47 47.64 38.88
C GLU D 354 5.54 47.15 39.98
N GLY D 355 5.61 45.88 40.33
CA GLY D 355 4.69 45.32 41.29
C GLY D 355 3.32 45.00 40.76
N HIS D 356 3.19 44.81 39.45
CA HIS D 356 1.91 44.51 38.83
C HIS D 356 1.75 43.05 38.45
N MET D 357 2.66 42.19 38.89
CA MET D 357 2.63 40.78 38.54
C MET D 357 3.35 40.02 39.63
N LEU D 358 2.91 38.78 39.88
CA LEU D 358 3.61 37.87 40.78
C LEU D 358 5.03 37.66 40.32
N LYS D 359 5.96 37.77 41.27
CA LYS D 359 7.36 37.64 40.90
C LYS D 359 7.86 36.21 40.95
N VAL D 360 7.04 35.25 41.36
CA VAL D 360 7.51 33.86 41.33
C VAL D 360 7.54 33.36 39.89
N LEU D 361 6.68 33.88 39.03
CA LEU D 361 6.85 33.76 37.60
C LEU D 361 8.03 34.63 37.18
N SER D 362 8.59 34.32 36.01
CA SER D 362 9.88 34.86 35.53
C SER D 362 11.03 34.56 36.49
N TYR D 363 10.98 33.42 37.16
CA TYR D 363 12.17 32.85 37.78
C TYR D 363 12.79 31.83 36.81
N ILE D 364 14.08 31.57 37.00
CA ILE D 364 14.85 30.74 36.08
C ILE D 364 15.35 29.52 36.82
N SER D 365 15.17 28.34 36.22
CA SER D 365 15.70 27.11 36.78
C SER D 365 17.22 27.10 36.77
N VAL D 366 17.82 26.54 37.83
CA VAL D 366 19.28 26.56 37.96
C VAL D 366 19.92 25.55 37.01
N ARG D 367 19.56 24.28 37.11
CA ARG D 367 19.78 23.34 36.04
C ARG D 367 18.81 23.71 34.92
N ARG D 368 19.30 23.70 33.68
CA ARG D 368 18.49 23.94 32.48
C ARG D 368 17.85 25.33 32.53
N LEU D 369 18.67 26.35 32.25
CA LEU D 369 18.35 27.74 32.52
C LEU D 369 17.20 28.27 31.69
N THR D 370 15.98 27.81 32.00
CA THR D 370 14.73 28.04 31.31
C THR D 370 13.72 28.70 32.24
N PRO D 371 12.82 29.54 31.73
CA PRO D 371 11.77 30.11 32.59
C PRO D 371 10.64 29.12 32.85
N ALA D 372 10.95 28.12 33.65
CA ALA D 372 10.05 26.99 33.93
C ALA D 372 8.75 27.33 34.66
N PRO D 373 8.66 28.30 35.59
CA PRO D 373 7.34 28.66 36.09
C PRO D 373 6.42 29.30 35.07
N ALA D 374 6.94 30.11 34.15
CA ALA D 374 6.07 30.76 33.18
C ALA D 374 5.64 29.80 32.08
N ILE D 375 6.47 28.82 31.74
CA ILE D 375 6.14 27.87 30.69
C ILE D 375 5.09 26.87 31.20
N ILE D 376 5.23 26.44 32.45
CA ILE D 376 4.28 25.50 33.05
C ILE D 376 2.93 26.17 33.28
N PHE D 377 2.92 27.45 33.63
CA PHE D 377 1.67 28.17 33.82
C PHE D 377 0.92 28.36 32.52
N TYR D 378 1.63 28.60 31.42
CA TYR D 378 0.97 28.76 30.13
C TYR D 378 0.42 27.45 29.59
N GLY D 379 1.05 26.33 29.95
CA GLY D 379 0.54 25.05 29.53
C GLY D 379 -0.71 24.62 30.27
N ILE D 380 -0.86 25.03 31.53
CA ILE D 380 -2.03 24.67 32.30
C ILE D 380 -3.27 25.41 31.81
N ILE D 381 -3.15 26.71 31.54
CA ILE D 381 -4.29 27.48 31.07
C ILE D 381 -4.65 27.11 29.62
N ALA D 382 -3.68 26.64 28.84
CA ALA D 382 -3.96 26.25 27.47
C ALA D 382 -4.70 24.92 27.41
N THR D 383 -4.40 23.99 28.31
CA THR D 383 -5.17 22.74 28.34
C THR D 383 -6.55 22.93 28.94
N ILE D 384 -6.76 23.96 29.76
CA ILE D 384 -8.10 24.24 30.26
C ILE D 384 -8.96 24.85 29.16
N TYR D 385 -8.34 25.61 28.25
CA TYR D 385 -9.10 26.30 27.22
C TYR D 385 -9.59 25.35 26.13
N ILE D 386 -8.91 24.23 25.91
CA ILE D 386 -9.32 23.32 24.84
C ILE D 386 -10.36 22.31 25.27
N ILE D 387 -10.74 22.26 26.54
CA ILE D 387 -11.79 21.33 26.96
C ILE D 387 -13.16 21.91 26.57
N PRO D 388 -13.49 23.20 26.77
CA PRO D 388 -14.61 23.74 26.00
C PRO D 388 -14.26 23.97 24.53
N GLY D 389 -13.03 24.39 24.25
CA GLY D 389 -12.41 24.09 22.96
C GLY D 389 -12.93 24.91 21.81
N ASP D 390 -13.03 24.26 20.65
CA ASP D 390 -13.66 24.79 19.44
C ASP D 390 -13.01 26.04 18.87
N ILE D 391 -11.94 25.90 18.06
CA ILE D 391 -11.60 26.92 17.07
C ILE D 391 -12.90 27.38 16.39
N ASN D 392 -13.04 28.71 16.21
CA ASN D 392 -14.21 29.59 15.95
C ASN D 392 -14.90 29.97 17.26
N SER D 393 -14.48 29.45 18.41
CA SER D 393 -14.87 30.02 19.68
C SER D 393 -13.68 30.53 20.47
N LEU D 394 -12.50 29.95 20.24
CA LEU D 394 -11.28 30.51 20.81
C LEU D 394 -10.74 31.65 19.97
N VAL D 395 -11.10 31.70 18.68
CA VAL D 395 -10.66 32.82 17.84
C VAL D 395 -11.44 34.08 18.19
N ASN D 396 -12.74 33.96 18.43
CA ASN D 396 -13.53 35.11 18.87
C ASN D 396 -13.16 35.54 20.28
N TYR D 397 -12.75 34.59 21.11
CA TYR D 397 -12.38 34.91 22.49
C TYR D 397 -11.00 35.59 22.52
N PHE D 398 -10.10 35.18 21.65
CA PHE D 398 -8.80 35.82 21.55
C PHE D 398 -8.90 37.21 20.94
N SER D 399 -9.76 37.37 19.92
CA SER D 399 -9.75 38.59 19.12
C SER D 399 -10.48 39.72 19.81
N PHE D 400 -11.41 39.40 20.70
CA PHE D 400 -12.09 40.45 21.45
C PHE D 400 -11.16 41.06 22.50
N ALA D 401 -10.33 40.25 23.14
CA ALA D 401 -9.39 40.77 24.13
C ALA D 401 -8.20 41.45 23.50
N ALA D 402 -7.73 40.94 22.35
CA ALA D 402 -6.56 41.52 21.71
C ALA D 402 -6.87 42.86 21.07
N TRP D 403 -8.03 42.98 20.43
CA TRP D 403 -8.37 44.23 19.77
C TRP D 403 -8.97 45.26 20.70
N LEU D 404 -9.30 44.88 21.94
CA LEU D 404 -9.61 45.88 22.95
C LEU D 404 -8.35 46.62 23.36
N PHE D 405 -7.21 45.92 23.42
CA PHE D 405 -5.96 46.52 23.82
C PHE D 405 -5.12 46.99 22.63
N TYR D 406 -5.42 46.54 21.41
CA TYR D 406 -4.80 47.16 20.24
C TYR D 406 -5.31 48.58 20.05
N GLY D 407 -6.60 48.81 20.32
CA GLY D 407 -7.17 50.13 20.13
C GLY D 407 -6.94 51.05 21.30
N LEU D 408 -6.42 50.54 22.41
CA LEU D 408 -6.11 51.42 23.53
C LEU D 408 -4.70 51.99 23.41
N THR D 409 -3.77 51.24 22.82
CA THR D 409 -2.43 51.80 22.62
C THR D 409 -2.39 52.73 21.43
N ILE D 410 -3.20 52.46 20.40
CA ILE D 410 -3.23 53.33 19.24
C ILE D 410 -3.99 54.62 19.56
N LEU D 411 -5.00 54.55 20.42
CA LEU D 411 -5.57 55.78 20.97
C LEU D 411 -4.60 56.48 21.89
N GLY D 412 -3.74 55.71 22.58
CA GLY D 412 -2.69 56.29 23.40
C GLY D 412 -1.61 57.00 22.59
N LEU D 413 -1.51 56.71 21.30
CA LEU D 413 -0.64 57.48 20.43
C LEU D 413 -1.20 58.88 20.20
N ILE D 414 -2.52 59.01 20.11
CA ILE D 414 -3.13 60.32 19.90
C ILE D 414 -3.23 61.08 21.21
N VAL D 415 -3.33 60.38 22.34
CA VAL D 415 -3.29 61.04 23.64
C VAL D 415 -1.91 61.63 23.90
N MET D 416 -0.87 60.90 23.53
CA MET D 416 0.50 61.35 23.78
C MET D 416 0.99 62.41 22.78
N ARG D 417 0.13 62.91 21.90
CA ARG D 417 0.46 64.07 21.10
C ARG D 417 -0.11 65.36 21.68
N PHE D 418 -1.09 65.26 22.56
CA PHE D 418 -1.63 66.41 23.27
C PHE D 418 -1.11 66.53 24.69
N THR D 419 -0.70 65.42 25.29
CA THR D 419 -0.26 65.38 26.68
C THR D 419 1.24 65.17 26.82
N ARG D 420 1.89 64.62 25.80
CA ARG D 420 3.27 64.17 25.92
C ARG D 420 4.09 64.67 24.74
N LYS D 421 4.07 65.99 24.52
CA LYS D 421 5.07 66.59 23.64
C LYS D 421 6.43 66.61 24.34
N GLU D 422 7.41 67.24 23.67
CA GLU D 422 8.81 67.29 24.10
C GLU D 422 9.38 65.88 24.28
N LEU D 423 9.16 65.00 23.30
CA LEU D 423 9.34 63.58 23.55
C LEU D 423 10.18 62.88 22.46
N GLU D 424 10.67 63.62 21.46
CA GLU D 424 11.70 63.14 20.52
C GLU D 424 11.24 61.92 19.72
N ARG D 425 10.33 62.19 18.78
CA ARG D 425 9.81 61.17 17.87
C ARG D 425 10.62 61.03 16.59
N PRO D 426 11.43 59.98 16.45
CA PRO D 426 12.16 59.79 15.19
C PRO D 426 11.27 59.33 14.05
N ILE D 427 10.44 58.32 14.28
CA ILE D 427 9.41 57.93 13.33
C ILE D 427 8.13 58.67 13.70
N LYS D 428 7.48 59.25 12.71
CA LYS D 428 6.28 60.06 12.94
C LYS D 428 5.29 59.72 11.83
N VAL D 429 4.11 59.23 12.20
CA VAL D 429 3.11 58.85 11.22
C VAL D 429 2.20 60.05 10.95
N PRO D 430 1.54 60.11 9.80
CA PRO D 430 0.43 61.05 9.64
C PRO D 430 -0.68 60.75 10.64
N VAL D 431 -1.35 61.81 11.11
CA VAL D 431 -2.28 61.66 12.23
C VAL D 431 -3.55 60.92 11.84
N VAL D 432 -3.85 60.79 10.55
CA VAL D 432 -5.07 60.11 10.15
C VAL D 432 -4.91 58.59 10.24
N ILE D 433 -3.69 58.08 10.29
CA ILE D 433 -3.45 56.64 10.39
C ILE D 433 -3.81 56.10 11.79
N PRO D 434 -3.42 56.70 12.93
CA PRO D 434 -3.97 56.19 14.19
C PRO D 434 -5.40 56.59 14.48
N VAL D 435 -5.98 57.52 13.72
CA VAL D 435 -7.37 57.88 13.94
C VAL D 435 -8.29 56.81 13.38
N LEU D 436 -8.07 56.39 12.13
CA LEU D 436 -8.93 55.37 11.55
C LEU D 436 -8.64 54.00 12.13
N MET D 437 -7.40 53.75 12.57
CA MET D 437 -7.09 52.51 13.24
C MET D 437 -7.69 52.45 14.64
N THR D 438 -8.04 53.59 15.23
CA THR D 438 -8.78 53.58 16.48
C THR D 438 -10.26 53.32 16.23
N LEU D 439 -10.84 53.95 15.21
CA LEU D 439 -12.26 53.79 14.92
C LEU D 439 -12.58 52.40 14.41
N ILE D 440 -11.65 51.77 13.69
CA ILE D 440 -11.84 50.40 13.27
C ILE D 440 -11.76 49.45 14.46
N SER D 441 -10.94 49.77 15.46
CA SER D 441 -10.88 48.94 16.66
C SER D 441 -12.11 49.12 17.54
N VAL D 442 -12.79 50.26 17.46
CA VAL D 442 -14.08 50.38 18.14
C VAL D 442 -15.13 49.54 17.42
N PHE D 443 -15.03 49.45 16.10
CA PHE D 443 -15.95 48.63 15.33
C PHE D 443 -15.72 47.13 15.57
N LEU D 444 -14.48 46.73 15.81
CA LEU D 444 -14.19 45.32 16.04
C LEU D 444 -14.49 44.86 17.45
N VAL D 445 -14.85 45.77 18.35
CA VAL D 445 -15.17 45.43 19.73
C VAL D 445 -16.66 45.49 20.00
N LEU D 446 -17.32 46.56 19.55
CA LEU D 446 -18.72 46.76 19.88
C LEU D 446 -19.69 46.01 18.97
N ALA D 447 -19.34 45.80 17.72
CA ALA D 447 -20.26 45.15 16.78
C ALA D 447 -20.54 43.67 17.04
N PRO D 448 -19.61 42.83 17.56
CA PRO D 448 -20.04 41.47 17.91
C PRO D 448 -21.02 41.37 19.07
N ILE D 449 -21.03 42.31 20.02
CA ILE D 449 -21.88 42.17 21.20
C ILE D 449 -23.24 42.84 21.01
N ILE D 450 -23.41 43.61 19.93
CA ILE D 450 -24.70 44.21 19.60
C ILE D 450 -25.38 43.49 18.46
N SER D 451 -24.66 42.66 17.71
CA SER D 451 -25.25 41.89 16.62
C SER D 451 -25.41 40.42 16.93
N LYS D 452 -24.32 39.70 17.24
CA LYS D 452 -24.39 38.27 17.56
C LYS D 452 -23.71 38.01 18.89
N PRO D 453 -24.35 38.36 20.00
CA PRO D 453 -23.70 38.19 21.31
C PRO D 453 -23.77 36.73 21.76
N THR D 454 -22.62 36.06 21.71
CA THR D 454 -22.50 34.69 22.15
C THR D 454 -21.87 34.68 23.54
N TRP D 455 -21.70 33.49 24.09
CA TRP D 455 -21.34 33.37 25.50
C TRP D 455 -19.85 33.55 25.76
N GLU D 456 -19.00 33.45 24.73
CA GLU D 456 -17.57 33.65 24.96
C GLU D 456 -17.22 35.12 25.13
N TYR D 457 -18.05 36.04 24.65
CA TYR D 457 -17.82 37.46 24.90
C TYR D 457 -18.17 37.88 26.32
N LEU D 458 -18.89 37.04 27.07
CA LEU D 458 -19.18 37.34 28.46
C LEU D 458 -18.08 36.82 29.39
N TYR D 459 -17.52 35.64 29.10
CA TYR D 459 -16.40 35.15 29.88
C TYR D 459 -15.12 35.93 29.63
N CYS D 460 -15.00 36.59 28.49
CA CYS D 460 -13.82 37.41 28.22
C CYS D 460 -13.88 38.74 28.95
N VAL D 461 -15.08 39.29 29.13
CA VAL D 461 -15.23 40.51 29.92
C VAL D 461 -15.08 40.20 31.41
N LEU D 462 -15.66 39.07 31.85
CA LEU D 462 -15.63 38.73 33.26
C LEU D 462 -14.26 38.25 33.72
N PHE D 463 -13.36 37.92 32.80
CA PHE D 463 -12.00 37.59 33.19
C PHE D 463 -11.09 38.81 33.18
N ILE D 464 -11.38 39.80 32.35
CA ILE D 464 -10.60 41.02 32.34
C ILE D 464 -10.93 41.89 33.55
N LEU D 465 -12.22 42.12 33.80
CA LEU D 465 -12.65 42.92 34.95
C LEU D 465 -12.44 42.21 36.28
N SER D 466 -12.20 40.91 36.28
CA SER D 466 -11.79 40.24 37.52
C SER D 466 -10.37 40.63 37.89
N GLY D 467 -9.56 41.06 36.92
CA GLY D 467 -8.28 41.64 37.23
C GLY D 467 -8.38 43.04 37.81
N LEU D 468 -9.47 43.75 37.49
CA LEU D 468 -9.69 45.08 38.03
C LEU D 468 -9.98 45.02 39.53
N LEU D 469 -10.50 43.91 40.02
CA LEU D 469 -10.65 43.75 41.46
C LEU D 469 -9.32 43.46 42.13
N PHE D 470 -8.44 42.70 41.47
CA PHE D 470 -7.14 42.40 42.04
C PHE D 470 -6.21 43.61 42.04
N TYR D 471 -6.48 44.61 41.22
CA TYR D 471 -5.70 45.85 41.28
C TYR D 471 -6.00 46.61 42.56
N PHE D 472 -7.24 46.60 43.01
CA PHE D 472 -7.64 47.37 44.18
C PHE D 472 -7.44 46.62 45.49
N LEU D 473 -6.94 45.39 45.46
CA LEU D 473 -6.66 44.66 46.67
C LEU D 473 -5.18 44.36 46.87
N PHE D 474 -4.37 44.46 45.82
CA PHE D 474 -2.96 44.11 45.90
C PHE D 474 -2.03 45.20 45.39
N VAL D 475 -2.52 46.20 44.66
CA VAL D 475 -1.66 47.24 44.13
C VAL D 475 -2.07 48.59 44.72
N HIS D 476 -3.37 48.90 44.67
CA HIS D 476 -3.83 50.21 45.11
C HIS D 476 -3.88 50.29 46.63
N TYR D 477 -4.42 49.28 47.29
CA TYR D 477 -4.47 49.21 48.74
C TYR D 477 -3.57 48.06 49.18
N LYS D 478 -2.35 48.39 49.60
CA LYS D 478 -1.38 47.39 50.02
C LYS D 478 -1.79 46.86 51.38
N PHE D 479 -2.71 45.89 51.36
CA PHE D 479 -3.23 45.30 52.59
C PHE D 479 -2.18 44.43 53.26
N GLY D 480 -2.33 44.25 54.58
CA GLY D 480 -1.34 43.51 55.34
C GLY D 480 -1.37 42.03 55.07
N TRP D 481 -2.55 41.47 54.81
CA TRP D 481 -2.70 40.05 54.54
C TRP D 481 -2.36 39.67 53.10
N ALA D 482 -1.96 40.63 52.28
CA ALA D 482 -1.64 40.34 50.88
C ALA D 482 -0.31 39.64 50.74
N GLN D 483 0.76 40.21 51.30
CA GLN D 483 2.08 39.58 51.21
C GLN D 483 2.32 38.57 52.32
N LYS D 484 1.31 38.29 53.15
CA LYS D 484 1.35 37.12 54.02
C LYS D 484 1.00 35.84 53.28
N ILE D 485 0.47 35.96 52.06
CA ILE D 485 0.11 34.81 51.25
C ILE D 485 1.17 34.58 50.19
N SER D 486 1.60 35.65 49.53
CA SER D 486 2.35 35.51 48.29
C SER D 486 3.77 35.00 48.51
N LYS D 487 4.46 35.49 49.52
CA LYS D 487 5.82 35.02 49.79
C LYS D 487 5.92 33.61 50.38
N PRO D 488 4.95 33.11 51.17
CA PRO D 488 4.91 31.65 51.38
C PRO D 488 4.78 30.83 50.11
N ILE D 489 3.98 31.27 49.14
CA ILE D 489 3.87 30.54 47.87
C ILE D 489 5.15 30.70 47.07
N THR D 490 5.78 31.86 47.13
CA THR D 490 7.01 32.09 46.37
C THR D 490 8.16 31.24 46.92
N MET D 491 8.25 31.11 48.24
CA MET D 491 9.32 30.35 48.86
C MET D 491 9.19 28.85 48.64
N HIS D 492 7.98 28.31 48.74
CA HIS D 492 7.77 26.88 48.58
C HIS D 492 7.82 26.42 47.14
N LEU D 493 7.33 27.23 46.19
CA LEU D 493 7.51 26.93 44.77
C LEU D 493 8.95 27.05 44.32
N GLN D 494 9.76 27.80 45.06
CA GLN D 494 11.16 27.97 44.72
C GLN D 494 11.95 26.70 44.99
N MET D 495 11.68 26.03 46.11
CA MET D 495 12.36 24.79 46.44
C MET D 495 11.78 23.60 45.71
N LEU D 496 10.54 23.71 45.23
CA LEU D 496 9.90 22.61 44.53
C LEU D 496 10.40 22.48 43.11
N MET D 497 10.71 23.61 42.46
CA MET D 497 11.12 23.60 41.07
C MET D 497 12.59 23.92 40.85
N GLU D 498 13.30 24.32 41.91
CA GLU D 498 14.68 24.85 41.86
C GLU D 498 14.79 26.03 40.91
N VAL D 499 14.06 27.09 41.22
CA VAL D 499 14.05 28.30 40.40
C VAL D 499 14.52 29.49 41.23
N VAL D 500 15.39 30.31 40.66
CA VAL D 500 15.95 31.44 41.39
C VAL D 500 15.51 32.74 40.73
N PRO D 501 15.65 33.89 41.39
CA PRO D 501 15.53 35.16 40.68
C PRO D 501 16.52 35.26 39.54
N PRO D 502 16.11 35.81 38.41
CA PRO D 502 16.98 35.86 37.23
C PRO D 502 18.17 36.76 37.46
N GLU D 503 19.39 36.22 37.31
CA GLU D 503 20.61 36.97 37.62
C GLU D 503 20.82 38.02 36.54
N GLU D 504 20.02 39.08 36.65
CA GLU D 504 19.67 39.95 35.54
C GLU D 504 18.93 41.14 36.12
N ASP D 505 19.42 42.31 35.80
CA ASP D 505 18.73 43.56 36.10
C ASP D 505 17.99 43.91 34.80
N PRO D 506 17.19 45.04 34.74
CA PRO D 506 16.52 45.46 33.49
C PRO D 506 17.26 45.32 32.16
N GLU D 507 18.47 45.84 32.06
CA GLU D 507 19.26 45.64 30.83
C GLU D 507 20.55 44.90 31.13
C1 NAG E . -21.64 -49.05 -21.09
C2 NAG E . -22.74 -49.78 -21.87
C3 NAG E . -22.47 -51.29 -21.86
C4 NAG E . -21.02 -51.63 -22.22
C5 NAG E . -19.99 -50.65 -21.62
C6 NAG E . -18.63 -50.74 -22.27
C7 NAG E . -24.59 -49.68 -20.16
C8 NAG E . -26.02 -49.26 -19.98
N2 NAG E . -24.09 -49.47 -21.40
O3 NAG E . -23.36 -51.94 -22.77
O4 NAG E . -20.76 -52.90 -21.62
O5 NAG E . -20.41 -49.28 -21.73
O6 NAG E . -17.63 -51.09 -21.34
O7 NAG E . -23.94 -50.19 -19.25
C1 NAG E . -20.27 -54.05 -22.39
C2 NAG E . -21.47 -54.83 -22.94
C3 NAG E . -20.97 -56.09 -23.67
C4 NAG E . -19.94 -55.72 -24.73
C5 NAG E . -18.83 -54.85 -24.14
C6 NAG E . -17.86 -54.35 -25.18
C7 NAG E . -23.72 -55.24 -22.04
C8 NAG E . -24.53 -55.63 -20.85
N2 NAG E . -22.40 -55.19 -21.88
O3 NAG E . -22.07 -56.77 -24.25
O4 NAG E . -19.36 -56.91 -25.26
O5 NAG E . -19.39 -53.69 -23.49
O6 NAG E . -16.57 -54.11 -24.62
O7 NAG E . -24.24 -54.98 -23.13
C1 NAG F . -27.08 -39.31 -37.98
C2 NAG F . -28.23 -40.33 -37.74
C3 NAG F . -28.63 -41.02 -39.05
C4 NAG F . -28.96 -39.98 -40.10
C5 NAG F . -27.77 -39.03 -40.29
C6 NAG F . -28.04 -37.91 -41.27
C7 NAG F . -26.93 -42.19 -36.66
C8 NAG F . -26.87 -43.05 -35.44
N2 NAG F . -27.93 -41.28 -36.69
O3 NAG F . -29.75 -41.85 -38.81
O4 NAG F . -29.43 -40.56 -41.31
O5 NAG F . -27.46 -38.41 -39.04
O6 NAG F . -27.37 -36.72 -40.86
O7 NAG F . -26.12 -42.32 -37.57
C1 NAG F . -28.61 -41.45 -42.07
C2 NAG F . -29.52 -42.53 -42.74
C3 NAG F . -28.76 -43.39 -43.77
C4 NAG F . -27.98 -42.51 -44.74
C5 NAG F . -27.07 -41.57 -43.96
C6 NAG F . -26.31 -40.61 -44.85
C7 NAG F . -30.16 -44.22 -40.87
C8 NAG F . -28.73 -44.59 -40.50
N2 NAG F . -30.40 -43.31 -41.85
O3 NAG F . -29.70 -44.19 -44.49
O4 NAG F . -27.19 -43.32 -45.61
O5 NAG F . -27.85 -40.76 -43.07
O6 NAG F . -25.42 -41.31 -45.73
O7 NAG F . -31.10 -44.74 -40.28
C1 NAG G . -2.99 -60.59 -11.58
C2 NAG G . -3.72 -61.82 -11.00
C3 NAG G . -2.85 -63.10 -11.11
C4 NAG G . -2.00 -63.09 -12.37
C5 NAG G . -1.00 -61.94 -12.31
C6 NAG G . -0.57 -61.43 -13.67
C7 NAG G . -5.35 -61.30 -9.19
C8 NAG G . -6.41 -61.24 -10.26
N2 NAG G . -4.10 -61.58 -9.61
O3 NAG G . -3.73 -64.21 -11.15
O4 NAG G . -1.37 -64.35 -12.60
O5 NAG G . -1.53 -60.81 -11.59
O6 NAG G . -0.28 -60.04 -13.63
O7 NAG G . -5.60 -61.12 -8.02
C1 NAG G . -0.37 -64.85 -11.66
C2 NAG G . -0.47 -66.40 -11.59
C3 NAG G . 0.66 -67.03 -10.76
C4 NAG G . 2.01 -66.48 -11.17
C5 NAG G . 1.99 -64.95 -11.13
C6 NAG G . 3.29 -64.32 -11.59
C7 NAG G . -2.63 -66.95 -10.21
C8 NAG G . -2.21 -66.16 -8.97
N2 NAG G . -1.81 -66.98 -11.30
O3 NAG G . 0.64 -68.44 -10.92
O4 NAG G . 3.03 -66.95 -10.30
O5 NAG G . 0.97 -64.46 -12.02
O6 NAG G . 4.28 -65.30 -11.85
O7 NAG G . -3.70 -67.54 -10.23
C1 NAG H . 26.43 -52.98 -20.79
C2 NAG H . 27.44 -52.02 -20.11
C3 NAG H . 28.89 -52.32 -20.55
C4 NAG H . 29.20 -53.82 -20.59
C5 NAG H . 28.04 -54.67 -21.10
C6 NAG H . 28.21 -56.15 -20.84
C7 NAG H . 26.94 -49.66 -21.11
C8 NAG H . 27.13 -50.06 -22.57
N2 NAG H . 27.10 -50.59 -20.13
O3 NAG H . 29.77 -51.66 -19.65
O4 NAG H . 30.27 -53.98 -21.53
O5 NAG H . 26.79 -54.30 -20.50
O6 NAG H . 27.46 -56.54 -19.70
O7 NAG H . 26.65 -48.51 -20.83
C1 NAG H . 31.56 -54.57 -21.13
C2 NAG H . 32.43 -53.51 -20.41
C3 NAG H . 33.77 -54.14 -19.99
C4 NAG H . 33.57 -55.44 -19.23
C5 NAG H . 32.67 -56.39 -20.01
C6 NAG H . 32.36 -57.67 -19.27
C7 NAG H . 32.64 -51.09 -20.80
C8 NAG H . 32.87 -50.02 -21.82
N2 NAG H . 32.65 -52.35 -21.26
O3 NAG H . 34.49 -53.21 -19.19
O4 NAG H . 34.84 -56.08 -19.03
O5 NAG H . 31.41 -55.75 -20.27
O6 NAG H . 31.87 -58.67 -20.15
O7 NAG H . 32.45 -50.84 -19.61
C1 NAG I . 1.31 -20.21 -45.51
C2 NAG I . 1.32 -21.34 -46.56
C3 NAG I . 0.42 -21.02 -47.76
C4 NAG I . -0.97 -20.57 -47.30
C5 NAG I . -0.87 -19.50 -46.21
C6 NAG I . -2.19 -19.11 -45.59
C7 NAG I . 3.74 -21.35 -47.57
C8 NAG I . 3.72 -19.89 -48.00
N2 NAG I . 2.64 -21.88 -46.94
O3 NAG I . 0.31 -22.19 -48.56
O4 NAG I . -1.65 -20.01 -48.42
O5 NAG I . -0.03 -19.95 -45.13
O6 NAG I . -2.51 -19.95 -44.48
O7 NAG I . 4.72 -22.05 -47.77
C1 NAG I . -2.91 -20.62 -48.84
C2 NAG I . -2.65 -21.71 -49.90
C3 NAG I . -3.97 -22.37 -50.32
C4 NAG I . -4.75 -22.85 -49.10
C5 NAG I . -4.92 -21.73 -48.08
C6 NAG I . -5.58 -22.19 -46.80
C7 NAG I . -0.82 -21.67 -51.52
C8 NAG I . -0.25 -20.99 -52.73
N2 NAG I . -1.96 -21.16 -51.05
O3 NAG I . -3.68 -23.45 -51.18
O4 NAG I . -6.04 -23.30 -49.51
O5 NAG I . -3.63 -21.20 -47.71
O6 NAG I . -4.75 -21.98 -45.68
O7 NAG I . -0.27 -22.63 -51.00
C1 NAG J . -44.51 -10.59 -35.01
C2 NAG J . -45.32 -11.58 -35.86
C3 NAG J . -46.45 -10.84 -36.59
C4 NAG J . -47.23 -9.90 -35.67
C5 NAG J . -46.35 -9.16 -34.65
C6 NAG J . -47.13 -8.55 -33.51
C7 NAG J . -43.71 -11.90 -37.77
C8 NAG J . -42.99 -12.96 -38.55
N2 NAG J . -44.50 -12.37 -36.78
O3 NAG J . -47.33 -11.80 -37.19
O4 NAG J . -47.79 -8.90 -36.52
O5 NAG J . -45.36 -10.02 -34.06
O6 NAG J . -46.98 -7.14 -33.44
O7 NAG J . -43.60 -10.71 -38.04
C1 NAG J . -49.22 -8.61 -36.56
C2 NAG J . -49.90 -9.51 -37.60
C3 NAG J . -51.39 -9.15 -37.71
C4 NAG J . -52.05 -9.19 -36.33
C5 NAG J . -51.27 -8.35 -35.32
C6 NAG J . -51.82 -8.47 -33.91
C7 NAG J . -49.12 -10.43 -39.74
C8 NAG J . -48.42 -10.14 -41.03
N2 NAG J . -49.25 -9.40 -38.89
O3 NAG J . -52.04 -10.04 -38.60
O4 NAG J . -53.38 -8.67 -36.44
O5 NAG J . -49.89 -8.77 -35.27
O6 NAG J . -51.54 -7.30 -33.15
O7 NAG J . -49.55 -11.55 -39.46
C1 NAG K . -47.74 -28.15 -25.48
C2 NAG K . -48.07 -28.46 -26.97
C3 NAG K . -49.35 -29.29 -27.09
C4 NAG K . -49.24 -30.53 -26.23
C5 NAG K . -48.95 -30.14 -24.78
C6 NAG K . -48.75 -31.32 -23.86
C7 NAG K . -48.94 -26.21 -27.69
C8 NAG K . -48.75 -25.12 -28.70
N2 NAG K . -48.10 -27.26 -27.81
O3 NAG K . -49.55 -29.64 -28.45
O4 NAG K . -50.37 -31.39 -26.37
O5 NAG K . -47.73 -29.38 -24.73
O6 NAG K . -47.77 -31.02 -22.87
O7 NAG K . -49.81 -26.14 -26.83
C1 NAG K . -51.68 -30.94 -26.03
C2 NAG K . -52.71 -31.61 -27.00
C3 NAG K . -54.17 -31.38 -26.57
C4 NAG K . -54.36 -31.73 -25.10
C5 NAG K . -53.36 -30.95 -24.25
C6 NAG K . -53.43 -31.28 -22.79
C7 NAG K . -52.53 -30.33 -29.27
C8 NAG K . -52.84 -28.96 -28.69
N2 NAG K . -52.48 -31.42 -28.45
O3 NAG K . -55.03 -32.20 -27.38
O4 NAG K . -55.69 -31.40 -24.69
O5 NAG K . -52.02 -31.26 -24.68
O6 NAG K . -54.71 -30.94 -22.23
O7 NAG K . -52.31 -30.46 -30.46
C1 NAG L . -50.28 12.56 -33.60
C2 NAG L . -50.61 12.84 -35.08
C3 NAG L . -51.77 13.85 -35.22
C4 NAG L . -52.79 13.69 -34.10
C5 NAG L . -52.14 14.02 -32.77
C6 NAG L . -52.79 13.33 -31.58
C7 NAG L . -48.69 12.58 -36.64
C8 NAG L . -49.14 11.16 -36.85
N2 NAG L . -49.43 13.32 -35.79
O3 NAG L . -52.41 13.60 -36.46
O4 NAG L . -53.98 14.45 -34.33
O5 NAG L . -50.75 13.67 -32.75
O6 NAG L . -51.83 13.06 -30.56
O7 NAG L . -47.72 13.05 -37.20
C1 NAG L . -53.91 15.90 -34.39
C2 NAG L . -54.94 16.43 -35.42
C3 NAG L . -55.08 17.97 -35.40
C4 NAG L . -55.24 18.48 -33.98
C5 NAG L . -54.13 17.94 -33.09
C6 NAG L . -54.26 18.37 -31.64
C7 NAG L . -53.96 15.93 -37.79
C8 NAG L . -52.66 16.70 -37.57
N2 NAG L . -54.88 15.87 -36.79
O3 NAG L . -56.19 18.36 -36.19
O4 NAG L . -55.21 19.91 -33.96
O5 NAG L . -54.16 16.51 -33.09
O6 NAG L . -55.34 19.27 -31.45
O7 NAG L . -54.17 15.36 -38.85
C1 NAG M . -57.21 25.24 -5.32
C2 NAG M . -56.29 26.01 -4.36
C3 NAG M . -57.10 26.89 -3.37
C4 NAG M . -58.25 27.63 -4.05
C5 NAG M . -58.96 26.79 -5.12
C6 NAG M . -59.87 27.60 -6.02
C7 NAG M . -55.17 24.22 -2.83
C8 NAG M . -56.47 23.61 -2.32
N2 NAG M . -55.21 25.25 -3.71
O3 NAG M . -56.21 27.83 -2.78
O4 NAG M . -59.22 27.88 -3.02
O5 NAG M . -58.03 26.14 -6.00
O6 NAG M . -59.23 27.90 -7.25
O7 NAG M . -54.09 23.76 -2.45
C1 NAG M . -59.64 29.25 -2.69
C2 NAG M . -58.59 29.93 -1.78
C3 NAG M . -59.04 31.35 -1.44
C4 NAG M . -59.42 32.14 -2.69
C5 NAG M . -60.43 31.36 -3.53
C6 NAG M . -60.79 32.05 -4.83
C7 NAG M . -57.18 28.97 -0.01
C8 NAG M . -57.15 28.14 1.23
N2 NAG M . -58.38 29.15 -0.57
O3 NAG M . -57.99 32.01 -0.75
O4 NAG M . -60.00 33.39 -2.31
O5 NAG M . -59.88 30.08 -3.88
O6 NAG M . -61.98 31.52 -5.38
O7 NAG M . -56.16 29.46 -0.50
C1 NAG N . -45.15 -19.32 8.32
C2 NAG N . -46.66 -19.54 8.10
C3 NAG N . -47.05 -21.02 8.20
C4 NAG N . -46.12 -21.90 7.35
C5 NAG N . -44.66 -21.55 7.59
C6 NAG N . -43.69 -22.25 6.67
C7 NAG N . -47.86 -18.43 10.15
C8 NAG N . -47.10 -19.22 11.21
N2 NAG N . -47.58 -18.64 8.83
O3 NAG N . -48.40 -21.17 7.77
O4 NAG N . -46.34 -23.26 7.72
O5 NAG N . -44.43 -20.14 7.42
O6 NAG N . -43.47 -21.51 5.48
O7 NAG N . -48.69 -17.60 10.47
C1 NAG N . -46.79 -24.19 6.68
C2 NAG N . -48.33 -24.26 6.66
C3 NAG N . -48.80 -25.21 5.56
C4 NAG N . -48.17 -24.86 4.22
C5 NAG N . -46.65 -24.76 4.34
C6 NAG N . -45.98 -24.30 3.07
C7 NAG N . -49.77 -23.94 8.61
C8 NAG N . -50.22 -24.51 9.92
N2 NAG N . -48.86 -24.65 7.95
O3 NAG N . -50.21 -25.14 5.47
O4 NAG N . -48.49 -25.86 3.26
O5 NAG N . -46.30 -23.81 5.37
O6 NAG N . -45.25 -23.10 3.27
O7 NAG N . -50.23 -22.89 8.18
CA CA O . -18.01 -31.35 -10.96
N ARG P . 33.02 -4.89 15.70
CA ARG P . 32.40 -4.11 14.63
C ARG P . 31.32 -4.91 13.93
O ARG P . 30.69 -5.79 14.52
CB ARG P . 33.44 -3.67 13.61
CG ARG P . 34.44 -2.70 14.19
CD ARG P . 35.33 -2.10 13.12
NE ARG P . 36.47 -1.40 13.71
CZ ARG P . 36.41 -0.16 14.19
NH1 ARG P . 35.26 0.51 14.17
NH2 ARG P . 37.50 0.40 14.70
OXT ARG P . 31.06 -4.69 12.75
O13 3PH Q . 36.07 26.67 4.52
P 3PH Q . 35.09 25.68 5.06
O14 3PH Q . 34.73 25.87 6.52
O12 3PH Q . 33.91 25.40 4.16
O11 3PH Q . 35.92 24.30 5.04
C1 3PH Q . 35.36 23.11 5.59
C2 3PH Q . 35.96 21.94 4.82
O21 3PH Q . 35.98 22.26 3.44
C21 3PH Q . 37.32 22.29 2.87
O22 3PH Q . 38.29 22.35 3.59
C22 3PH Q . 37.46 22.24 1.36
C23 3PH Q . 38.93 22.31 0.99
C24 3PH Q . 39.24 21.42 -0.18
C25 3PH Q . 40.36 20.46 0.21
C26 3PH Q . 40.97 19.81 -1.01
C27 3PH Q . 42.23 19.03 -0.63
C28 3PH Q . 42.92 18.52 -1.87
C29 3PH Q . 44.35 18.11 -1.57
C2A 3PH Q . 45.15 17.85 -2.85
C2B 3PH Q . 46.64 18.00 -2.60
C2C 3PH Q . 47.44 17.11 -3.52
C2D 3PH Q . 48.94 17.37 -3.36
C2E 3PH Q . 49.74 16.39 -4.21
C2F 3PH Q . 51.20 16.83 -4.33
C2G 3PH Q . 52.03 15.75 -4.99
C2H 3PH Q . 53.51 16.08 -4.93
C2I 3PH Q . 54.35 14.91 -5.37
C3 3PH Q . 35.04 20.74 4.98
O31 3PH Q . 35.36 19.84 3.93
C31 3PH Q . 34.47 18.73 3.64
O32 3PH Q . 33.35 18.74 4.11
C32 3PH Q . 34.94 17.60 2.77
C33 3PH Q . 35.20 18.15 1.39
C34 3PH Q . 36.23 17.31 0.67
C35 3PH Q . 36.69 18.03 -0.59
C36 3PH Q . 38.06 17.53 -1.03
C37 3PH Q . 37.94 16.53 -2.17
C38 3PH Q . 39.34 16.17 -2.64
C39 3PH Q . 39.29 15.28 -3.89
C3A 3PH Q . 40.65 14.67 -4.16
C3B 3PH Q . 40.50 13.54 -5.18
C3C 3PH Q . 41.80 12.78 -5.36
C3D 3PH Q . 41.52 11.50 -6.14
C3E 3PH Q . 42.77 10.64 -6.33
C3F 3PH Q . 42.42 9.35 -7.03
C3G 3PH Q . 43.67 8.59 -7.46
C3H 3PH Q . 43.33 7.24 -8.10
C3I 3PH Q . 42.46 7.43 -9.33
O13 3PH R . 57.34 17.85 7.17
P 3PH R . 57.37 16.58 7.98
O14 3PH R . 58.42 16.53 9.06
O12 3PH R . 56.01 16.11 8.41
O11 3PH R . 57.82 15.46 6.93
C1 3PH R . 58.39 14.24 7.38
C2 3PH R . 58.26 13.21 6.27
O21 3PH R . 58.79 11.95 6.66
C21 3PH R . 57.71 11.01 6.87
O22 3PH R . 56.67 11.41 7.35
C22 3PH R . 57.87 9.55 6.53
C23 3PH R . 56.48 8.95 6.37
C24 3PH R . 55.92 9.25 4.98
C25 3PH R . 54.45 8.87 4.90
C26 3PH R . 53.93 9.09 3.48
C27 3PH R . 52.41 9.18 3.46
C28 3PH R . 51.92 9.27 2.02
C29 3PH R . 50.40 9.35 1.94
C2A 3PH R . 49.92 9.09 0.51
C2B 3PH R . 50.07 7.62 0.16
C2C 3PH R . 49.55 7.36 -1.26
C2D 3PH R . 49.17 5.90 -1.45
C2E 3PH R . 47.79 5.61 -0.89
C2F 3PH R . 47.47 4.12 -0.94
C2G 3PH R . 47.39 3.62 -2.37
C2H 3PH R . 45.96 3.73 -2.90
C2I 3PH R . 45.07 2.70 -2.24
C3 3PH R . 58.97 13.67 5.00
O31 3PH R . 58.30 13.02 3.92
C31 3PH R . 58.67 13.31 2.56
O32 3PH R . 59.75 13.81 2.33
C32 3PH R . 57.71 13.01 1.45
C33 3PH R . 56.45 13.80 1.69
C34 3PH R . 55.68 14.06 0.40
C35 3PH R . 55.30 12.72 -0.25
C36 3PH R . 54.68 12.95 -1.63
C37 3PH R . 53.33 13.64 -1.51
C38 3PH R . 52.36 12.80 -0.66
C39 3PH R . 50.94 13.34 -0.74
C3A 3PH R . 50.89 14.82 -0.42
C3B 3PH R . 49.47 15.27 -0.11
C3C 3PH R . 49.23 15.25 1.39
C3D 3PH R . 48.34 14.07 1.79
C3E 3PH R . 47.53 14.45 3.01
C3F 3PH R . 46.57 15.58 2.69
C3G 3PH R . 45.50 15.09 1.73
C3H 3PH R . 44.15 15.01 2.42
C3I 3PH R . 43.71 16.35 2.93
CA CA S . -25.89 -8.22 -26.27
N ARG T . 0.10 34.74 12.38
CA ARG T . 0.06 33.38 12.90
C ARG T . -0.75 32.47 12.00
O ARG T . -0.85 32.70 10.80
CB ARG T . -0.52 33.35 14.31
CG ARG T . 0.34 34.06 15.31
CD ARG T . -0.14 33.84 16.73
NE ARG T . 0.52 34.75 17.67
CZ ARG T . 1.74 34.56 18.17
NH1 ARG T . 2.45 33.49 17.81
NH2 ARG T . 2.25 35.44 19.01
OXT ARG T . -1.32 31.49 12.47
O13 3PH U . 14.44 18.87 38.32
P 3PH U . 14.30 18.85 36.83
O14 3PH U . 15.48 19.41 36.07
O12 3PH U . 13.74 17.56 36.26
O11 3PH U . 13.13 19.92 36.56
C1 3PH U . 12.77 20.28 35.24
C2 3PH U . 11.29 20.66 35.26
O21 3PH U . 10.59 19.73 36.06
C21 3PH U . 9.95 20.32 37.22
O22 3PH U . 10.27 21.43 37.60
C22 3PH U . 8.87 19.54 37.94
C23 3PH U . 8.37 20.33 39.13
C24 3PH U . 6.88 20.16 39.30
C25 3PH U . 6.23 21.54 39.31
C26 3PH U . 4.82 21.48 39.85
C27 3PH U . 4.25 22.88 40.05
C28 3PH U . 2.91 22.80 40.74
C29 3PH U . 2.52 24.15 41.33
C2A 3PH U . 1.31 24.04 42.25
C2B 3PH U . 1.28 25.20 43.24
C2C 3PH U . -0.14 25.53 43.64
C2D 3PH U . -0.17 26.60 44.73
C2E 3PH U . -1.60 27.01 45.04
C2F 3PH U . -1.67 27.82 46.33
C2G 3PH U . -3.07 28.40 46.52
C2H 3PH U . -3.10 29.37 47.69
C2I 3PH U . -4.41 30.12 47.73
C3 3PH U . 10.74 20.54 33.85
O31 3PH U . 9.33 20.45 33.97
C31 3PH U . 8.53 20.04 32.83
O32 3PH U . 9.08 19.52 31.89
C32 3PH U . 7.05 20.25 32.84
C33 3PH U . 6.46 19.41 33.94
C34 3PH U . 5.16 20.01 34.44
C35 3PH U . 4.73 19.32 35.72
C36 3PH U . 3.79 20.20 36.52
C37 3PH U . 2.34 19.79 36.34
C38 3PH U . 1.47 20.63 37.26
C39 3PH U . 0.02 20.16 37.22
C3A 3PH U . -0.89 21.18 37.89
C3B 3PH U . -2.34 20.87 37.55
C3C 3PH U . -3.28 21.96 38.04
C3D 3PH U . -4.65 21.75 37.41
C3E 3PH U . -5.65 22.82 37.81
C3F 3PH U . -6.97 22.62 37.09
C3G 3PH U . -8.06 23.52 37.66
C3H 3PH U . -9.37 23.37 36.90
C3I 3PH U . -9.88 21.95 36.96
O13 3PH V . 5.46 38.77 46.10
P 3PH V . 5.09 39.73 45.00
O14 3PH V . 5.56 41.15 45.21
O12 3PH V . 5.33 39.19 43.62
O11 3PH V . 3.49 39.82 45.08
C1 3PH V . 2.81 40.94 44.53
C2 3PH V . 1.36 40.54 44.29
O21 3PH V . 0.62 41.61 43.72
C21 3PH V . 0.31 41.31 42.34
O22 3PH V . 1.14 40.71 41.68
C22 3PH V . -0.99 41.73 41.71
C23 3PH V . -1.23 40.86 40.49
C24 3PH V . -1.83 39.52 40.89
C25 3PH V . -1.84 38.55 39.72
C26 3PH V . -2.53 37.25 40.11
C27 3PH V . -2.16 36.12 39.16
C28 3PH V . -2.96 34.87 39.51
C29 3PH V . -2.63 33.71 38.57
C2A 3PH V . -3.68 32.60 38.71
C2B 3PH V . -5.00 33.02 38.08
C2C 3PH V . -6.02 31.89 38.18
C2D 3PH V . -7.11 32.02 37.13
C2E 3PH V . -6.64 31.49 35.78
C2F 3PH V . -7.67 31.76 34.69
C2G 3PH V . -8.97 31.02 34.95
C2H 3PH V . -8.95 29.64 34.29
C2I 3PH V . -9.05 29.77 32.79
C3 3PH V . 0.69 40.12 45.59
O31 3PH V . -0.35 39.22 45.23
C31 3PH V . -1.14 38.56 46.24
O32 3PH V . -1.17 39.02 47.36
C32 3PH V . -1.90 37.31 45.89
C33 3PH V . -0.90 36.28 45.42
C34 3PH V . -1.42 34.86 45.61
C35 3PH V . -2.73 34.67 44.84
C36 3PH V . -3.36 33.32 45.16
C37 3PH V . -2.51 32.18 44.61
C38 3PH V . -2.33 32.31 43.09
C39 3PH V . -1.71 31.06 42.50
C3A 3PH V . -0.42 30.68 43.23
C3B 3PH V . 0.40 29.70 42.41
C3C 3PH V . 1.44 30.44 41.59
C3D 3PH V . 1.06 30.47 40.11
C3E 3PH V . 2.31 30.49 39.26
C3F 3PH V . 3.11 29.21 39.44
C3G 3PH V . 2.34 28.04 38.85
C3H 3PH V . 3.03 27.53 37.59
C3I 3PH V . 4.42 27.04 37.89
#